data_6K2E
# 
_entry.id   6K2E 
# 
_audit_conform.dict_name       mmcif_pdbx.dic 
_audit_conform.dict_version    5.380 
_audit_conform.dict_location   http://mmcif.pdb.org/dictionaries/ascii/mmcif_pdbx.dic 
# 
loop_
_database_2.database_id 
_database_2.database_code 
_database_2.pdbx_database_accession 
_database_2.pdbx_DOI 
PDB   6K2E         pdb_00006k2e 10.2210/pdb6k2e/pdb 
WWPDB D_1300012184 ?            ?                   
# 
_pdbx_database_related.db_name        PDB 
_pdbx_database_related.details        . 
_pdbx_database_related.db_id          6JHZ 
_pdbx_database_related.content_type   unspecified 
# 
_pdbx_database_status.status_code                     REL 
_pdbx_database_status.status_code_sf                  REL 
_pdbx_database_status.status_code_mr                  ? 
_pdbx_database_status.entry_id                        6K2E 
_pdbx_database_status.recvd_initial_deposition_date   2019-05-14 
_pdbx_database_status.SG_entry                        N 
_pdbx_database_status.deposit_site                    PDBJ 
_pdbx_database_status.process_site                    PDBJ 
_pdbx_database_status.status_code_cs                  ? 
_pdbx_database_status.methods_development_category    ? 
_pdbx_database_status.pdb_format_compatible           Y 
_pdbx_database_status.status_code_nmr_data            ? 
# 
loop_
_audit_author.name 
_audit_author.pdbx_ordinal 
_audit_author.identifier_ORCID 
'Mo, X.'     1 0000-0001-9580-6178 
'Bi, M.'     2 ?                   
'Yuan, A.Y.' 3 ?                   
# 
_citation.abstract                  ? 
_citation.abstract_id_CAS           ? 
_citation.book_id_ISBN              ? 
_citation.book_publisher            ? 
_citation.book_publisher_city       ? 
_citation.book_title                ? 
_citation.coordinate_linkage        ? 
_citation.country                   ? 
_citation.database_id_Medline       ? 
_citation.details                   ? 
_citation.id                        primary 
_citation.journal_abbrev            'To be published' 
_citation.journal_id_ASTM           ? 
_citation.journal_id_CSD            0353 
_citation.journal_id_ISSN           ? 
_citation.journal_full              ? 
_citation.journal_issue             ? 
_citation.journal_volume            ? 
_citation.language                  ? 
_citation.page_first                ? 
_citation.page_last                 ? 
_citation.title                     'Structural insight into endonuclease CRISPR-associated Cas2 protein' 
_citation.year                      ? 
_citation.database_id_CSD           ? 
_citation.pdbx_database_id_DOI      ? 
_citation.pdbx_database_id_PubMed   ? 
_citation.unpublished_flag          ? 
# 
_citation_author.citation_id        primary 
_citation_author.name               'Mo, X.' 
_citation_author.ordinal            1 
_citation_author.identifier_ORCID   ? 
# 
_cell.angle_alpha                  90.00 
_cell.angle_alpha_esd              ? 
_cell.angle_beta                   90.00 
_cell.angle_beta_esd               ? 
_cell.angle_gamma                  120.00 
_cell.angle_gamma_esd              ? 
_cell.entry_id                     6K2E 
_cell.details                      ? 
_cell.formula_units_Z              ? 
_cell.length_a                     101.313 
_cell.length_a_esd                 ? 
_cell.length_b                     101.313 
_cell.length_b_esd                 ? 
_cell.length_c                     39.585 
_cell.length_c_esd                 ? 
_cell.volume                       ? 
_cell.volume_esd                   ? 
_cell.Z_PDB                        12 
_cell.reciprocal_angle_alpha       ? 
_cell.reciprocal_angle_beta        ? 
_cell.reciprocal_angle_gamma       ? 
_cell.reciprocal_angle_alpha_esd   ? 
_cell.reciprocal_angle_beta_esd    ? 
_cell.reciprocal_angle_gamma_esd   ? 
_cell.reciprocal_length_a          ? 
_cell.reciprocal_length_b          ? 
_cell.reciprocal_length_c          ? 
_cell.reciprocal_length_a_esd      ? 
_cell.reciprocal_length_b_esd      ? 
_cell.reciprocal_length_c_esd      ? 
_cell.pdbx_unique_axis             ? 
# 
_symmetry.entry_id                         6K2E 
_symmetry.cell_setting                     ? 
_symmetry.Int_Tables_number                171 
_symmetry.space_group_name_Hall            ? 
_symmetry.space_group_name_H-M             'P 62' 
_symmetry.pdbx_full_space_group_name_H-M   ? 
# 
loop_
_entity.id 
_entity.type 
_entity.src_method 
_entity.pdbx_description 
_entity.formula_weight 
_entity.pdbx_number_of_molecules 
_entity.pdbx_ec 
_entity.pdbx_mutation 
_entity.pdbx_fragment 
_entity.details 
1 polymer man 'CRISPR/cas2 protein' 10472.217 2 ? ? ? ? 
2 water   nat water                 18.015    1 ? ? ? ? 
# 
_entity_poly.entity_id                      1 
_entity_poly.type                           'polypeptide(L)' 
_entity_poly.nstd_linkage                   no 
_entity_poly.nstd_monomer                   no 
_entity_poly.pdbx_seq_one_letter_code       
;GSHMYVIVVYDVNVERVNRVHKLLKTYLFWRQNSVFEGELSKAQLYELEMRLKRIVKEDDSVLIYIFPGKNFDLHVVGRD
KSPVEMII
;
_entity_poly.pdbx_seq_one_letter_code_can   
;GSHMYVIVVYDVNVERVNRVHKLLKTYLFWRQNSVFEGELSKAQLYELEMRLKRIVKEDDSVLIYIFPGKNFDLHVVGRD
KSPVEMII
;
_entity_poly.pdbx_strand_id                 A,B 
_entity_poly.pdbx_target_identifier         ? 
# 
loop_
_entity_poly_seq.entity_id 
_entity_poly_seq.num 
_entity_poly_seq.mon_id 
_entity_poly_seq.hetero 
1 1  GLY n 
1 2  SER n 
1 3  HIS n 
1 4  MET n 
1 5  TYR n 
1 6  VAL n 
1 7  ILE n 
1 8  VAL n 
1 9  VAL n 
1 10 TYR n 
1 11 ASP n 
1 12 VAL n 
1 13 ASN n 
1 14 VAL n 
1 15 GLU n 
1 16 ARG n 
1 17 VAL n 
1 18 ASN n 
1 19 ARG n 
1 20 VAL n 
1 21 HIS n 
1 22 LYS n 
1 23 LEU n 
1 24 LEU n 
1 25 LYS n 
1 26 THR n 
1 27 TYR n 
1 28 LEU n 
1 29 PHE n 
1 30 TRP n 
1 31 ARG n 
1 32 GLN n 
1 33 ASN n 
1 34 SER n 
1 35 VAL n 
1 36 PHE n 
1 37 GLU n 
1 38 GLY n 
1 39 GLU n 
1 40 LEU n 
1 41 SER n 
1 42 LYS n 
1 43 ALA n 
1 44 GLN n 
1 45 LEU n 
1 46 TYR n 
1 47 GLU n 
1 48 LEU n 
1 49 GLU n 
1 50 MET n 
1 51 ARG n 
1 52 LEU n 
1 53 LYS n 
1 54 ARG n 
1 55 ILE n 
1 56 VAL n 
1 57 LYS n 
1 58 GLU n 
1 59 ASP n 
1 60 ASP n 
1 61 SER n 
1 62 VAL n 
1 63 LEU n 
1 64 ILE n 
1 65 TYR n 
1 66 ILE n 
1 67 PHE n 
1 68 PRO n 
1 69 GLY n 
1 70 LYS n 
1 71 ASN n 
1 72 PHE n 
1 73 ASP n 
1 74 LEU n 
1 75 HIS n 
1 76 VAL n 
1 77 VAL n 
1 78 GLY n 
1 79 ARG n 
1 80 ASP n 
1 81 LYS n 
1 82 SER n 
1 83 PRO n 
1 84 VAL n 
1 85 GLU n 
1 86 MET n 
1 87 ILE n 
1 88 ILE n 
# 
_entity_src_gen.entity_id                          1 
_entity_src_gen.pdbx_src_id                        1 
_entity_src_gen.pdbx_alt_source_flag               sample 
_entity_src_gen.pdbx_seq_type                      'Biological sequence' 
_entity_src_gen.pdbx_beg_seq_num                   1 
_entity_src_gen.pdbx_end_seq_num                   88 
_entity_src_gen.gene_src_common_name               ? 
_entity_src_gen.gene_src_genus                     ? 
_entity_src_gen.pdbx_gene_src_gene                 ? 
_entity_src_gen.gene_src_species                   ? 
_entity_src_gen.gene_src_strain                    ? 
_entity_src_gen.gene_src_tissue                    ? 
_entity_src_gen.gene_src_tissue_fraction           ? 
_entity_src_gen.gene_src_details                   ? 
_entity_src_gen.pdbx_gene_src_fragment             ? 
_entity_src_gen.pdbx_gene_src_scientific_name      'Pyrococcus horikoshii OT3' 
_entity_src_gen.pdbx_gene_src_ncbi_taxonomy_id     70601 
_entity_src_gen.pdbx_gene_src_variant              ? 
_entity_src_gen.pdbx_gene_src_cell_line            ? 
_entity_src_gen.pdbx_gene_src_atcc                 ? 
_entity_src_gen.pdbx_gene_src_organ                ? 
_entity_src_gen.pdbx_gene_src_organelle            ? 
_entity_src_gen.pdbx_gene_src_cell                 ? 
_entity_src_gen.pdbx_gene_src_cellular_location    ? 
_entity_src_gen.host_org_common_name               ? 
_entity_src_gen.pdbx_host_org_scientific_name      'Escherichia coli' 
_entity_src_gen.pdbx_host_org_ncbi_taxonomy_id     562 
_entity_src_gen.host_org_genus                     ? 
_entity_src_gen.pdbx_host_org_gene                 ? 
_entity_src_gen.pdbx_host_org_organ                ? 
_entity_src_gen.host_org_species                   ? 
_entity_src_gen.pdbx_host_org_tissue               ? 
_entity_src_gen.pdbx_host_org_tissue_fraction      ? 
_entity_src_gen.pdbx_host_org_strain               ? 
_entity_src_gen.pdbx_host_org_variant              ? 
_entity_src_gen.pdbx_host_org_cell_line            ? 
_entity_src_gen.pdbx_host_org_atcc                 ? 
_entity_src_gen.pdbx_host_org_culture_collection   ? 
_entity_src_gen.pdbx_host_org_cell                 ? 
_entity_src_gen.pdbx_host_org_organelle            ? 
_entity_src_gen.pdbx_host_org_cellular_location    ? 
_entity_src_gen.pdbx_host_org_vector_type          ? 
_entity_src_gen.pdbx_host_org_vector               ? 
_entity_src_gen.host_org_details                   ? 
_entity_src_gen.expression_system_id               ? 
_entity_src_gen.plasmid_name                       ? 
_entity_src_gen.plasmid_details                    ? 
_entity_src_gen.pdbx_description                   ? 
# 
_struct_ref.id                         1 
_struct_ref.db_name                    PDB 
_struct_ref.db_code                    6K2E 
_struct_ref.pdbx_db_accession          6K2E 
_struct_ref.pdbx_db_isoform            ? 
_struct_ref.entity_id                  1 
_struct_ref.pdbx_seq_one_letter_code   ? 
_struct_ref.pdbx_align_begin           1 
# 
loop_
_struct_ref_seq.align_id 
_struct_ref_seq.ref_id 
_struct_ref_seq.pdbx_PDB_id_code 
_struct_ref_seq.pdbx_strand_id 
_struct_ref_seq.seq_align_beg 
_struct_ref_seq.pdbx_seq_align_beg_ins_code 
_struct_ref_seq.seq_align_end 
_struct_ref_seq.pdbx_seq_align_end_ins_code 
_struct_ref_seq.pdbx_db_accession 
_struct_ref_seq.db_align_beg 
_struct_ref_seq.pdbx_db_align_beg_ins_code 
_struct_ref_seq.db_align_end 
_struct_ref_seq.pdbx_db_align_end_ins_code 
_struct_ref_seq.pdbx_auth_seq_align_beg 
_struct_ref_seq.pdbx_auth_seq_align_end 
1 1 6K2E A 1 ? 88 ? 6K2E -2 ? 85 ? -2 85 
2 1 6K2E B 1 ? 88 ? 6K2E -2 ? 85 ? -2 85 
# 
loop_
_chem_comp.id 
_chem_comp.type 
_chem_comp.mon_nstd_flag 
_chem_comp.name 
_chem_comp.pdbx_synonyms 
_chem_comp.formula 
_chem_comp.formula_weight 
ALA 'L-peptide linking' y ALANINE         ? 'C3 H7 N O2'     89.093  
ARG 'L-peptide linking' y ARGININE        ? 'C6 H15 N4 O2 1' 175.209 
ASN 'L-peptide linking' y ASPARAGINE      ? 'C4 H8 N2 O3'    132.118 
ASP 'L-peptide linking' y 'ASPARTIC ACID' ? 'C4 H7 N O4'     133.103 
GLN 'L-peptide linking' y GLUTAMINE       ? 'C5 H10 N2 O3'   146.144 
GLU 'L-peptide linking' y 'GLUTAMIC ACID' ? 'C5 H9 N O4'     147.129 
GLY 'peptide linking'   y GLYCINE         ? 'C2 H5 N O2'     75.067  
HIS 'L-peptide linking' y HISTIDINE       ? 'C6 H10 N3 O2 1' 156.162 
HOH non-polymer         . WATER           ? 'H2 O'           18.015  
ILE 'L-peptide linking' y ISOLEUCINE      ? 'C6 H13 N O2'    131.173 
LEU 'L-peptide linking' y LEUCINE         ? 'C6 H13 N O2'    131.173 
LYS 'L-peptide linking' y LYSINE          ? 'C6 H15 N2 O2 1' 147.195 
MET 'L-peptide linking' y METHIONINE      ? 'C5 H11 N O2 S'  149.211 
PHE 'L-peptide linking' y PHENYLALANINE   ? 'C9 H11 N O2'    165.189 
PRO 'L-peptide linking' y PROLINE         ? 'C5 H9 N O2'     115.130 
SER 'L-peptide linking' y SERINE          ? 'C3 H7 N O3'     105.093 
THR 'L-peptide linking' y THREONINE       ? 'C4 H9 N O3'     119.119 
TRP 'L-peptide linking' y TRYPTOPHAN      ? 'C11 H12 N2 O2'  204.225 
TYR 'L-peptide linking' y TYROSINE        ? 'C9 H11 N O3'    181.189 
VAL 'L-peptide linking' y VALINE          ? 'C5 H11 N O2'    117.146 
# 
_exptl.absorpt_coefficient_mu     ? 
_exptl.absorpt_correction_T_max   ? 
_exptl.absorpt_correction_T_min   ? 
_exptl.absorpt_correction_type    ? 
_exptl.absorpt_process_details    ? 
_exptl.entry_id                   6K2E 
_exptl.crystals_number            1 
_exptl.details                    ? 
_exptl.method                     'X-RAY DIFFRACTION' 
_exptl.method_details             ? 
# 
_exptl_crystal.colour                      ? 
_exptl_crystal.density_diffrn              ? 
_exptl_crystal.density_Matthews            2.80 
_exptl_crystal.density_method              ? 
_exptl_crystal.density_percent_sol         56.07 
_exptl_crystal.description                 ? 
_exptl_crystal.F_000                       ? 
_exptl_crystal.id                          1 
_exptl_crystal.preparation                 ? 
_exptl_crystal.size_max                    ? 
_exptl_crystal.size_mid                    ? 
_exptl_crystal.size_min                    ? 
_exptl_crystal.size_rad                    ? 
_exptl_crystal.colour_lustre               ? 
_exptl_crystal.colour_modifier             ? 
_exptl_crystal.colour_primary              ? 
_exptl_crystal.density_meas                ? 
_exptl_crystal.density_meas_esd            ? 
_exptl_crystal.density_meas_gt             ? 
_exptl_crystal.density_meas_lt             ? 
_exptl_crystal.density_meas_temp           ? 
_exptl_crystal.density_meas_temp_esd       ? 
_exptl_crystal.density_meas_temp_gt        ? 
_exptl_crystal.density_meas_temp_lt        ? 
_exptl_crystal.pdbx_crystal_image_url      ? 
_exptl_crystal.pdbx_crystal_image_format   ? 
_exptl_crystal.pdbx_mosaicity              ? 
_exptl_crystal.pdbx_mosaicity_esd          ? 
# 
_exptl_crystal_grow.apparatus       ? 
_exptl_crystal_grow.atmosphere      ? 
_exptl_crystal_grow.crystal_id      1 
_exptl_crystal_grow.details         ? 
_exptl_crystal_grow.method          'VAPOR DIFFUSION, HANGING DROP' 
_exptl_crystal_grow.method_ref      ? 
_exptl_crystal_grow.pH              ? 
_exptl_crystal_grow.pressure        ? 
_exptl_crystal_grow.pressure_esd    ? 
_exptl_crystal_grow.seeding         ? 
_exptl_crystal_grow.seeding_ref     ? 
_exptl_crystal_grow.temp            280 
_exptl_crystal_grow.temp_details    ? 
_exptl_crystal_grow.temp_esd        ? 
_exptl_crystal_grow.time            ? 
_exptl_crystal_grow.pdbx_details    '0.02M Magnesium, 16.5% v/v 2-propanol, 0.1M Sodium Cacodylate pH 6.6' 
_exptl_crystal_grow.pdbx_pH_range   ? 
# 
_diffrn.ambient_environment              ? 
_diffrn.ambient_temp                     100 
_diffrn.ambient_temp_details             ? 
_diffrn.ambient_temp_esd                 ? 
_diffrn.crystal_id                       1 
_diffrn.crystal_support                  ? 
_diffrn.crystal_treatment                ? 
_diffrn.details                          ? 
_diffrn.id                               1 
_diffrn.ambient_pressure                 ? 
_diffrn.ambient_pressure_esd             ? 
_diffrn.ambient_pressure_gt              ? 
_diffrn.ambient_pressure_lt              ? 
_diffrn.ambient_temp_gt                  ? 
_diffrn.ambient_temp_lt                  ? 
_diffrn.pdbx_serial_crystal_experiment   N 
# 
_diffrn_detector.details                      ? 
_diffrn_detector.detector                     'IMAGE PLATE' 
_diffrn_detector.diffrn_id                    1 
_diffrn_detector.type                         'RIGAKU RAXIS II' 
_diffrn_detector.area_resol_mean              ? 
_diffrn_detector.dtime                        ? 
_diffrn_detector.pdbx_frames_total            ? 
_diffrn_detector.pdbx_collection_time_total   ? 
_diffrn_detector.pdbx_collection_date         2019-05-14 
_diffrn_detector.pdbx_frequency               ? 
# 
_diffrn_radiation.collimation                      ? 
_diffrn_radiation.diffrn_id                        1 
_diffrn_radiation.filter_edge                      ? 
_diffrn_radiation.inhomogeneity                    ? 
_diffrn_radiation.monochromator                    ? 
_diffrn_radiation.polarisn_norm                    ? 
_diffrn_radiation.polarisn_ratio                   ? 
_diffrn_radiation.probe                            ? 
_diffrn_radiation.type                             ? 
_diffrn_radiation.xray_symbol                      ? 
_diffrn_radiation.wavelength_id                    1 
_diffrn_radiation.pdbx_monochromatic_or_laue_m_l   M 
_diffrn_radiation.pdbx_wavelength_list             ? 
_diffrn_radiation.pdbx_wavelength                  ? 
_diffrn_radiation.pdbx_diffrn_protocol             'SINGLE WAVELENGTH' 
_diffrn_radiation.pdbx_analyzer                    ? 
_diffrn_radiation.pdbx_scattering_type             x-ray 
# 
_diffrn_radiation_wavelength.id           1 
_diffrn_radiation_wavelength.wavelength   1.54 
_diffrn_radiation_wavelength.wt           1.0 
# 
_diffrn_source.current                     ? 
_diffrn_source.details                     ? 
_diffrn_source.diffrn_id                   1 
_diffrn_source.power                       ? 
_diffrn_source.size                        ? 
_diffrn_source.source                      'ROTATING ANODE' 
_diffrn_source.target                      ? 
_diffrn_source.type                        RIGAKU 
_diffrn_source.voltage                     ? 
_diffrn_source.take-off_angle              ? 
_diffrn_source.pdbx_wavelength_list        1.54 
_diffrn_source.pdbx_wavelength             ? 
_diffrn_source.pdbx_synchrotron_beamline   ? 
_diffrn_source.pdbx_synchrotron_site       ? 
# 
_reflns.B_iso_Wilson_estimate            ? 
_reflns.entry_id                         6K2E 
_reflns.data_reduction_details           ? 
_reflns.data_reduction_method            ? 
_reflns.d_resolution_high                2.8 
_reflns.d_resolution_low                 25.42 
_reflns.details                          ? 
_reflns.limit_h_max                      ? 
_reflns.limit_h_min                      ? 
_reflns.limit_k_max                      ? 
_reflns.limit_k_min                      ? 
_reflns.limit_l_max                      ? 
_reflns.limit_l_min                      ? 
_reflns.number_all                       ? 
_reflns.number_obs                       5885 
_reflns.observed_criterion               ? 
_reflns.observed_criterion_F_max         ? 
_reflns.observed_criterion_F_min         ? 
_reflns.observed_criterion_I_max         ? 
_reflns.observed_criterion_I_min         ? 
_reflns.observed_criterion_sigma_F       ? 
_reflns.observed_criterion_sigma_I       ? 
_reflns.percent_possible_obs             99.73 
_reflns.R_free_details                   ? 
_reflns.Rmerge_F_all                     ? 
_reflns.Rmerge_F_obs                     ? 
_reflns.Friedel_coverage                 ? 
_reflns.number_gt                        ? 
_reflns.threshold_expression             ? 
_reflns.pdbx_redundancy                  8 
_reflns.pdbx_Rmerge_I_obs                ? 
_reflns.pdbx_Rmerge_I_all                ? 
_reflns.pdbx_Rsym_value                  ? 
_reflns.pdbx_netI_over_av_sigmaI         ? 
_reflns.pdbx_netI_over_sigmaI            12 
_reflns.pdbx_res_netI_over_av_sigmaI_2   ? 
_reflns.pdbx_res_netI_over_sigmaI_2      ? 
_reflns.pdbx_chi_squared                 ? 
_reflns.pdbx_scaling_rejects             ? 
_reflns.pdbx_d_res_high_opt              ? 
_reflns.pdbx_d_res_low_opt               ? 
_reflns.pdbx_d_res_opt_method            ? 
_reflns.phase_calculation_details        ? 
_reflns.pdbx_Rrim_I_all                  ? 
_reflns.pdbx_Rpim_I_all                  ? 
_reflns.pdbx_d_opt                       ? 
_reflns.pdbx_number_measured_all         ? 
_reflns.pdbx_diffrn_id                   1 
_reflns.pdbx_ordinal                     1 
_reflns.pdbx_CC_half                     ? 
_reflns.pdbx_R_split                     ? 
# 
_reflns_shell.d_res_high                  2.8 
_reflns_shell.d_res_low                   2.9 
_reflns_shell.meanI_over_sigI_all         ? 
_reflns_shell.meanI_over_sigI_obs         ? 
_reflns_shell.number_measured_all         ? 
_reflns_shell.number_measured_obs         ? 
_reflns_shell.number_possible             ? 
_reflns_shell.number_unique_all           ? 
_reflns_shell.number_unique_obs           587 
_reflns_shell.percent_possible_all        ? 
_reflns_shell.percent_possible_obs        ? 
_reflns_shell.Rmerge_F_all                ? 
_reflns_shell.Rmerge_F_obs                ? 
_reflns_shell.Rmerge_I_all                ? 
_reflns_shell.Rmerge_I_obs                ? 
_reflns_shell.meanI_over_sigI_gt          ? 
_reflns_shell.meanI_over_uI_all           ? 
_reflns_shell.meanI_over_uI_gt            ? 
_reflns_shell.number_measured_gt          ? 
_reflns_shell.number_unique_gt            ? 
_reflns_shell.percent_possible_gt         ? 
_reflns_shell.Rmerge_F_gt                 ? 
_reflns_shell.Rmerge_I_gt                 ? 
_reflns_shell.pdbx_redundancy             ? 
_reflns_shell.pdbx_Rsym_value             ? 
_reflns_shell.pdbx_chi_squared            ? 
_reflns_shell.pdbx_netI_over_sigmaI_all   ? 
_reflns_shell.pdbx_netI_over_sigmaI_obs   ? 
_reflns_shell.pdbx_Rrim_I_all             ? 
_reflns_shell.pdbx_Rpim_I_all             ? 
_reflns_shell.pdbx_rejects                ? 
_reflns_shell.pdbx_ordinal                1 
_reflns_shell.pdbx_diffrn_id              1 
_reflns_shell.pdbx_CC_half                ? 
_reflns_shell.pdbx_R_split                ? 
# 
_refine.aniso_B[1][1]                            ? 
_refine.aniso_B[1][2]                            ? 
_refine.aniso_B[1][3]                            ? 
_refine.aniso_B[2][2]                            ? 
_refine.aniso_B[2][3]                            ? 
_refine.aniso_B[3][3]                            ? 
_refine.B_iso_max                                ? 
_refine.B_iso_mean                               ? 
_refine.B_iso_min                                ? 
_refine.correlation_coeff_Fo_to_Fc               ? 
_refine.correlation_coeff_Fo_to_Fc_free          ? 
_refine.details                                  ? 
_refine.diff_density_max                         ? 
_refine.diff_density_max_esd                     ? 
_refine.diff_density_min                         ? 
_refine.diff_density_min_esd                     ? 
_refine.diff_density_rms                         ? 
_refine.diff_density_rms_esd                     ? 
_refine.entry_id                                 6K2E 
_refine.pdbx_refine_id                           'X-RAY DIFFRACTION' 
_refine.ls_abs_structure_details                 ? 
_refine.ls_abs_structure_Flack                   ? 
_refine.ls_abs_structure_Flack_esd               ? 
_refine.ls_abs_structure_Rogers                  ? 
_refine.ls_abs_structure_Rogers_esd              ? 
_refine.ls_d_res_high                            2.800 
_refine.ls_d_res_low                             25.42 
_refine.ls_extinction_coef                       ? 
_refine.ls_extinction_coef_esd                   ? 
_refine.ls_extinction_expression                 ? 
_refine.ls_extinction_method                     ? 
_refine.ls_goodness_of_fit_all                   ? 
_refine.ls_goodness_of_fit_all_esd               ? 
_refine.ls_goodness_of_fit_obs                   ? 
_refine.ls_goodness_of_fit_obs_esd               ? 
_refine.ls_hydrogen_treatment                    ? 
_refine.ls_matrix_type                           ? 
_refine.ls_number_constraints                    ? 
_refine.ls_number_parameters                     ? 
_refine.ls_number_reflns_all                     ? 
_refine.ls_number_reflns_obs                     5884 
_refine.ls_number_reflns_R_free                  557 
_refine.ls_number_reflns_R_work                  ? 
_refine.ls_number_restraints                     ? 
_refine.ls_percent_reflns_obs                    99.86 
_refine.ls_percent_reflns_R_free                 9.47 
_refine.ls_R_factor_all                          ? 
_refine.ls_R_factor_obs                          0.2138 
_refine.ls_R_factor_R_free                       0.2682 
_refine.ls_R_factor_R_free_error                 ? 
_refine.ls_R_factor_R_free_error_details         ? 
_refine.ls_R_factor_R_work                       0.2080 
_refine.ls_R_Fsqd_factor_obs                     ? 
_refine.ls_R_I_factor_obs                        ? 
_refine.ls_redundancy_reflns_all                 ? 
_refine.ls_redundancy_reflns_obs                 ? 
_refine.ls_restrained_S_all                      ? 
_refine.ls_restrained_S_obs                      ? 
_refine.ls_shift_over_esd_max                    ? 
_refine.ls_shift_over_esd_mean                   ? 
_refine.ls_structure_factor_coef                 ? 
_refine.ls_weighting_details                     ? 
_refine.ls_weighting_scheme                      ? 
_refine.ls_wR_factor_all                         ? 
_refine.ls_wR_factor_obs                         ? 
_refine.ls_wR_factor_R_free                      ? 
_refine.ls_wR_factor_R_work                      ? 
_refine.occupancy_max                            ? 
_refine.occupancy_min                            ? 
_refine.solvent_model_details                    ? 
_refine.solvent_model_param_bsol                 ? 
_refine.solvent_model_param_ksol                 ? 
_refine.ls_R_factor_gt                           ? 
_refine.ls_goodness_of_fit_gt                    ? 
_refine.ls_goodness_of_fit_ref                   ? 
_refine.ls_shift_over_su_max                     ? 
_refine.ls_shift_over_su_max_lt                  ? 
_refine.ls_shift_over_su_mean                    ? 
_refine.ls_shift_over_su_mean_lt                 ? 
_refine.pdbx_ls_sigma_I                          ? 
_refine.pdbx_ls_sigma_F                          1.35 
_refine.pdbx_ls_sigma_Fsqd                       ? 
_refine.pdbx_data_cutoff_high_absF               ? 
_refine.pdbx_data_cutoff_high_rms_absF           ? 
_refine.pdbx_data_cutoff_low_absF                ? 
_refine.pdbx_isotropic_thermal_model             ? 
_refine.pdbx_ls_cross_valid_method               'FREE R-VALUE' 
_refine.pdbx_method_to_determine_struct          'MOLECULAR REPLACEMENT' 
_refine.pdbx_starting_model                      5G4D 
_refine.pdbx_stereochemistry_target_values       ? 
_refine.pdbx_R_Free_selection_details            ? 
_refine.pdbx_stereochem_target_val_spec_case     ? 
_refine.pdbx_overall_ESU_R                       ? 
_refine.pdbx_overall_ESU_R_Free                  ? 
_refine.pdbx_solvent_vdw_probe_radii             1.11 
_refine.pdbx_solvent_ion_probe_radii             ? 
_refine.pdbx_solvent_shrinkage_radii             0.90 
_refine.pdbx_real_space_R                        ? 
_refine.pdbx_density_correlation                 ? 
_refine.pdbx_pd_number_of_powder_patterns        ? 
_refine.pdbx_pd_number_of_points                 ? 
_refine.pdbx_pd_meas_number_of_points            ? 
_refine.pdbx_pd_proc_ls_prof_R_factor            ? 
_refine.pdbx_pd_proc_ls_prof_wR_factor           ? 
_refine.pdbx_pd_Marquardt_correlation_coeff      ? 
_refine.pdbx_pd_Fsqrd_R_factor                   ? 
_refine.pdbx_pd_ls_matrix_band_width             ? 
_refine.pdbx_overall_phase_error                 28.03 
_refine.pdbx_overall_SU_R_free_Cruickshank_DPI   ? 
_refine.pdbx_overall_SU_R_free_Blow_DPI          ? 
_refine.pdbx_overall_SU_R_Blow_DPI               ? 
_refine.pdbx_TLS_residual_ADP_flag               ? 
_refine.pdbx_diffrn_id                           1 
_refine.overall_SU_B                             ? 
_refine.overall_SU_ML                            0.47 
_refine.overall_SU_R_Cruickshank_DPI             ? 
_refine.overall_SU_R_free                        ? 
_refine.overall_FOM_free_R_set                   ? 
_refine.overall_FOM_work_R_set                   ? 
_refine.pdbx_average_fsc_overall                 ? 
_refine.pdbx_average_fsc_work                    ? 
_refine.pdbx_average_fsc_free                    ? 
# 
_refine_hist.pdbx_refine_id                   'X-RAY DIFFRACTION' 
_refine_hist.cycle_id                         LAST 
_refine_hist.pdbx_number_atoms_protein        1470 
_refine_hist.pdbx_number_atoms_nucleic_acid   0 
_refine_hist.pdbx_number_atoms_ligand         0 
_refine_hist.number_atoms_solvent             1 
_refine_hist.number_atoms_total               1471 
_refine_hist.d_res_high                       2.800 
_refine_hist.d_res_low                        25.42 
# 
loop_
_refine_ls_restr.pdbx_refine_id 
_refine_ls_restr.criterion 
_refine_ls_restr.dev_ideal 
_refine_ls_restr.dev_ideal_target 
_refine_ls_restr.number 
_refine_ls_restr.rejects 
_refine_ls_restr.type 
_refine_ls_restr.weight 
_refine_ls_restr.pdbx_restraint_function 
'X-RAY DIFFRACTION' ? 0.011 ? 1500 ? f_bond_d           ? ? 
'X-RAY DIFFRACTION' ? 1.252 ? 2021 ? f_angle_d          ? ? 
'X-RAY DIFFRACTION' ? 7.909 ? 905  ? f_dihedral_angle_d ? ? 
'X-RAY DIFFRACTION' ? 0.074 ? 226  ? f_chiral_restr     ? ? 
'X-RAY DIFFRACTION' ? 0.010 ? 251  ? f_plane_restr      ? ? 
# 
loop_
_refine_ls_shell.pdbx_refine_id 
_refine_ls_shell.d_res_high 
_refine_ls_shell.d_res_low 
_refine_ls_shell.number_reflns_all 
_refine_ls_shell.number_reflns_obs 
_refine_ls_shell.number_reflns_R_free 
_refine_ls_shell.number_reflns_R_work 
_refine_ls_shell.percent_reflns_obs 
_refine_ls_shell.percent_reflns_R_free 
_refine_ls_shell.R_factor_all 
_refine_ls_shell.R_factor_obs 
_refine_ls_shell.R_factor_R_free 
_refine_ls_shell.R_factor_R_free_error 
_refine_ls_shell.R_factor_R_work 
_refine_ls_shell.redundancy_reflns_all 
_refine_ls_shell.redundancy_reflns_obs 
_refine_ls_shell.wR_factor_all 
_refine_ls_shell.wR_factor_obs 
_refine_ls_shell.wR_factor_R_free 
_refine_ls_shell.wR_factor_R_work 
_refine_ls_shell.pdbx_total_number_of_bins_used 
_refine_ls_shell.pdbx_phase_error 
_refine_ls_shell.pdbx_fsc_work 
_refine_ls_shell.pdbx_fsc_free 
'X-RAY DIFFRACTION' 2.8001 3.0817  . . 158 1300 100.00 . . . 0.3649 . 0.2762 . . . . . . . . . . 
'X-RAY DIFFRACTION' 3.0817 3.5269  . . 154 1299 100.00 . . . 0.3164 . 0.2313 . . . . . . . . . . 
'X-RAY DIFFRACTION' 3.5269 4.4411  . . 122 1344 100.00 . . . 0.2404 . 0.1886 . . . . . . . . . . 
'X-RAY DIFFRACTION' 4.4411 29.3908 . . 123 1384 100.00 . . . 0.2189 . 0.1905 . . . . . . . . . . 
# 
_struct.entry_id                     6K2E 
_struct.title                        'Crystal structure of cas2' 
_struct.pdbx_model_details           ? 
_struct.pdbx_formula_weight          ? 
_struct.pdbx_formula_weight_method   ? 
_struct.pdbx_model_type_details      ? 
_struct.pdbx_CASP_flag               N 
# 
_struct_keywords.entry_id        6K2E 
_struct_keywords.text            'crispr, cas2, RNA BINDING PROTEIN' 
_struct_keywords.pdbx_keywords   'RNA BINDING PROTEIN' 
# 
loop_
_struct_asym.id 
_struct_asym.pdbx_blank_PDB_chainid_flag 
_struct_asym.pdbx_modified 
_struct_asym.entity_id 
_struct_asym.details 
A N N 1 ? 
B N N 1 ? 
C N N 2 ? 
# 
loop_
_struct_conf.conf_type_id 
_struct_conf.id 
_struct_conf.pdbx_PDB_helix_id 
_struct_conf.beg_label_comp_id 
_struct_conf.beg_label_asym_id 
_struct_conf.beg_label_seq_id 
_struct_conf.pdbx_beg_PDB_ins_code 
_struct_conf.end_label_comp_id 
_struct_conf.end_label_asym_id 
_struct_conf.end_label_seq_id 
_struct_conf.pdbx_end_PDB_ins_code 
_struct_conf.beg_auth_comp_id 
_struct_conf.beg_auth_asym_id 
_struct_conf.beg_auth_seq_id 
_struct_conf.end_auth_comp_id 
_struct_conf.end_auth_asym_id 
_struct_conf.end_auth_seq_id 
_struct_conf.pdbx_PDB_helix_class 
_struct_conf.details 
_struct_conf.pdbx_PDB_helix_length 
HELX_P HELX_P1 AA1 ASN A 13 ? GLU A 15 ? ASN A 10 GLU A 12 5 ? 3  
HELX_P HELX_P2 AA2 ARG A 16 ? LEU A 28 ? ARG A 13 LEU A 25 1 ? 13 
HELX_P HELX_P3 AA3 LYS A 42 ? VAL A 56 ? LYS A 39 VAL A 53 1 ? 15 
HELX_P HELX_P4 AA4 ARG B 16 ? LEU B 28 ? ARG B 13 LEU B 25 1 ? 13 
HELX_P HELX_P5 AA5 LYS B 42 ? ARG B 54 ? LYS B 39 ARG B 51 1 ? 13 
# 
_struct_conf_type.id          HELX_P 
_struct_conf_type.criteria    ? 
_struct_conf_type.reference   ? 
# 
loop_
_struct_sheet.id 
_struct_sheet.type 
_struct_sheet.number_strands 
_struct_sheet.details 
AA1 ? 5 ? 
AA2 ? 5 ? 
# 
loop_
_struct_sheet_order.sheet_id 
_struct_sheet_order.range_id_1 
_struct_sheet_order.range_id_2 
_struct_sheet_order.offset 
_struct_sheet_order.sense 
AA1 1 2 ? anti-parallel 
AA1 2 3 ? anti-parallel 
AA1 3 4 ? anti-parallel 
AA1 4 5 ? anti-parallel 
AA2 1 2 ? anti-parallel 
AA2 2 3 ? anti-parallel 
AA2 3 4 ? anti-parallel 
AA2 4 5 ? anti-parallel 
# 
loop_
_struct_sheet_range.sheet_id 
_struct_sheet_range.id 
_struct_sheet_range.beg_label_comp_id 
_struct_sheet_range.beg_label_asym_id 
_struct_sheet_range.beg_label_seq_id 
_struct_sheet_range.pdbx_beg_PDB_ins_code 
_struct_sheet_range.end_label_comp_id 
_struct_sheet_range.end_label_asym_id 
_struct_sheet_range.end_label_seq_id 
_struct_sheet_range.pdbx_end_PDB_ins_code 
_struct_sheet_range.beg_auth_comp_id 
_struct_sheet_range.beg_auth_asym_id 
_struct_sheet_range.beg_auth_seq_id 
_struct_sheet_range.end_auth_comp_id 
_struct_sheet_range.end_auth_asym_id 
_struct_sheet_range.end_auth_seq_id 
AA1 1 PHE A 29 ? GLN A 32 ? PHE A 26 GLN A 29 
AA1 2 VAL A 35 ? SER A 41 ? VAL A 32 SER A 38 
AA1 3 HIS A 3  ? ASP A 11 ? HIS A 0  ASP A 8  
AA1 4 SER A 61 ? PHE A 67 ? SER A 58 PHE A 64 
AA1 5 ASP B 73 ? GLY B 78 ? ASP B 70 GLY B 75 
AA2 1 ASP A 73 ? GLY A 78 ? ASP A 70 GLY A 75 
AA2 2 SER B 61 ? PHE B 67 ? SER B 58 PHE B 64 
AA2 3 HIS B 3  ? ASP B 11 ? HIS B 0  ASP B 8  
AA2 4 VAL B 35 ? SER B 41 ? VAL B 32 SER B 38 
AA2 5 PHE B 29 ? GLN B 32 ? PHE B 26 GLN B 29 
# 
loop_
_pdbx_struct_sheet_hbond.sheet_id 
_pdbx_struct_sheet_hbond.range_id_1 
_pdbx_struct_sheet_hbond.range_id_2 
_pdbx_struct_sheet_hbond.range_1_label_atom_id 
_pdbx_struct_sheet_hbond.range_1_label_comp_id 
_pdbx_struct_sheet_hbond.range_1_label_asym_id 
_pdbx_struct_sheet_hbond.range_1_label_seq_id 
_pdbx_struct_sheet_hbond.range_1_PDB_ins_code 
_pdbx_struct_sheet_hbond.range_1_auth_atom_id 
_pdbx_struct_sheet_hbond.range_1_auth_comp_id 
_pdbx_struct_sheet_hbond.range_1_auth_asym_id 
_pdbx_struct_sheet_hbond.range_1_auth_seq_id 
_pdbx_struct_sheet_hbond.range_2_label_atom_id 
_pdbx_struct_sheet_hbond.range_2_label_comp_id 
_pdbx_struct_sheet_hbond.range_2_label_asym_id 
_pdbx_struct_sheet_hbond.range_2_label_seq_id 
_pdbx_struct_sheet_hbond.range_2_PDB_ins_code 
_pdbx_struct_sheet_hbond.range_2_auth_atom_id 
_pdbx_struct_sheet_hbond.range_2_auth_comp_id 
_pdbx_struct_sheet_hbond.range_2_auth_asym_id 
_pdbx_struct_sheet_hbond.range_2_auth_seq_id 
AA1 1 2 N GLN A 32 ? N GLN A 29 O VAL A 35 ? O VAL A 32 
AA1 2 3 O PHE A 36 ? O PHE A 33 N VAL A 8  ? N VAL A 5  
AA1 3 4 N VAL A 9  ? N VAL A 6  O LEU A 63 ? O LEU A 60 
AA1 4 5 N VAL A 62 ? N VAL A 59 O VAL B 77 ? O VAL B 74 
AA2 1 2 N ASP A 73 ? N ASP A 70 O ILE B 66 ? O ILE B 63 
AA2 2 3 O SER B 61 ? O SER B 58 N ASP B 11 ? N ASP B 8  
AA2 3 4 N VAL B 8  ? N VAL B 5  O PHE B 36 ? O PHE B 33 
AA2 4 5 O VAL B 35 ? O VAL B 32 N GLN B 32 ? N GLN B 29 
# 
_atom_sites.entry_id                    6K2E 
_atom_sites.fract_transf_matrix[1][1]   0.00399137 
_atom_sites.fract_transf_matrix[1][2]   -0.01031437 
_atom_sites.fract_transf_matrix[1][3]   -0.00275286 
_atom_sites.fract_transf_matrix[2][1]   0.00791677 
_atom_sites.fract_transf_matrix[2][2]   -0.00497322 
_atom_sites.fract_transf_matrix[2][3]   0.00651793 
_atom_sites.fract_transf_matrix[3][1]   -0.01817230 
_atom_sites.fract_transf_matrix[3][2]   -0.01073672 
_atom_sites.fract_transf_matrix[3][3]   0.01388016 
_atom_sites.fract_transf_vector[1]      0.355990 
_atom_sites.fract_transf_vector[2]      0.012511 
_atom_sites.fract_transf_vector[3]      0.264284 
# 
loop_
_atom_type.symbol 
C 
N 
O 
S 
# 
loop_
_atom_site.group_PDB 
_atom_site.id 
_atom_site.type_symbol 
_atom_site.label_atom_id 
_atom_site.label_alt_id 
_atom_site.label_comp_id 
_atom_site.label_asym_id 
_atom_site.label_entity_id 
_atom_site.label_seq_id 
_atom_site.pdbx_PDB_ins_code 
_atom_site.Cartn_x 
_atom_site.Cartn_y 
_atom_site.Cartn_z 
_atom_site.occupancy 
_atom_site.B_iso_or_equiv 
_atom_site.pdbx_formal_charge 
_atom_site.auth_seq_id 
_atom_site.auth_comp_id 
_atom_site.auth_asym_id 
_atom_site.auth_atom_id 
_atom_site.pdbx_PDB_model_num 
ATOM   1    N N   . GLY A 1 1  ? 15.629  8.778   19.735  1.00 70.16 ? -2  GLY A N   1 
ATOM   2    C CA  . GLY A 1 1  ? 15.634  8.706   18.281  1.00 67.62 ? -2  GLY A CA  1 
ATOM   3    C C   . GLY A 1 1  ? 14.349  9.174   17.629  1.00 65.18 ? -2  GLY A C   1 
ATOM   4    O O   . GLY A 1 1  ? 13.271  8.989   18.195  1.00 68.97 ? -2  GLY A O   1 
ATOM   5    N N   . SER A 1 2  ? 14.449  9.790   16.448  1.00 61.41 ? -1  SER A N   1 
ATOM   6    C CA  . SER A 1 2  ? 13.257  10.209  15.717  1.00 57.04 ? -1  SER A CA  1 
ATOM   7    C C   . SER A 1 2  ? 12.626  9.004   15.034  1.00 60.78 ? -1  SER A C   1 
ATOM   8    O O   . SER A 1 2  ? 13.314  8.203   14.389  1.00 51.25 ? -1  SER A O   1 
ATOM   9    C CB  . SER A 1 2  ? 13.575  11.283  14.679  1.00 62.05 ? -1  SER A CB  1 
ATOM   10   O OG  . SER A 1 2  ? 12.395  11.648  13.973  1.00 64.51 ? -1  SER A OG  1 
ATOM   11   N N   . HIS A 1 3  ? 11.311  8.893   15.158  1.00 57.12 ? 0   HIS A N   1 
ATOM   12   C CA  . HIS A 1 3  ? 10.591  7.729   14.685  1.00 44.18 ? 0   HIS A CA  1 
ATOM   13   C C   . HIS A 1 3  ? 9.575   8.078   13.605  1.00 47.93 ? 0   HIS A C   1 
ATOM   14   O O   . HIS A 1 3  ? 9.015   9.184   13.571  1.00 51.10 ? 0   HIS A O   1 
ATOM   15   C CB  . HIS A 1 3  ? 9.932   7.013   15.855  1.00 38.39 ? 0   HIS A CB  1 
ATOM   16   C CG  . HIS A 1 3  ? 10.761  5.889   16.370  1.00 37.95 ? 0   HIS A CG  1 
ATOM   17   N ND1 . HIS A 1 3  ? 12.048  6.074   16.817  1.00 41.54 ? 0   HIS A ND1 1 
ATOM   18   C CD2 . HIS A 1 3  ? 10.535  4.556   16.407  1.00 36.77 ? 0   HIS A CD2 1 
ATOM   19   C CE1 . HIS A 1 3  ? 12.563  4.906   17.155  1.00 48.47 ? 0   HIS A CE1 1 
ATOM   20   N NE2 . HIS A 1 3  ? 11.667  3.968   16.911  1.00 37.10 ? 0   HIS A NE2 1 
ATOM   21   N N   . MET A 1 4  ? 9.391   7.126   12.692  1.00 38.11 ? 1   MET A N   1 
ATOM   22   C CA  . MET A 1 4  ? 8.446   7.247   11.593  1.00 43.09 ? 1   MET A CA  1 
ATOM   23   C C   . MET A 1 4  ? 7.564   6.010   11.551  1.00 32.74 ? 1   MET A C   1 
ATOM   24   O O   . MET A 1 4  ? 7.870   4.987   12.164  1.00 32.23 ? 1   MET A O   1 
ATOM   25   C CB  . MET A 1 4  ? 9.133   7.412   10.228  1.00 43.23 ? 1   MET A CB  1 
ATOM   26   C CG  . MET A 1 4  ? 9.661   8.812   9.919   1.00 49.56 ? 1   MET A CG  1 
ATOM   27   S SD  . MET A 1 4  ? 11.367  9.011   10.383  1.00 69.74 ? 1   MET A SD  1 
ATOM   28   C CE  . MET A 1 4  ? 12.022  7.509   9.649   1.00 47.95 ? 1   MET A CE  1 
ATOM   29   N N   . TYR A 1 5  ? 6.430   6.132   10.867  1.00 28.68 ? 2   TYR A N   1 
ATOM   30   C CA  . TYR A 1 5  ? 5.603   4.982   10.523  1.00 28.28 ? 2   TYR A CA  1 
ATOM   31   C C   . TYR A 1 5  ? 5.698   4.712   9.023   1.00 25.67 ? 2   TYR A C   1 
ATOM   32   O O   . TYR A 1 5  ? 5.693   5.650   8.224   1.00 25.42 ? 2   TYR A O   1 
ATOM   33   C CB  . TYR A 1 5  ? 4.143   5.214   10.939  1.00 26.20 ? 2   TYR A CB  1 
ATOM   34   C CG  . TYR A 1 5  ? 3.345   3.942   11.059  1.00 26.09 ? 2   TYR A CG  1 
ATOM   35   C CD1 . TYR A 1 5  ? 2.598   3.444   9.983   1.00 26.45 ? 2   TYR A CD1 1 
ATOM   36   C CD2 . TYR A 1 5  ? 3.345   3.228   12.235  1.00 24.90 ? 2   TYR A CD2 1 
ATOM   37   C CE1 . TYR A 1 5  ? 1.878   2.259   10.100  1.00 23.33 ? 2   TYR A CE1 1 
ATOM   38   C CE2 . TYR A 1 5  ? 2.617   2.052   12.361  1.00 23.89 ? 2   TYR A CE2 1 
ATOM   39   C CZ  . TYR A 1 5  ? 1.903   1.571   11.298  1.00 22.95 ? 2   TYR A CZ  1 
ATOM   40   O OH  . TYR A 1 5  ? 1.207   0.407   11.462  1.00 23.59 ? 2   TYR A OH  1 
ATOM   41   N N   . VAL A 1 6  ? 5.754   3.433   8.630   1.00 23.52 ? 3   VAL A N   1 
ATOM   42   C CA  . VAL A 1 6  ? 5.869   3.103   7.210   1.00 25.42 ? 3   VAL A CA  1 
ATOM   43   C C   . VAL A 1 6  ? 4.792   2.111   6.791   1.00 23.31 ? 3   VAL A C   1 
ATOM   44   O O   . VAL A 1 6  ? 4.335   1.289   7.588   1.00 23.19 ? 3   VAL A O   1 
ATOM   45   C CB  . VAL A 1 6  ? 7.261   2.552   6.822   1.00 22.76 ? 3   VAL A CB  1 
ATOM   46   C CG1 . VAL A 1 6  ? 8.294   3.658   6.835   1.00 20.13 ? 3   VAL A CG1 1 
ATOM   47   C CG2 . VAL A 1 6  ? 7.665   1.430   7.727   1.00 28.16 ? 3   VAL A CG2 1 
ATOM   48   N N   . ILE A 1 7  ? 4.383   2.203   5.522   1.00 22.18 ? 4   ILE A N   1 
ATOM   49   C CA  . ILE A 1 7  ? 3.543   1.204   4.858   1.00 21.25 ? 4   ILE A CA  1 
ATOM   50   C C   . ILE A 1 7  ? 4.290   0.774   3.609   1.00 18.74 ? 4   ILE A C   1 
ATOM   51   O O   . ILE A 1 7  ? 4.674   1.621   2.797   1.00 21.14 ? 4   ILE A O   1 
ATOM   52   C CB  . ILE A 1 7  ? 2.149   1.733   4.470   1.00 21.35 ? 4   ILE A CB  1 
ATOM   53   C CG1 . ILE A 1 7  ? 1.350   2.191   5.671   1.00 20.58 ? 4   ILE A CG1 1 
ATOM   54   C CG2 . ILE A 1 7  ? 1.334   0.653   3.766   1.00 17.55 ? 4   ILE A CG2 1 
ATOM   55   C CD1 . ILE A 1 7  ? 0.054   2.873   5.246   1.00 22.69 ? 4   ILE A CD1 1 
ATOM   56   N N   . VAL A 1 8  ? 4.553   -0.522  3.488   1.00 18.02 ? 5   VAL A N   1 
ATOM   57   C CA  . VAL A 1 8  ? 5.382   -1.086  2.423   1.00 18.62 ? 5   VAL A CA  1 
ATOM   58   C C   . VAL A 1 8  ? 4.529   -2.003  1.560   1.00 18.94 ? 5   VAL A C   1 
ATOM   59   O O   . VAL A 1 8  ? 3.913   -2.947  2.069   1.00 16.32 ? 5   VAL A O   1 
ATOM   60   C CB  . VAL A 1 8  ? 6.603   -1.838  2.976   1.00 21.10 ? 5   VAL A CB  1 
ATOM   61   C CG1 . VAL A 1 8  ? 7.247   -2.670  1.901   1.00 17.71 ? 5   VAL A CG1 1 
ATOM   62   C CG2 . VAL A 1 8  ? 7.603   -0.849  3.547   1.00 23.36 ? 5   VAL A CG2 1 
ATOM   63   N N   . VAL A 1 9  ? 4.467   -1.710  0.263   1.00 17.71 ? 6   VAL A N   1 
ATOM   64   C CA  . VAL A 1 9  ? 3.830   -2.582  -0.719  1.00 18.10 ? 6   VAL A CA  1 
ATOM   65   C C   . VAL A 1 9  ? 4.899   -3.011  -1.708  1.00 18.61 ? 6   VAL A C   1 
ATOM   66   O O   . VAL A 1 9  ? 5.532   -2.155  -2.339  1.00 18.75 ? 6   VAL A O   1 
ATOM   67   C CB  . VAL A 1 9  ? 2.671   -1.883  -1.448  1.00 15.19 ? 6   VAL A CB  1 
ATOM   68   C CG1 . VAL A 1 9  ? 1.814   -2.895  -2.113  1.00 13.14 ? 6   VAL A CG1 1 
ATOM   69   C CG2 . VAL A 1 9  ? 1.843   -1.023  -0.492  1.00 14.64 ? 6   VAL A CG2 1 
ATOM   70   N N   . TYR A 1 10 ? 5.122   -4.324  -1.835  1.00 15.45 ? 7   TYR A N   1 
ATOM   71   C CA  . TYR A 1 10 ? 6.118   -4.807  -2.790  1.00 19.97 ? 7   TYR A CA  1 
ATOM   72   C C   . TYR A 1 10 ? 5.470   -5.500  -3.975  1.00 20.47 ? 7   TYR A C   1 
ATOM   73   O O   . TYR A 1 10 ? 4.374   -6.050  -3.890  1.00 23.16 ? 7   TYR A O   1 
ATOM   74   C CB  . TYR A 1 10 ? 7.157   -5.763  -2.177  1.00 20.31 ? 7   TYR A CB  1 
ATOM   75   C CG  . TYR A 1 10 ? 6.650   -7.110  -1.716  1.00 18.77 ? 7   TYR A CG  1 
ATOM   76   C CD1 . TYR A 1 10 ? 6.727   -8.231  -2.527  1.00 22.34 ? 7   TYR A CD1 1 
ATOM   77   C CD2 . TYR A 1 10 ? 6.134   -7.261  -0.452  1.00 20.02 ? 7   TYR A CD2 1 
ATOM   78   C CE1 . TYR A 1 10 ? 6.263   -9.459  -2.082  1.00 25.39 ? 7   TYR A CE1 1 
ATOM   79   C CE2 . TYR A 1 10 ? 5.699   -8.461  -0.004  1.00 21.12 ? 7   TYR A CE2 1 
ATOM   80   C CZ  . TYR A 1 10 ? 5.751   -9.558  -0.812  1.00 23.04 ? 7   TYR A CZ  1 
ATOM   81   O OH  . TYR A 1 10 ? 5.289   -10.761 -0.323  1.00 32.93 ? 7   TYR A OH  1 
ATOM   82   N N   . ASP A 1 11 ? 6.165   -5.440  -5.085  1.00 20.12 ? 8   ASP A N   1 
ATOM   83   C CA  . ASP A 1 11 ? 5.781   -6.134  -6.298  1.00 17.27 ? 8   ASP A CA  1 
ATOM   84   C C   . ASP A 1 11 ? 7.087   -6.644  -6.902  1.00 21.45 ? 8   ASP A C   1 
ATOM   85   O O   . ASP A 1 11 ? 7.848   -5.874  -7.490  1.00 21.77 ? 8   ASP A O   1 
ATOM   86   C CB  . ASP A 1 11 ? 5.015   -5.215  -7.217  1.00 21.74 ? 8   ASP A CB  1 
ATOM   87   C CG  . ASP A 1 11 ? 4.577   -5.902  -8.463  1.00 30.51 ? 8   ASP A CG  1 
ATOM   88   O OD1 . ASP A 1 11 ? 3.641   -6.724  -8.369  1.00 28.58 ? 8   ASP A OD1 1 
ATOM   89   O OD2 . ASP A 1 11 ? 5.179   -5.624  -9.527  1.00 34.30 ? 8   ASP A OD2 1 
ATOM   90   N N   . VAL A 1 12 ? 7.428   -7.896  -6.597  1.00 22.36 ? 9   VAL A N   1 
ATOM   91   C CA  . VAL A 1 12 ? 8.678   -8.502  -7.025  1.00 21.20 ? 9   VAL A CA  1 
ATOM   92   C C   . VAL A 1 12 ? 8.351   -9.806  -7.735  1.00 25.75 ? 9   VAL A C   1 
ATOM   93   O O   . VAL A 1 12 ? 7.272   -10.380 -7.562  1.00 23.79 ? 9   VAL A O   1 
ATOM   94   C CB  . VAL A 1 12 ? 9.697   -8.731  -5.878  1.00 23.79 ? 9   VAL A CB  1 
ATOM   95   C CG1 . VAL A 1 12 ? 9.916   -7.455  -5.079  1.00 24.66 ? 9   VAL A CG1 1 
ATOM   96   C CG2 . VAL A 1 12 ? 9.308   -9.880  -4.979  1.00 23.38 ? 9   VAL A CG2 1 
ATOM   97   N N   . ASN A 1 13 ? 9.304   -10.256 -8.557  1.00 26.52 ? 10  ASN A N   1 
ATOM   98   C CA  . ASN A 1 13 ? 9.209   -11.534 -9.258  1.00 24.84 ? 10  ASN A CA  1 
ATOM   99   C C   . ASN A 1 13 ? 9.092   -12.706 -8.277  1.00 27.48 ? 10  ASN A C   1 
ATOM   100  O O   . ASN A 1 13 ? 9.536   -12.632 -7.127  1.00 29.87 ? 10  ASN A O   1 
ATOM   101  C CB  . ASN A 1 13 ? 10.449  -11.700 -10.139 1.00 31.09 ? 10  ASN A CB  1 
ATOM   102  C CG  . ASN A 1 13 ? 10.376  -12.902 -11.041 1.00 34.09 ? 10  ASN A CG  1 
ATOM   103  O OD1 . ASN A 1 13 ? 10.867  -13.991 -10.700 1.00 28.54 ? 10  ASN A OD1 1 
ATOM   104  N ND2 . ASN A 1 13 ? 9.745   -12.723 -12.191 1.00 35.36 ? 10  ASN A ND2 1 
ATOM   105  N N   . VAL A 1 14 ? 8.475   -13.796 -8.741  1.00 26.20 ? 11  VAL A N   1 
ATOM   106  C CA  . VAL A 1 14 ? 8.137   -14.906 -7.862  1.00 22.26 ? 11  VAL A CA  1 
ATOM   107  C C   . VAL A 1 14 ? 9.374   -15.635 -7.338  1.00 25.66 ? 11  VAL A C   1 
ATOM   108  O O   . VAL A 1 14 ? 9.336   -16.177 -6.226  1.00 24.14 ? 11  VAL A O   1 
ATOM   109  C CB  . VAL A 1 14 ? 7.170   -15.851 -8.620  1.00 21.78 ? 11  VAL A CB  1 
ATOM   110  C CG1 . VAL A 1 14 ? 7.864   -16.598 -9.750  1.00 20.78 ? 11  VAL A CG1 1 
ATOM   111  C CG2 . VAL A 1 14 ? 6.487   -16.833 -7.687  1.00 23.49 ? 11  VAL A CG2 1 
ATOM   112  N N   . GLU A 1 15 ? 10.507  -15.554 -8.048  1.00 29.37 ? 12  GLU A N   1 
ATOM   113  C CA  . GLU A 1 15 ? 11.753  -16.150 -7.557  1.00 29.06 ? 12  GLU A CA  1 
ATOM   114  C C   . GLU A 1 15 ? 12.298  -15.396 -6.347  1.00 30.96 ? 12  GLU A C   1 
ATOM   115  O O   . GLU A 1 15 ? 13.066  -15.966 -5.563  1.00 29.75 ? 12  GLU A O   1 
ATOM   116  C CB  . GLU A 1 15 ? 12.808  -16.209 -8.664  1.00 32.00 ? 12  GLU A CB  1 
ATOM   117  C CG  . GLU A 1 15 ? 12.470  -17.112 -9.847  1.00 33.00 ? 12  GLU A CG  1 
ATOM   118  C CD  . GLU A 1 15 ? 13.199  -18.465 -9.844  1.00 34.46 ? 12  GLU A CD  1 
ATOM   119  O OE1 . GLU A 1 15 ? 12.696  -19.427 -9.233  1.00 35.29 ? 12  GLU A OE1 1 
ATOM   120  O OE2 . GLU A 1 15 ? 14.276  -18.576 -10.465 1.00 38.22 ? 12  GLU A OE2 1 
ATOM   121  N N   . ARG A 1 16 ? 11.925  -14.121 -6.188  1.00 25.98 ? 13  ARG A N   1 
ATOM   122  C CA  . ARG A 1 16 ? 12.418  -13.273 -5.114  1.00 24.91 ? 13  ARG A CA  1 
ATOM   123  C C   . ARG A 1 16 ? 11.387  -12.975 -4.035  1.00 26.18 ? 13  ARG A C   1 
ATOM   124  O O   . ARG A 1 16 ? 11.714  -12.243 -3.093  1.00 28.68 ? 13  ARG A O   1 
ATOM   125  C CB  . ARG A 1 16 ? 12.919  -11.949 -5.681  1.00 23.55 ? 13  ARG A CB  1 
ATOM   126  C CG  . ARG A 1 16 ? 14.185  -12.073 -6.467  1.00 28.00 ? 13  ARG A CG  1 
ATOM   127  C CD  . ARG A 1 16 ? 14.284  -11.012 -7.514  1.00 23.16 ? 13  ARG A CD  1 
ATOM   128  N NE  . ARG A 1 16 ? 14.675  -11.586 -8.786  1.00 33.07 ? 13  ARG A NE  1 
ATOM   129  C CZ  . ARG A 1 16 ? 14.334  -11.079 -9.957  1.00 38.47 ? 13  ARG A CZ  1 
ATOM   130  N NH1 . ARG A 1 16 ? 13.595  -9.989  -9.995  1.00 35.82 ? 13  ARG A NH1 1 
ATOM   131  N NH2 . ARG A 1 16 ? 14.738  -11.658 -11.085 1.00 49.36 ? 13  ARG A NH2 1 
ATOM   132  N N   . VAL A 1 17 ? 10.186  -13.568 -4.106  1.00 23.10 ? 14  VAL A N   1 
ATOM   133  C CA  . VAL A 1 17 ? 9.087   -13.189 -3.209  1.00 24.22 ? 14  VAL A CA  1 
ATOM   134  C C   . VAL A 1 17 ? 9.377   -13.615 -1.776  1.00 24.98 ? 14  VAL A C   1 
ATOM   135  O O   . VAL A 1 17 ? 9.058   -12.888 -0.825  1.00 26.84 ? 14  VAL A O   1 
ATOM   136  C CB  . VAL A 1 17 ? 7.756   -13.785 -3.728  1.00 24.93 ? 14  VAL A CB  1 
ATOM   137  C CG1 . VAL A 1 17 ? 6.714   -14.073 -2.614  1.00 19.68 ? 14  VAL A CG1 1 
ATOM   138  C CG2 . VAL A 1 17 ? 7.160   -12.874 -4.752  1.00 26.25 ? 14  VAL A CG2 1 
ATOM   139  N N   . ASN A 1 18 ? 10.071  -14.728 -1.597  1.00 25.68 ? 15  ASN A N   1 
ATOM   140  C CA  . ASN A 1 18 ? 10.337  -15.175 -0.245  1.00 26.68 ? 15  ASN A CA  1 
ATOM   141  C C   . ASN A 1 18 ? 11.441  -14.378 0.430   1.00 28.41 ? 15  ASN A C   1 
ATOM   142  O O   . ASN A 1 18 ? 11.351  -14.106 1.635   1.00 24.27 ? 15  ASN A O   1 
ATOM   143  C CB  . ASN A 1 18 ? 10.709  -16.639 -0.252  1.00 30.85 ? 15  ASN A CB  1 
ATOM   144  C CG  . ASN A 1 18 ? 10.228  -17.329 0.969   1.00 43.31 ? 15  ASN A CG  1 
ATOM   145  O OD1 . ASN A 1 18 ? 11.025  -17.789 1.793   1.00 42.27 ? 15  ASN A OD1 1 
ATOM   146  N ND2 . ASN A 1 18 ? 8.902   -17.379 1.128   1.00 45.02 ? 15  ASN A ND2 1 
ATOM   147  N N   . ARG A 1 19 ? 12.416  -13.905 -0.344  1.00 26.85 ? 16  ARG A N   1 
ATOM   148  C CA  . ARG A 1 19 ? 13.474  -13.113 0.248   1.00 25.63 ? 16  ARG A CA  1 
ATOM   149  C C   . ARG A 1 19 ? 12.975  -11.732 0.638   1.00 26.79 ? 16  ARG A C   1 
ATOM   150  O O   . ARG A 1 19 ? 13.318  -11.249 1.721   1.00 27.48 ? 16  ARG A O   1 
ATOM   151  C CB  . ARG A 1 19 ? 14.629  -12.961 -0.745  1.00 26.13 ? 16  ARG A CB  1 
ATOM   152  C CG  . ARG A 1 19 ? 15.256  -14.246 -1.219  1.00 34.00 ? 16  ARG A CG  1 
ATOM   153  C CD  . ARG A 1 19 ? 16.320  -13.979 -2.280  1.00 30.55 ? 16  ARG A CD  1 
ATOM   154  N NE  . ARG A 1 19 ? 17.447  -13.268 -1.686  1.00 42.56 ? 16  ARG A NE  1 
ATOM   155  C CZ  . ARG A 1 19 ? 18.282  -12.474 -2.356  1.00 49.09 ? 16  ARG A CZ  1 
ATOM   156  N NH1 . ARG A 1 19 ? 18.135  -12.284 -3.674  1.00 41.75 ? 16  ARG A NH1 1 
ATOM   157  N NH2 . ARG A 1 19 ? 19.273  -11.874 -1.697  1.00 44.83 ? 16  ARG A NH2 1 
ATOM   158  N N   . VAL A 1 20 ? 12.048  -11.164 -0.140  1.00 24.84 ? 17  VAL A N   1 
ATOM   159  C CA  . VAL A 1 20 ? 11.479  -9.865  0.204   1.00 24.45 ? 17  VAL A CA  1 
ATOM   160  C C   . VAL A 1 20 ? 10.547  -9.992  1.406   1.00 24.36 ? 17  VAL A C   1 
ATOM   161  O O   . VAL A 1 20 ? 10.597  -9.172  2.330   1.00 27.85 ? 17  VAL A O   1 
ATOM   162  C CB  . VAL A 1 20 ? 10.767  -9.252  -1.024  1.00 25.49 ? 17  VAL A CB  1 
ATOM   163  C CG1 . VAL A 1 20 ? 9.920   -8.054  -0.649  1.00 23.47 ? 17  VAL A CG1 1 
ATOM   164  C CG2 . VAL A 1 20 ? 11.769  -8.806  -2.046  1.00 20.74 ? 17  VAL A CG2 1 
ATOM   165  N N   . HIS A 1 21 ? 9.759   -11.070 1.465   1.00 26.01 ? 18  HIS A N   1 
ATOM   166  C CA  . HIS A 1 21 ? 8.797   -11.245 2.554   1.00 27.80 ? 18  HIS A CA  1 
ATOM   167  C C   . HIS A 1 21 ? 9.475   -11.545 3.890   1.00 27.33 ? 18  HIS A C   1 
ATOM   168  O O   . HIS A 1 21 ? 9.071   -10.994 4.923   1.00 28.03 ? 18  HIS A O   1 
ATOM   169  C CB  . HIS A 1 21 ? 7.805   -12.355 2.195   1.00 29.27 ? 18  HIS A CB  1 
ATOM   170  C CG  . HIS A 1 21 ? 6.704   -12.544 3.197   1.00 33.55 ? 18  HIS A CG  1 
ATOM   171  N ND1 . HIS A 1 21 ? 6.800   -13.432 4.255   1.00 33.71 ? 18  HIS A ND1 1 
ATOM   172  C CD2 . HIS A 1 21 ? 5.476   -11.976 3.290   1.00 30.29 ? 18  HIS A CD2 1 
ATOM   173  C CE1 . HIS A 1 21 ? 5.685   -13.388 4.965   1.00 39.73 ? 18  HIS A CE1 1 
ATOM   174  N NE2 . HIS A 1 21 ? 4.868   -12.508 4.404   1.00 37.03 ? 18  HIS A NE2 1 
ATOM   175  N N   . LYS A 1 22 ? 10.527  -12.378 3.888   1.00 30.78 ? 19  LYS A N   1 
ATOM   176  C CA  . LYS A 1 22 ? 11.221  -12.711 5.134   1.00 27.95 ? 19  LYS A CA  1 
ATOM   177  C C   . LYS A 1 22 ? 11.969  -11.502 5.680   1.00 26.78 ? 19  LYS A C   1 
ATOM   178  O O   . LYS A 1 22 ? 11.953  -11.247 6.894   1.00 27.72 ? 19  LYS A O   1 
ATOM   179  C CB  . LYS A 1 22 ? 12.193  -13.879 4.916   1.00 26.28 ? 19  LYS A CB  1 
ATOM   180  C CG  . LYS A 1 22 ? 11.531  -15.254 4.892   1.00 33.41 ? 19  LYS A CG  1 
ATOM   181  C CD  . LYS A 1 22 ? 12.550  -16.385 4.991   1.00 42.72 ? 19  LYS A CD  1 
ATOM   182  C CE  . LYS A 1 22 ? 11.872  -17.763 4.926   1.00 51.45 ? 19  LYS A CE  1 
ATOM   183  N NZ  . LYS A 1 22 ? 10.608  -17.834 5.724   1.00 55.24 ? 19  LYS A NZ  1 
ATOM   184  N N   . LEU A 1 23 ? 12.553  -10.710 4.775   1.00 25.32 ? 20  LEU A N   1 
ATOM   185  C CA  . LEU A 1 23 ? 13.255  -9.494  5.157   1.00 25.56 ? 20  LEU A CA  1 
ATOM   186  C C   . LEU A 1 23 ? 12.300  -8.465  5.755   1.00 30.75 ? 20  LEU A C   1 
ATOM   187  O O   . LEU A 1 23 ? 12.603  -7.885  6.814   1.00 32.98 ? 20  LEU A O   1 
ATOM   188  C CB  . LEU A 1 23 ? 13.976  -8.928  3.936   1.00 23.75 ? 20  LEU A CB  1 
ATOM   189  C CG  . LEU A 1 23 ? 14.624  -7.564  4.108   1.00 32.42 ? 20  LEU A CG  1 
ATOM   190  C CD1 . LEU A 1 23 ? 15.707  -7.619  5.182   1.00 28.44 ? 20  LEU A CD1 1 
ATOM   191  C CD2 . LEU A 1 23 ? 15.163  -7.025  2.777   1.00 26.73 ? 20  LEU A CD2 1 
ATOM   192  N N   . LEU A 1 24 ? 11.114  -8.287  5.136   1.00 30.62 ? 21  LEU A N   1 
ATOM   193  C CA  . LEU A 1 24 ? 10.138  -7.351  5.682   1.00 27.44 ? 21  LEU A CA  1 
ATOM   194  C C   . LEU A 1 24 ? 9.519   -7.834  6.991   1.00 28.14 ? 21  LEU A C   1 
ATOM   195  O O   . LEU A 1 24 ? 9.041   -6.997  7.763   1.00 28.66 ? 21  LEU A O   1 
ATOM   196  C CB  . LEU A 1 24 ? 9.043   -7.078  4.665   1.00 25.27 ? 21  LEU A CB  1 
ATOM   197  C CG  . LEU A 1 24 ? 9.417   -6.170  3.499   1.00 24.93 ? 21  LEU A CG  1 
ATOM   198  C CD1 . LEU A 1 24 ? 8.406   -6.243  2.347   1.00 19.71 ? 21  LEU A CD1 1 
ATOM   199  C CD2 . LEU A 1 24 ? 9.588   -4.744  3.984   1.00 24.94 ? 21  LEU A CD2 1 
ATOM   200  N N   . LYS A 1 25 ? 9.521   -9.150  7.269   1.00 28.34 ? 22  LYS A N   1 
ATOM   201  C CA  . LYS A 1 25 ? 8.950   -9.635  8.530   1.00 31.69 ? 22  LYS A CA  1 
ATOM   202  C C   . LYS A 1 25 ? 9.902   -9.445  9.712   1.00 31.58 ? 22  LYS A C   1 
ATOM   203  O O   . LYS A 1 25 ? 9.450   -9.370  10.859  1.00 31.71 ? 22  LYS A O   1 
ATOM   204  C CB  . LYS A 1 25 ? 8.525   -11.110 8.399   1.00 31.61 ? 22  LYS A CB  1 
ATOM   205  C CG  . LYS A 1 25 ? 7.725   -11.719 9.618   1.00 43.85 ? 22  LYS A CG  1 
ATOM   206  C CD  . LYS A 1 25 ? 6.221   -12.068 9.328   1.00 41.71 ? 22  LYS A CD  1 
ATOM   207  C CE  . LYS A 1 25 ? 5.347   -12.102 10.631  1.00 44.59 ? 22  LYS A CE  1 
ATOM   208  N NZ  . LYS A 1 25 ? 4.618   -10.815 11.007  1.00 41.14 ? 22  LYS A NZ  1 
ATOM   209  N N   . THR A 1 26 ? 11.207  -9.328  9.456   1.00 28.00 ? 23  THR A N   1 
ATOM   210  C CA  . THR A 1 26 ? 12.145  -8.942  10.506  1.00 26.13 ? 23  THR A CA  1 
ATOM   211  C C   . THR A 1 26 ? 11.853  -7.535  11.047  1.00 31.17 ? 23  THR A C   1 
ATOM   212  O O   . THR A 1 26 ? 11.970  -7.311  12.255  1.00 32.47 ? 23  THR A O   1 
ATOM   213  C CB  . THR A 1 26 ? 13.606  -9.105  10.038  1.00 28.96 ? 23  THR A CB  1 
ATOM   214  O OG1 . THR A 1 26 ? 13.838  -8.386  8.831   1.00 38.16 ? 23  THR A OG1 1 
ATOM   215  C CG2 . THR A 1 26 ? 13.860  -10.557 9.780   1.00 21.94 ? 23  THR A CG2 1 
ATOM   216  N N   . TYR A 1 27 ? 11.503  -6.570  10.177  1.00 30.80 ? 24  TYR A N   1 
ATOM   217  C CA  . TYR A 1 27 ? 11.332  -5.197  10.650  1.00 26.80 ? 24  TYR A CA  1 
ATOM   218  C C   . TYR A 1 27 ? 9.890   -4.830  10.926  1.00 24.82 ? 24  TYR A C   1 
ATOM   219  O O   . TYR A 1 27 ? 9.653   -3.964  11.770  1.00 31.06 ? 24  TYR A O   1 
ATOM   220  C CB  . TYR A 1 27 ? 11.878  -4.182  9.639   1.00 25.93 ? 24  TYR A CB  1 
ATOM   221  C CG  . TYR A 1 27 ? 13.353  -4.262  9.363   1.00 27.92 ? 24  TYR A CG  1 
ATOM   222  C CD1 . TYR A 1 27 ? 13.845  -5.197  8.463   1.00 30.13 ? 24  TYR A CD1 1 
ATOM   223  C CD2 . TYR A 1 27 ? 14.258  -3.402  9.989   1.00 31.46 ? 24  TYR A CD2 1 
ATOM   224  C CE1 . TYR A 1 27 ? 15.183  -5.291  8.189   1.00 28.98 ? 24  TYR A CE1 1 
ATOM   225  C CE2 . TYR A 1 27 ? 15.618  -3.490  9.721   1.00 32.09 ? 24  TYR A CE2 1 
ATOM   226  C CZ  . TYR A 1 27 ? 16.065  -4.448  8.815   1.00 32.70 ? 24  TYR A CZ  1 
ATOM   227  O OH  . TYR A 1 27 ? 17.389  -4.597  8.495   1.00 37.18 ? 24  TYR A OH  1 
ATOM   228  N N   . LEU A 1 28 ? 8.917   -5.415  10.221  1.00 25.09 ? 25  LEU A N   1 
ATOM   229  C CA  . LEU A 1 28 ? 7.576   -4.838  10.180  1.00 26.01 ? 25  LEU A CA  1 
ATOM   230  C C   . LEU A 1 28 ? 6.513   -5.891  10.447  1.00 24.82 ? 25  LEU A C   1 
ATOM   231  O O   . LEU A 1 28 ? 6.765   -7.094  10.419  1.00 31.30 ? 25  LEU A O   1 
ATOM   232  C CB  . LEU A 1 28 ? 7.315   -4.154  8.824   1.00 24.57 ? 25  LEU A CB  1 
ATOM   233  C CG  . LEU A 1 28 ? 8.163   -2.898  8.570   1.00 27.03 ? 25  LEU A CG  1 
ATOM   234  C CD1 . LEU A 1 28 ? 8.105   -2.409  7.129   1.00 23.58 ? 25  LEU A CD1 1 
ATOM   235  C CD2 . LEU A 1 28 ? 7.730   -1.816  9.532   1.00 22.85 ? 25  LEU A CD2 1 
ATOM   236  N N   . PHE A 1 29 ? 5.296   -5.406  10.635  1.00 25.92 ? 26  PHE A N   1 
ATOM   237  C CA  . PHE A 1 29 ? 4.130   -6.233  10.912  1.00 29.58 ? 26  PHE A CA  1 
ATOM   238  C C   . PHE A 1 29 ? 3.495   -6.604  9.585   1.00 29.31 ? 26  PHE A C   1 
ATOM   239  O O   . PHE A 1 29 ? 3.179   -5.734  8.772   1.00 32.70 ? 26  PHE A O   1 
ATOM   240  C CB  . PHE A 1 29 ? 3.158   -5.470  11.831  1.00 27.99 ? 26  PHE A CB  1 
ATOM   241  C CG  . PHE A 1 29 ? 1.729   -5.985  11.833  1.00 45.60 ? 26  PHE A CG  1 
ATOM   242  C CD1 . PHE A 1 29 ? 0.728   -5.328  11.084  1.00 42.71 ? 26  PHE A CD1 1 
ATOM   243  C CD2 . PHE A 1 29 ? 1.357   -7.072  12.635  1.00 49.11 ? 26  PHE A CD2 1 
ATOM   244  C CE1 . PHE A 1 29 ? -0.604  -5.780  11.097  1.00 43.06 ? 26  PHE A CE1 1 
ATOM   245  C CE2 . PHE A 1 29 ? 0.019   -7.532  12.657  1.00 50.82 ? 26  PHE A CE2 1 
ATOM   246  C CZ  . PHE A 1 29 ? -0.956  -6.887  11.887  1.00 50.72 ? 26  PHE A CZ  1 
ATOM   247  N N   . TRP A 1 30 ? 3.329   -7.889  9.359   1.00 33.12 ? 27  TRP A N   1 
ATOM   248  C CA  . TRP A 1 30 ? 2.651   -8.360  8.159   1.00 28.75 ? 27  TRP A CA  1 
ATOM   249  C C   . TRP A 1 30 ? 1.158   -8.089  8.263   1.00 30.51 ? 27  TRP A C   1 
ATOM   250  O O   . TRP A 1 30 ? 0.470   -8.675  9.109   1.00 34.41 ? 27  TRP A O   1 
ATOM   251  C CB  . TRP A 1 30 ? 2.925   -9.842  7.976   1.00 31.14 ? 27  TRP A CB  1 
ATOM   252  C CG  . TRP A 1 30 ? 2.430   -10.362 6.726   1.00 29.52 ? 27  TRP A CG  1 
ATOM   253  C CD1 . TRP A 1 30 ? 2.221   -9.668  5.578   1.00 29.45 ? 27  TRP A CD1 1 
ATOM   254  C CD2 . TRP A 1 30 ? 2.071   -11.698 6.465   1.00 37.98 ? 27  TRP A CD2 1 
ATOM   255  N NE1 . TRP A 1 30 ? 1.753   -10.487 4.606   1.00 27.22 ? 27  TRP A NE1 1 
ATOM   256  C CE2 . TRP A 1 30 ? 1.651   -11.752 5.124   1.00 40.83 ? 27  TRP A CE2 1 
ATOM   257  C CE3 . TRP A 1 30 ? 2.068   -12.872 7.229   1.00 41.41 ? 27  TRP A CE3 1 
ATOM   258  C CZ2 . TRP A 1 30 ? 1.234   -12.932 4.531   1.00 43.62 ? 27  TRP A CZ2 1 
ATOM   259  C CZ3 . TRP A 1 30 ? 1.644   -14.056 6.627   1.00 35.81 ? 27  TRP A CZ3 1 
ATOM   260  C CH2 . TRP A 1 30 ? 1.236   -14.071 5.299   1.00 38.79 ? 27  TRP A CH2 1 
ATOM   261  N N   . ARG A 1 31 ? 0.662   -7.176  7.426   1.00 26.90 ? 28  ARG A N   1 
ATOM   262  C CA  . ARG A 1 31 ? -0.766  -6.875  7.395   1.00 29.41 ? 28  ARG A CA  1 
ATOM   263  C C   . ARG A 1 31 ? -1.527  -7.922  6.597   1.00 30.34 ? 28  ARG A C   1 
ATOM   264  O O   . ARG A 1 31 ? -2.322  -8.692  7.147   1.00 30.85 ? 28  ARG A O   1 
ATOM   265  C CB  . ARG A 1 31 ? -0.985  -5.474  6.796   1.00 29.47 ? 28  ARG A CB  1 
ATOM   266  C CG  . ARG A 1 31 ? -2.416  -5.096  6.416   1.00 22.54 ? 28  ARG A CG  1 
ATOM   267  C CD  . ARG A 1 31 ? -3.319  -5.112  7.620   1.00 28.06 ? 28  ARG A CD  1 
ATOM   268  N NE  . ARG A 1 31 ? -3.079  -3.976  8.493   1.00 25.90 ? 28  ARG A NE  1 
ATOM   269  C CZ  . ARG A 1 31 ? -3.661  -3.817  9.671   1.00 26.32 ? 28  ARG A CZ  1 
ATOM   270  N NH1 . ARG A 1 31 ? -4.514  -4.731  10.116  1.00 25.47 ? 28  ARG A NH1 1 
ATOM   271  N NH2 . ARG A 1 31 ? -3.395  -2.738  10.393  1.00 28.46 ? 28  ARG A NH2 1 
ATOM   272  N N   . GLN A 1 32 ? -1.261  -7.975  5.300   1.00 28.35 ? 29  GLN A N   1 
ATOM   273  C CA  . GLN A 1 32 ? -1.869  -8.908  4.384   1.00 24.18 ? 29  GLN A CA  1 
ATOM   274  C C   . GLN A 1 32 ? -0.929  -8.967  3.184   1.00 27.45 ? 29  GLN A C   1 
ATOM   275  O O   . GLN A 1 32 ? 0.048   -8.248  3.147   1.00 34.57 ? 29  GLN A O   1 
ATOM   276  C CB  . GLN A 1 32 ? -3.273  -8.415  4.017   1.00 33.25 ? 29  GLN A CB  1 
ATOM   277  C CG  . GLN A 1 32 ? -4.263  -9.465  3.807   1.00 35.70 ? 29  GLN A CG  1 
ATOM   278  C CD  . GLN A 1 32 ? -5.658  -8.939  3.813   1.00 33.47 ? 29  GLN A CD  1 
ATOM   279  O OE1 . GLN A 1 32 ? -6.357  -9.024  2.807   1.00 43.85 ? 29  GLN A OE1 1 
ATOM   280  N NE2 . GLN A 1 32 ? -6.085  -8.372  4.950   1.00 30.45 ? 29  GLN A NE2 1 
ATOM   281  N N   . ASN A 1 33 ? -1.434  -9.582  2.114   1.00 26.44 ? 30  ASN A N   1 
ATOM   282  C CA  . ASN A 1 33 ? -0.705  -10.321 1.088   1.00 28.39 ? 30  ASN A CA  1 
ATOM   283  C C   . ASN A 1 33 ? 0.719   -9.850  0.801   1.00 28.36 ? 30  ASN A C   1 
ATOM   284  O O   . ASN A 1 33 ? 1.700   -10.586 0.981   1.00 26.69 ? 30  ASN A O   1 
ATOM   285  C CB  . ASN A 1 33 ? -1.524  -10.235 -0.210  1.00 34.13 ? 30  ASN A CB  1 
ATOM   286  C CG  . ASN A 1 33 ? -3.025  -10.420 0.024   1.00 34.84 ? 30  ASN A CG  1 
ATOM   287  O OD1 . ASN A 1 33 ? -3.746  -9.449  0.264   1.00 39.80 ? 30  ASN A OD1 1 
ATOM   288  N ND2 . ASN A 1 33 ? -3.500  -11.663 -0.036  1.00 38.26 ? 30  ASN A ND2 1 
ATOM   289  N N   . SER A 1 34 ? 0.855   -8.591  0.452   1.00 29.31 ? 31  SER A N   1 
ATOM   290  C CA  . SER A 1 34 ? 2.172   -8.063  0.151   1.00 22.95 ? 31  SER A CA  1 
ATOM   291  C C   . SER A 1 34 ? 2.346   -6.678  0.777   1.00 22.92 ? 31  SER A C   1 
ATOM   292  O O   . SER A 1 34 ? 3.175   -5.877  0.323   1.00 19.04 ? 31  SER A O   1 
ATOM   293  C CB  . SER A 1 34 ? 2.381   -8.081  -1.364  1.00 18.87 ? 31  SER A CB  1 
ATOM   294  O OG  . SER A 1 34 ? 3.198   -7.020  -1.793  1.00 30.24 ? 31  SER A OG  1 
ATOM   295  N N   . VAL A 1 35 ? 1.597   -6.417  1.851   1.00 20.49 ? 32  VAL A N   1 
ATOM   296  C CA  . VAL A 1 35 ? 1.582   -5.146  2.561   1.00 23.62 ? 32  VAL A CA  1 
ATOM   297  C C   . VAL A 1 35 ? 2.140   -5.376  3.964   1.00 23.69 ? 32  VAL A C   1 
ATOM   298  O O   . VAL A 1 35 ? 1.694   -6.284  4.677   1.00 25.60 ? 32  VAL A O   1 
ATOM   299  C CB  . VAL A 1 35 ? 0.172   -4.546  2.623   1.00 23.37 ? 32  VAL A CB  1 
ATOM   300  C CG1 . VAL A 1 35 ? 0.187   -3.269  3.473   1.00 20.88 ? 32  VAL A CG1 1 
ATOM   301  C CG2 . VAL A 1 35 ? -0.338  -4.261  1.203   1.00 13.53 ? 32  VAL A CG2 1 
ATOM   302  N N   . PHE A 1 36 ? 3.168   -4.609  4.318   1.00 21.43 ? 33  PHE A N   1 
ATOM   303  C CA  . PHE A 1 36 ? 3.745   -4.599  5.653   1.00 22.42 ? 33  PHE A CA  1 
ATOM   304  C C   . PHE A 1 36 ? 3.656   -3.196  6.244   1.00 22.76 ? 33  PHE A C   1 
ATOM   305  O O   . PHE A 1 36 ? 3.753   -2.194  5.526   1.00 24.92 ? 33  PHE A O   1 
ATOM   306  C CB  . PHE A 1 36 ? 5.204   -5.026  5.622   1.00 24.41 ? 33  PHE A CB  1 
ATOM   307  C CG  . PHE A 1 36 ? 5.411   -6.501  5.463   1.00 27.37 ? 33  PHE A CG  1 
ATOM   308  C CD1 . PHE A 1 36 ? 5.331   -7.100  4.212   1.00 27.03 ? 33  PHE A CD1 1 
ATOM   309  C CD2 . PHE A 1 36 ? 5.714   -7.287  6.565   1.00 27.77 ? 33  PHE A CD2 1 
ATOM   310  C CE1 . PHE A 1 36 ? 5.532   -8.473  4.076   1.00 30.33 ? 33  PHE A CE1 1 
ATOM   311  C CE2 . PHE A 1 36 ? 5.910   -8.646  6.435   1.00 28.00 ? 33  PHE A CE2 1 
ATOM   312  C CZ  . PHE A 1 36 ? 5.817   -9.240  5.203   1.00 26.67 ? 33  PHE A CZ  1 
ATOM   313  N N   . GLU A 1 37 ? 3.538   -3.109  7.564   1.00 22.57 ? 34  GLU A N   1 
ATOM   314  C CA  . GLU A 1 37 ? 3.508   -1.787  8.176   1.00 23.47 ? 34  GLU A CA  1 
ATOM   315  C C   . GLU A 1 37 ? 4.077   -1.842  9.585   1.00 22.40 ? 34  GLU A C   1 
ATOM   316  O O   . GLU A 1 37 ? 4.258   -2.915  10.160  1.00 21.20 ? 34  GLU A O   1 
ATOM   317  C CB  . GLU A 1 37 ? 2.089   -1.197  8.183   1.00 24.00 ? 34  GLU A CB  1 
ATOM   318  C CG  . GLU A 1 37 ? 1.030   -2.110  8.755   1.00 24.09 ? 34  GLU A CG  1 
ATOM   319  C CD  . GLU A 1 37 ? -0.363  -1.522  8.673   1.00 24.52 ? 34  GLU A CD  1 
ATOM   320  O OE1 . GLU A 1 37 ? -0.575  -0.399  9.169   1.00 26.35 ? 34  GLU A OE1 1 
ATOM   321  O OE2 . GLU A 1 37 ? -1.254  -2.197  8.130   1.00 25.16 ? 34  GLU A OE2 1 
ATOM   322  N N   . GLY A 1 38 ? 4.391   -0.672  10.115  1.00 21.89 ? 35  GLY A N   1 
ATOM   323  C CA  . GLY A 1 38 ? 4.837   -0.561  11.490  1.00 22.19 ? 35  GLY A CA  1 
ATOM   324  C C   . GLY A 1 38 ? 5.779   0.608   11.700  1.00 24.25 ? 35  GLY A C   1 
ATOM   325  O O   . GLY A 1 38 ? 6.197   1.290   10.767  1.00 24.58 ? 35  GLY A O   1 
ATOM   326  N N   . GLU A 1 39 ? 6.143   0.791   12.966  1.00 25.24 ? 36  GLU A N   1 
ATOM   327  C CA  . GLU A 1 39 ? 7.078   1.831   13.359  1.00 25.37 ? 36  GLU A CA  1 
ATOM   328  C C   . GLU A 1 39 ? 8.511   1.413   13.064  1.00 25.98 ? 36  GLU A C   1 
ATOM   329  O O   . GLU A 1 39 ? 8.900   0.262   13.268  1.00 28.43 ? 36  GLU A O   1 
ATOM   330  C CB  . GLU A 1 39 ? 6.960   2.100   14.850  1.00 33.95 ? 36  GLU A CB  1 
ATOM   331  C CG  . GLU A 1 39 ? 5.993   3.161   15.282  1.00 42.14 ? 36  GLU A CG  1 
ATOM   332  C CD  . GLU A 1 39 ? 6.244   3.522   16.723  1.00 50.52 ? 36  GLU A CD  1 
ATOM   333  O OE1 . GLU A 1 39 ? 5.367   3.268   17.575  1.00 42.94 ? 36  GLU A OE1 1 
ATOM   334  O OE2 . GLU A 1 39 ? 7.359   4.021   16.996  1.00 51.21 ? 36  GLU A OE2 1 
ATOM   335  N N   . LEU A 1 40 ? 9.307   2.366   12.627  1.00 25.29 ? 37  LEU A N   1 
ATOM   336  C CA  . LEU A 1 40 ? 10.710  2.132   12.361  1.00 25.83 ? 37  LEU A CA  1 
ATOM   337  C C   . LEU A 1 40 ? 11.489  3.375   12.752  1.00 28.93 ? 37  LEU A C   1 
ATOM   338  O O   . LEU A 1 40 ? 11.040  4.497   12.525  1.00 29.23 ? 37  LEU A O   1 
ATOM   339  C CB  . LEU A 1 40 ? 10.957  1.819   10.890  1.00 29.18 ? 37  LEU A CB  1 
ATOM   340  C CG  . LEU A 1 40 ? 10.717  0.406   10.402  1.00 32.55 ? 37  LEU A CG  1 
ATOM   341  C CD1 . LEU A 1 40 ? 11.155  0.332   8.937   1.00 31.08 ? 37  LEU A CD1 1 
ATOM   342  C CD2 . LEU A 1 40 ? 11.457  -0.588  11.264  1.00 26.78 ? 37  LEU A CD2 1 
ATOM   343  N N   . SER A 1 41 ? 12.684  3.169   13.284  1.00 37.47 ? 38  SER A N   1 
ATOM   344  C CA  . SER A 1 41 ? 13.587  4.285   13.465  1.00 36.26 ? 38  SER A CA  1 
ATOM   345  C C   . SER A 1 41 ? 14.211  4.624   12.124  1.00 38.96 ? 38  SER A C   1 
ATOM   346  O O   . SER A 1 41 ? 14.053  3.903   11.136  1.00 44.27 ? 38  SER A O   1 
ATOM   347  C CB  . SER A 1 41 ? 14.667  3.931   14.476  1.00 34.87 ? 38  SER A CB  1 
ATOM   348  O OG  . SER A 1 41 ? 15.732  3.261   13.823  1.00 34.29 ? 38  SER A OG  1 
ATOM   349  N N   . LYS A 1 42 ? 14.999  5.689   12.094  1.00 43.47 ? 39  LYS A N   1 
ATOM   350  C CA  . LYS A 1 42 ? 15.533  6.130   10.819  1.00 36.11 ? 39  LYS A CA  1 
ATOM   351  C C   . LYS A 1 42 ? 16.723  5.284   10.400  1.00 38.19 ? 39  LYS A C   1 
ATOM   352  O O   . LYS A 1 42 ? 16.895  5.013   9.208   1.00 37.13 ? 39  LYS A O   1 
ATOM   353  C CB  . LYS A 1 42 ? 15.934  7.595   10.921  1.00 38.09 ? 39  LYS A CB  1 
ATOM   354  C CG  . LYS A 1 42 ? 15.995  8.321   9.624   1.00 41.35 ? 39  LYS A CG  1 
ATOM   355  C CD  . LYS A 1 42 ? 15.346  9.677   9.718   1.00 49.64 ? 39  LYS A CD  1 
ATOM   356  C CE  . LYS A 1 42 ? 15.739  10.489  10.950  1.00 65.72 ? 39  LYS A CE  1 
ATOM   357  N NZ  . LYS A 1 42 ? 14.656  11.454  11.355  1.00 66.69 ? 39  LYS A NZ  1 
ATOM   358  N N   . ALA A 1 43 ? 17.501  4.794   11.367  1.00 38.79 ? 40  ALA A N   1 
ATOM   359  C CA  . ALA A 1 43 ? 18.562  3.848   11.055  1.00 32.27 ? 40  ALA A CA  1 
ATOM   360  C C   . ALA A 1 43 ? 17.990  2.521   10.610  1.00 34.68 ? 40  ALA A C   1 
ATOM   361  O O   . ALA A 1 43 ? 18.553  1.872   9.722   1.00 39.23 ? 40  ALA A O   1 
ATOM   362  C CB  . ALA A 1 43 ? 19.475  3.657   12.268  1.00 28.37 ? 40  ALA A CB  1 
ATOM   363  N N   . GLN A 1 44 ? 16.850  2.130   11.174  1.00 33.62 ? 41  GLN A N   1 
ATOM   364  C CA  . GLN A 1 44 ? 16.251  0.866   10.791  1.00 34.51 ? 41  GLN A CA  1 
ATOM   365  C C   . GLN A 1 44 ? 15.592  0.966   9.420   1.00 37.04 ? 41  GLN A C   1 
ATOM   366  O O   . GLN A 1 44 ? 15.681  0.011   8.640   1.00 35.25 ? 41  GLN A O   1 
ATOM   367  C CB  . GLN A 1 44 ? 15.260  0.410   11.866  1.00 38.48 ? 41  GLN A CB  1 
ATOM   368  C CG  . GLN A 1 44 ? 15.925  -0.300  13.049  1.00 41.34 ? 41  GLN A CG  1 
ATOM   369  C CD  . GLN A 1 44 ? 14.964  -0.580  14.203  1.00 49.55 ? 41  GLN A CD  1 
ATOM   370  O OE1 . GLN A 1 44 ? 13.785  -0.852  13.987  1.00 48.56 ? 41  GLN A OE1 1 
ATOM   371  N NE2 . GLN A 1 44 ? 15.479  -0.536  15.442  1.00 50.29 ? 41  GLN A NE2 1 
ATOM   372  N N   . LEU A 1 45 ? 14.998  2.129   9.084   1.00 34.88 ? 42  LEU A N   1 
ATOM   373  C CA  . LEU A 1 45 ? 14.411  2.309   7.755   1.00 30.71 ? 42  LEU A CA  1 
ATOM   374  C C   . LEU A 1 45 ? 15.487  2.323   6.676   1.00 28.56 ? 42  LEU A C   1 
ATOM   375  O O   . LEU A 1 45 ? 15.310  1.723   5.613   1.00 27.38 ? 42  LEU A O   1 
ATOM   376  C CB  . LEU A 1 45 ? 13.582  3.601   7.700   1.00 29.58 ? 42  LEU A CB  1 
ATOM   377  C CG  . LEU A 1 45 ? 12.938  3.962   6.341   1.00 27.13 ? 42  LEU A CG  1 
ATOM   378  C CD1 . LEU A 1 45 ? 12.119  2.801   5.758   1.00 21.81 ? 42  LEU A CD1 1 
ATOM   379  C CD2 . LEU A 1 45 ? 12.083  5.221   6.383   1.00 19.77 ? 42  LEU A CD2 1 
ATOM   380  N N   . TYR A 1 46 ? 16.622  2.964   6.949   1.00 31.85 ? 43  TYR A N   1 
ATOM   381  C CA  . TYR A 1 46 ? 17.733  2.943   6.005   1.00 31.62 ? 43  TYR A CA  1 
ATOM   382  C C   . TYR A 1 46 ? 18.355  1.557   5.888   1.00 34.55 ? 43  TYR A C   1 
ATOM   383  O O   . TYR A 1 46 ? 18.865  1.208   4.814   1.00 36.54 ? 43  TYR A O   1 
ATOM   384  C CB  . TYR A 1 46 ? 18.788  3.969   6.400   1.00 29.86 ? 43  TYR A CB  1 
ATOM   385  C CG  . TYR A 1 46 ? 18.554  5.357   5.834   1.00 32.72 ? 43  TYR A CG  1 
ATOM   386  C CD1 . TYR A 1 46 ? 18.890  5.664   4.525   1.00 32.10 ? 43  TYR A CD1 1 
ATOM   387  C CD2 . TYR A 1 46 ? 18.003  6.372   6.625   1.00 33.37 ? 43  TYR A CD2 1 
ATOM   388  C CE1 . TYR A 1 46 ? 18.677  6.941   4.014   1.00 34.75 ? 43  TYR A CE1 1 
ATOM   389  C CE2 . TYR A 1 46 ? 17.792  7.643   6.134   1.00 31.22 ? 43  TYR A CE2 1 
ATOM   390  C CZ  . TYR A 1 46 ? 18.129  7.930   4.828   1.00 37.57 ? 43  TYR A CZ  1 
ATOM   391  O OH  . TYR A 1 46 ? 17.912  9.204   4.335   1.00 35.61 ? 43  TYR A OH  1 
ATOM   392  N N   . GLU A 1 47 ? 18.334  0.756   6.966   1.00 25.62 ? 44  GLU A N   1 
ATOM   393  C CA  . GLU A 1 47 ? 18.885  -0.596  6.876   1.00 30.90 ? 44  GLU A CA  1 
ATOM   394  C C   . GLU A 1 47 ? 17.998  -1.506  6.035   1.00 33.62 ? 44  GLU A C   1 
ATOM   395  O O   . GLU A 1 47 ? 18.498  -2.274  5.200   1.00 32.58 ? 44  GLU A O   1 
ATOM   396  C CB  . GLU A 1 47 ? 19.081  -1.180  8.277   1.00 31.06 ? 44  GLU A CB  1 
ATOM   397  C CG  . GLU A 1 47 ? 19.970  -2.431  8.357   1.00 31.02 ? 44  GLU A CG  1 
ATOM   398  C CD  . GLU A 1 47 ? 20.052  -2.995  9.781   1.00 39.74 ? 44  GLU A CD  1 
ATOM   399  O OE1 . GLU A 1 47 ? 18.997  -3.356  10.342  1.00 36.45 ? 44  GLU A OE1 1 
ATOM   400  O OE2 . GLU A 1 47 ? 21.166  -3.054  10.354  1.00 46.56 ? 44  GLU A OE2 1 
ATOM   401  N N   . LEU A 1 48 ? 16.680  -1.390  6.220   1.00 32.36 ? 45  LEU A N   1 
ATOM   402  C CA  . LEU A 1 48 ? 15.712  -2.162  5.456   1.00 26.28 ? 45  LEU A CA  1 
ATOM   403  C C   . LEU A 1 48 ? 15.780  -1.826  3.980   1.00 30.80 ? 45  LEU A C   1 
ATOM   404  O O   . LEU A 1 48 ? 15.756  -2.726  3.132   1.00 29.74 ? 45  LEU A O   1 
ATOM   405  C CB  . LEU A 1 48 ? 14.315  -1.881  5.990   1.00 25.96 ? 45  LEU A CB  1 
ATOM   406  C CG  . LEU A 1 48 ? 13.158  -2.410  5.161   1.00 26.51 ? 45  LEU A CG  1 
ATOM   407  C CD1 . LEU A 1 48 ? 13.197  -3.941  5.099   1.00 30.92 ? 45  LEU A CD1 1 
ATOM   408  C CD2 . LEU A 1 48 ? 11.874  -1.922  5.760   1.00 28.80 ? 45  LEU A CD2 1 
ATOM   409  N N   . GLU A 1 49 ? 15.889  -0.532  3.662   1.00 32.16 ? 46  GLU A N   1 
ATOM   410  C CA  . GLU A 1 49 ? 15.931  -0.092  2.274   1.00 25.90 ? 46  GLU A CA  1 
ATOM   411  C C   . GLU A 1 49 ? 17.195  -0.563  1.582   1.00 30.21 ? 46  GLU A C   1 
ATOM   412  O O   . GLU A 1 49 ? 17.153  -0.949  0.409   1.00 33.72 ? 46  GLU A O   1 
ATOM   413  C CB  . GLU A 1 49 ? 15.838  1.421   2.222   1.00 24.65 ? 46  GLU A CB  1 
ATOM   414  C CG  . GLU A 1 49 ? 15.539  1.937   0.858   1.00 25.50 ? 46  GLU A CG  1 
ATOM   415  C CD  . GLU A 1 49 ? 16.767  2.391   0.164   1.00 27.84 ? 46  GLU A CD  1 
ATOM   416  O OE1 . GLU A 1 49 ? 17.803  2.513   0.844   1.00 30.56 ? 46  GLU A OE1 1 
ATOM   417  O OE2 . GLU A 1 49 ? 16.703  2.595   -1.058  1.00 32.37 ? 46  GLU A OE2 1 
ATOM   418  N N   . MET A 1 50 ? 18.322  -0.547  2.299   1.00 36.13 ? 47  MET A N   1 
ATOM   419  C CA  . MET A 1 50 ? 19.576  -1.047  1.747   1.00 35.97 ? 47  MET A CA  1 
ATOM   420  C C   . MET A 1 50 ? 19.502  -2.553  1.509   1.00 34.22 ? 47  MET A C   1 
ATOM   421  O O   . MET A 1 50 ? 19.979  -3.050  0.486   1.00 31.18 ? 47  MET A O   1 
ATOM   422  C CB  . MET A 1 50 ? 20.741  -0.695  2.680   1.00 35.62 ? 47  MET A CB  1 
ATOM   423  C CG  . MET A 1 50 ? 22.129  -1.168  2.196   1.00 45.76 ? 47  MET A CG  1 
ATOM   424  S SD  . MET A 1 50 ? 22.685  -2.731  2.943   1.00 67.75 ? 47  MET A SD  1 
ATOM   425  C CE  . MET A 1 50 ? 24.470  -2.535  2.982   1.00 58.82 ? 47  MET A CE  1 
ATOM   426  N N   . ARG A 1 51 ? 18.922  -3.293  2.445   1.00 29.66 ? 48  ARG A N   1 
ATOM   427  C CA  . ARG A 1 51 ? 18.812  -4.726  2.240   1.00 31.50 ? 48  ARG A CA  1 
ATOM   428  C C   . ARG A 1 51 ? 17.776  -5.059  1.165   1.00 36.65 ? 48  ARG A C   1 
ATOM   429  O O   . ARG A 1 51 ? 17.975  -6.010  0.396   1.00 35.50 ? 48  ARG A O   1 
ATOM   430  C CB  . ARG A 1 51 ? 18.503  -5.406  3.578   1.00 28.55 ? 48  ARG A CB  1 
ATOM   431  C CG  . ARG A 1 51 ? 19.729  -5.457  4.500   1.00 31.40 ? 48  ARG A CG  1 
ATOM   432  C CD  . ARG A 1 51 ? 19.392  -5.855  5.933   1.00 31.41 ? 48  ARG A CD  1 
ATOM   433  N NE  . ARG A 1 51 ? 19.356  -7.308  6.079   1.00 39.37 ? 48  ARG A NE  1 
ATOM   434  C CZ  . ARG A 1 51 ? 18.824  -7.944  7.120   1.00 42.91 ? 48  ARG A CZ  1 
ATOM   435  N NH1 . ARG A 1 51 ? 18.290  -7.255  8.122   1.00 40.07 ? 48  ARG A NH1 1 
ATOM   436  N NH2 . ARG A 1 51 ? 18.811  -9.272  7.154   1.00 35.01 ? 48  ARG A NH2 1 
ATOM   437  N N   . LEU A 1 52 ? 16.713  -4.246  1.042   1.00 35.96 ? 49  LEU A N   1 
ATOM   438  C CA  . LEU A 1 52 ? 15.756  -4.417  -0.051  1.00 27.53 ? 49  LEU A CA  1 
ATOM   439  C C   . LEU A 1 52 ? 16.400  -4.106  -1.388  1.00 32.31 ? 49  LEU A C   1 
ATOM   440  O O   . LEU A 1 52 ? 16.155  -4.803  -2.377  1.00 31.97 ? 49  LEU A O   1 
ATOM   441  C CB  . LEU A 1 52 ? 14.549  -3.502  0.145   1.00 23.18 ? 49  LEU A CB  1 
ATOM   442  C CG  . LEU A 1 52 ? 13.434  -3.946  1.096   1.00 29.59 ? 49  LEU A CG  1 
ATOM   443  C CD1 . LEU A 1 52 ? 12.540  -2.783  1.484   1.00 21.16 ? 49  LEU A CD1 1 
ATOM   444  C CD2 . LEU A 1 52 ? 12.619  -5.064  0.486   1.00 31.50 ? 49  LEU A CD2 1 
ATOM   445  N N   . LYS A 1 53 ? 17.281  -3.102  -1.413  1.00 33.79 ? 50  LYS A N   1 
ATOM   446  C CA  . LYS A 1 53 ? 17.901  -2.678  -2.660  1.00 34.42 ? 50  LYS A CA  1 
ATOM   447  C C   . LYS A 1 53 ? 18.851  -3.736  -3.201  1.00 35.25 ? 50  LYS A C   1 
ATOM   448  O O   . LYS A 1 53 ? 19.053  -3.826  -4.419  1.00 36.87 ? 50  LYS A O   1 
ATOM   449  C CB  . LYS A 1 53 ? 18.636  -1.360  -2.448  1.00 32.77 ? 50  LYS A CB  1 
ATOM   450  C CG  . LYS A 1 53 ? 18.681  -0.472  -3.669  1.00 39.08 ? 50  LYS A CG  1 
ATOM   451  C CD  . LYS A 1 53 ? 19.126  0.915   -3.282  1.00 47.01 ? 50  LYS A CD  1 
ATOM   452  C CE  . LYS A 1 53 ? 18.203  1.945   -3.904  1.00 55.37 ? 50  LYS A CE  1 
ATOM   453  N NZ  . LYS A 1 53 ? 18.461  3.291   -3.334  1.00 45.55 ? 50  LYS A NZ  1 
ATOM   454  N N   . ARG A 1 54 ? 19.412  -4.561  -2.322  1.00 36.89 ? 51  ARG A N   1 
ATOM   455  C CA  . ARG A 1 54 ? 20.298  -5.625  -2.758  1.00 38.45 ? 51  ARG A CA  1 
ATOM   456  C C   . ARG A 1 54 ? 19.541  -6.870  -3.177  1.00 36.20 ? 51  ARG A C   1 
ATOM   457  O O   . ARG A 1 54 ? 20.142  -7.753  -3.792  1.00 41.11 ? 51  ARG A O   1 
ATOM   458  C CB  . ARG A 1 54 ? 21.295  -5.969  -1.640  1.00 43.55 ? 51  ARG A CB  1 
ATOM   459  C CG  . ARG A 1 54 ? 22.131  -4.763  -1.181  1.00 62.60 ? 51  ARG A CG  1 
ATOM   460  C CD  . ARG A 1 54 ? 23.450  -5.107  -0.476  1.00 66.41 ? 51  ARG A CD  1 
ATOM   461  N NE  . ARG A 1 54 ? 24.092  -6.305  -1.015  1.00 78.84 ? 51  ARG A NE  1 
ATOM   462  C CZ  . ARG A 1 54 ? 24.848  -6.323  -2.111  1.00 83.08 ? 51  ARG A CZ  1 
ATOM   463  N NH1 . ARG A 1 54 ? 25.097  -5.199  -2.776  1.00 75.52 ? 51  ARG A NH1 1 
ATOM   464  N NH2 . ARG A 1 54 ? 25.384  -7.464  -2.528  1.00 71.81 ? 51  ARG A NH2 1 
ATOM   465  N N   . ILE A 1 55 ? 18.235  -6.921  -2.948  1.00 34.80 ? 52  ILE A N   1 
ATOM   466  C CA  . ILE A 1 55 ? 17.412  -8.055  -3.350  1.00 32.81 ? 52  ILE A CA  1 
ATOM   467  C C   . ILE A 1 55 ? 16.740  -7.793  -4.685  1.00 33.82 ? 52  ILE A C   1 
ATOM   468  O O   . ILE A 1 55 ? 16.770  -8.646  -5.577  1.00 33.31 ? 52  ILE A O   1 
ATOM   469  C CB  . ILE A 1 55 ? 16.359  -8.377  -2.268  1.00 30.75 ? 52  ILE A CB  1 
ATOM   470  C CG1 . ILE A 1 55 ? 16.985  -9.001  -1.029  1.00 30.73 ? 52  ILE A CG1 1 
ATOM   471  C CG2 . ILE A 1 55 ? 15.311  -9.326  -2.822  1.00 33.28 ? 52  ILE A CG2 1 
ATOM   472  C CD1 . ILE A 1 55 ? 15.956  -9.360  0.029   1.00 23.22 ? 52  ILE A CD1 1 
ATOM   473  N N   . VAL A 1 56 ? 16.169  -6.592  -4.841  1.00 34.79 ? 53  VAL A N   1 
ATOM   474  C CA  . VAL A 1 56 ? 15.343  -6.285  -5.999  1.00 31.71 ? 53  VAL A CA  1 
ATOM   475  C C   . VAL A 1 56 ? 16.223  -6.170  -7.234  1.00 31.63 ? 53  VAL A C   1 
ATOM   476  O O   . VAL A 1 56 ? 17.351  -5.653  -7.196  1.00 33.76 ? 53  VAL A O   1 
ATOM   477  C CB  . VAL A 1 56 ? 14.489  -5.020  -5.771  1.00 28.24 ? 53  VAL A CB  1 
ATOM   478  C CG1 . VAL A 1 56 ? 13.533  -5.246  -4.609  1.00 23.93 ? 53  VAL A CG1 1 
ATOM   479  C CG2 . VAL A 1 56 ? 15.336  -3.776  -5.576  1.00 26.89 ? 53  VAL A CG2 1 
ATOM   480  N N   . LYS A 1 57 ? 15.730  -6.732  -8.320  1.00 33.43 ? 54  LYS A N   1 
ATOM   481  C CA  . LYS A 1 57 ? 16.380  -6.746  -9.613  1.00 35.13 ? 54  LYS A CA  1 
ATOM   482  C C   . LYS A 1 57 ? 15.276  -6.644  -10.642 1.00 37.99 ? 54  LYS A C   1 
ATOM   483  O O   . LYS A 1 57 ? 14.167  -7.108  -10.372 1.00 34.65 ? 54  LYS A O   1 
ATOM   484  C CB  . LYS A 1 57 ? 17.184  -8.050  -9.834  1.00 32.26 ? 54  LYS A CB  1 
ATOM   485  C CG  . LYS A 1 57 ? 18.511  -8.124  -9.108  1.00 44.20 ? 54  LYS A CG  1 
ATOM   486  C CD  . LYS A 1 57 ? 18.789  -9.506  -8.484  1.00 49.75 ? 54  LYS A CD  1 
ATOM   487  C CE  . LYS A 1 57 ? 19.748  -9.407  -7.266  1.00 44.62 ? 54  LYS A CE  1 
ATOM   488  N NZ  . LYS A 1 57 ? 19.190  -10.113 -6.043  1.00 48.56 ? 54  LYS A NZ  1 
ATOM   489  N N   . GLU A 1 58 ? 15.542  -5.938  -11.752 1.00 44.96 ? 55  GLU A N   1 
ATOM   490  C CA  . GLU A 1 58 ? 14.975  -6.298  -13.062 1.00 46.60 ? 55  GLU A CA  1 
ATOM   491  C C   . GLU A 1 58 ? 13.430  -6.165  -13.090 1.00 42.35 ? 55  GLU A C   1 
ATOM   492  O O   . GLU A 1 58 ? 12.698  -7.152  -13.172 1.00 61.19 ? 55  GLU A O   1 
ATOM   493  C CB  . GLU A 1 58 ? 15.453  -7.730  -13.405 1.00 60.94 ? 55  GLU A CB  1 
ATOM   494  C CG  . GLU A 1 58 ? 15.292  -8.339  -14.751 1.00 66.95 ? 55  GLU A CG  1 
ATOM   495  C CD  . GLU A 1 58 ? 14.624  -9.705  -14.610 1.00 72.29 ? 55  GLU A CD  1 
ATOM   496  O OE1 . GLU A 1 58 ? 14.225  -10.071 -13.477 1.00 67.06 ? 55  GLU A OE1 1 
ATOM   497  O OE2 . GLU A 1 58 ? 14.624  -10.455 -15.599 1.00 84.48 ? 55  GLU A OE2 1 
ATOM   498  N N   . ASP A 1 59 ? 12.985  -4.921  -12.910 1.00 34.94 ? 56  ASP A N   1 
ATOM   499  C CA  . ASP A 1 59 ? 11.565  -4.503  -12.840 1.00 46.59 ? 56  ASP A CA  1 
ATOM   500  C C   . ASP A 1 59 ? 10.817  -5.022  -11.613 1.00 41.55 ? 56  ASP A C   1 
ATOM   501  O O   . ASP A 1 59 ? 9.599   -5.004  -11.587 1.00 35.98 ? 56  ASP A O   1 
ATOM   502  C CB  . ASP A 1 59 ? 10.794  -4.849  -14.127 1.00 43.23 ? 56  ASP A CB  1 
ATOM   503  C CG  . ASP A 1 59 ? 11.189  -3.951  -15.298 1.00 65.72 ? 56  ASP A CG  1 
ATOM   504  O OD1 . ASP A 1 59 ? 10.840  -4.286  -16.470 1.00 68.19 ? 56  ASP A OD1 1 
ATOM   505  O OD2 . ASP A 1 59 ? 11.838  -2.894  -15.072 1.00 69.18 ? 56  ASP A OD2 1 
ATOM   506  N N   . ASP A 1 60 ? 11.527  -5.370  -10.549 1.00 38.87 ? 57  ASP A N   1 
ATOM   507  C CA  . ASP A 1 60 ? 10.928  -5.503  -9.232  1.00 25.35 ? 57  ASP A CA  1 
ATOM   508  C C   . ASP A 1 60 ? 10.732  -4.139  -8.612  1.00 27.45 ? 57  ASP A C   1 
ATOM   509  O O   . ASP A 1 60 ? 11.518  -3.217  -8.845  1.00 25.59 ? 57  ASP A O   1 
ATOM   510  C CB  . ASP A 1 60 ? 11.810  -6.287  -8.276  1.00 33.53 ? 57  ASP A CB  1 
ATOM   511  C CG  . ASP A 1 60 ? 11.806  -7.736  -8.549  1.00 33.34 ? 57  ASP A CG  1 
ATOM   512  O OD1 . ASP A 1 60 ? 11.188  -8.180  -9.549  1.00 30.81 ? 57  ASP A OD1 1 
ATOM   513  O OD2 . ASP A 1 60 ? 12.457  -8.411  -7.739  1.00 33.27 ? 57  ASP A OD2 1 
ATOM   514  N N   . SER A 1 61 ? 9.713   -4.041  -7.763  1.00 25.11 ? 58  SER A N   1 
ATOM   515  C CA  . SER A 1 61 ? 9.281   -2.765  -7.222  1.00 21.66 ? 58  SER A CA  1 
ATOM   516  C C   . SER A 1 61 ? 8.923   -2.909  -5.746  1.00 22.19 ? 58  SER A C   1 
ATOM   517  O O   . SER A 1 61 ? 8.252   -3.869  -5.362  1.00 20.71 ? 58  SER A O   1 
ATOM   518  C CB  . SER A 1 61 ? 8.086   -2.265  -8.019  1.00 21.90 ? 58  SER A CB  1 
ATOM   519  O OG  . SER A 1 61 ? 8.046   -0.867  -7.983  1.00 28.12 ? 58  SER A OG  1 
ATOM   520  N N   . VAL A 1 62 ? 9.382   -1.983  -4.908  1.00 20.07 ? 59  VAL A N   1 
ATOM   521  C CA  . VAL A 1 62 ? 8.920   -1.893  -3.520  1.00 21.60 ? 59  VAL A CA  1 
ATOM   522  C C   . VAL A 1 62 ? 8.525   -0.446  -3.240  1.00 23.95 ? 59  VAL A C   1 
ATOM   523  O O   . VAL A 1 62 ? 9.346   0.469   -3.398  1.00 24.21 ? 59  VAL A O   1 
ATOM   524  C CB  . VAL A 1 62 ? 9.973   -2.358  -2.487  1.00 20.96 ? 59  VAL A CB  1 
ATOM   525  C CG1 . VAL A 1 62 ? 9.346   -2.380  -1.119  1.00 18.48 ? 59  VAL A CG1 1 
ATOM   526  C CG2 . VAL A 1 62 ? 10.562  -3.741  -2.794  1.00 16.23 ? 59  VAL A CG2 1 
ATOM   527  N N   . LEU A 1 63 ? 7.269   -0.234  -2.850  1.00 21.01 ? 60  LEU A N   1 
ATOM   528  C CA  . LEU A 1 63 ? 6.792   1.088   -2.441  1.00 21.95 ? 60  LEU A CA  1 
ATOM   529  C C   . LEU A 1 63 ? 6.906   1.278   -0.931  1.00 22.51 ? 60  LEU A C   1 
ATOM   530  O O   . LEU A 1 63 ? 6.312   0.522   -0.165  1.00 22.85 ? 60  LEU A O   1 
ATOM   531  C CB  . LEU A 1 63 ? 5.333   1.277   -2.833  1.00 19.40 ? 60  LEU A CB  1 
ATOM   532  C CG  . LEU A 1 63 ? 4.964   1.283   -4.300  1.00 21.26 ? 60  LEU A CG  1 
ATOM   533  C CD1 . LEU A 1 63 ? 3.529   1.729   -4.423  1.00 16.37 ? 60  LEU A CD1 1 
ATOM   534  C CD2 . LEU A 1 63 ? 5.903   2.219   -5.025  1.00 25.53 ? 60  LEU A CD2 1 
ATOM   535  N N   . ILE A 1 64 ? 7.595   2.328   -0.501  1.00 23.65 ? 61  ILE A N   1 
ATOM   536  C CA  . ILE A 1 64 ? 7.734   2.631   0.923   1.00 22.50 ? 61  ILE A CA  1 
ATOM   537  C C   . ILE A 1 64 ? 7.135   4.006   1.175   1.00 19.38 ? 61  ILE A C   1 
ATOM   538  O O   . ILE A 1 64 ? 7.680   5.020   0.723   1.00 20.36 ? 61  ILE A O   1 
ATOM   539  C CB  . ILE A 1 64 ? 9.190   2.570   1.399   1.00 23.79 ? 61  ILE A CB  1 
ATOM   540  C CG1 . ILE A 1 64 ? 9.827   1.235   0.976   1.00 23.81 ? 61  ILE A CG1 1 
ATOM   541  C CG2 . ILE A 1 64 ? 9.240   2.799   2.926   1.00 17.57 ? 61  ILE A CG2 1 
ATOM   542  C CD1 . ILE A 1 64 ? 11.281  1.094   1.318   1.00 23.71 ? 61  ILE A CD1 1 
ATOM   543  N N   . TYR A 1 65 ? 5.999   4.035   1.864   1.00 16.99 ? 62  TYR A N   1 
ATOM   544  C CA  . TYR A 1 65 ? 5.312   5.265   2.253   1.00 20.43 ? 62  TYR A CA  1 
ATOM   545  C C   . TYR A 1 65 ? 5.735   5.633   3.678   1.00 21.85 ? 62  TYR A C   1 
ATOM   546  O O   . TYR A 1 65 ? 5.410   4.916   4.621   1.00 23.48 ? 62  TYR A O   1 
ATOM   547  C CB  . TYR A 1 65 ? 3.790   5.069   2.184   1.00 19.17 ? 62  TYR A CB  1 
ATOM   548  C CG  . TYR A 1 65 ? 3.215   4.960   0.793   1.00 20.10 ? 62  TYR A CG  1 
ATOM   549  C CD1 . TYR A 1 65 ? 2.779   6.098   0.104   1.00 20.56 ? 62  TYR A CD1 1 
ATOM   550  C CD2 . TYR A 1 65 ? 3.120   3.727   0.147   1.00 18.15 ? 62  TYR A CD2 1 
ATOM   551  C CE1 . TYR A 1 65 ? 2.254   6.012   -1.181  1.00 16.94 ? 62  TYR A CE1 1 
ATOM   552  C CE2 . TYR A 1 65 ? 2.605   3.636   -1.152  1.00 18.04 ? 62  TYR A CE2 1 
ATOM   553  C CZ  . TYR A 1 65 ? 2.175   4.779   -1.798  1.00 17.76 ? 62  TYR A CZ  1 
ATOM   554  O OH  . TYR A 1 65 ? 1.672   4.680   -3.063  1.00 19.66 ? 62  TYR A OH  1 
ATOM   555  N N   . ILE A 1 66 ? 6.407   6.764   3.847   1.00 22.09 ? 63  ILE A N   1 
ATOM   556  C CA  . ILE A 1 66 ? 6.973   7.163   5.139   1.00 25.40 ? 63  ILE A CA  1 
ATOM   557  C C   . ILE A 1 66 ? 6.128   8.282   5.754   1.00 27.41 ? 63  ILE A C   1 
ATOM   558  O O   . ILE A 1 66 ? 6.000   9.363   5.164   1.00 32.25 ? 63  ILE A O   1 
ATOM   559  C CB  . ILE A 1 66 ? 8.436   7.608   4.987   1.00 24.51 ? 63  ILE A CB  1 
ATOM   560  C CG1 . ILE A 1 66 ? 9.243   6.520   4.261   1.00 25.56 ? 63  ILE A CG1 1 
ATOM   561  C CG2 . ILE A 1 66 ? 9.024   7.898   6.344   1.00 26.03 ? 63  ILE A CG2 1 
ATOM   562  C CD1 . ILE A 1 66 ? 9.985   6.992   3.047   1.00 22.97 ? 63  ILE A CD1 1 
ATOM   563  N N   . PHE A 1 67 ? 5.593   8.047   6.964   1.00 24.90 ? 64  PHE A N   1 
ATOM   564  C CA  . PHE A 1 67 ? 4.684   8.948   7.685   1.00 28.76 ? 64  PHE A CA  1 
ATOM   565  C C   . PHE A 1 67 ? 5.317   9.451   8.982   1.00 35.54 ? 64  PHE A C   1 
ATOM   566  O O   . PHE A 1 67 ? 6.133   8.747   9.595   1.00 35.70 ? 64  PHE A O   1 
ATOM   567  C CB  . PHE A 1 67 ? 3.354   8.258   8.038   1.00 24.83 ? 64  PHE A CB  1 
ATOM   568  C CG  . PHE A 1 67 ? 2.679   7.646   6.870   1.00 28.89 ? 64  PHE A CG  1 
ATOM   569  C CD1 . PHE A 1 67 ? 2.918   6.312   6.523   1.00 26.54 ? 64  PHE A CD1 1 
ATOM   570  C CD2 . PHE A 1 67 ? 1.814   8.395   6.100   1.00 26.50 ? 64  PHE A CD2 1 
ATOM   571  C CE1 . PHE A 1 67 ? 2.311   5.746   5.425   1.00 22.07 ? 64  PHE A CE1 1 
ATOM   572  C CE2 . PHE A 1 67 ? 1.217   7.836   4.985   1.00 27.82 ? 64  PHE A CE2 1 
ATOM   573  C CZ  . PHE A 1 67 ? 1.450   6.502   4.662   1.00 25.07 ? 64  PHE A CZ  1 
ATOM   574  N N   . PRO A 1 68 ? 4.948   10.656  9.442   1.00 38.82 ? 65  PRO A N   1 
ATOM   575  C CA  . PRO A 1 68 ? 5.419   11.107  10.767  1.00 38.93 ? 65  PRO A CA  1 
ATOM   576  C C   . PRO A 1 68 ? 4.810   10.328  11.923  1.00 34.68 ? 65  PRO A C   1 
ATOM   577  O O   . PRO A 1 68 ? 5.390   10.333  13.011  1.00 40.48 ? 65  PRO A O   1 
ATOM   578  C CB  . PRO A 1 68 ? 5.009   12.585  10.806  1.00 27.12 ? 65  PRO A CB  1 
ATOM   579  C CG  . PRO A 1 68 ? 3.877   12.673  9.848   1.00 39.48 ? 65  PRO A CG  1 
ATOM   580  C CD  . PRO A 1 68 ? 4.219   11.724  8.742   1.00 36.70 ? 65  PRO A CD  1 
ATOM   581  N N   . GLY A 1 69 ? 3.662   9.688   11.733  1.00 33.46 ? 66  GLY A N   1 
ATOM   582  C CA  . GLY A 1 69 ? 3.076   8.864   12.775  1.00 35.41 ? 66  GLY A CA  1 
ATOM   583  C C   . GLY A 1 69 ? 1.922   8.033   12.246  1.00 37.78 ? 66  GLY A C   1 
ATOM   584  O O   . GLY A 1 69 ? 1.553   8.104   11.070  1.00 38.36 ? 66  GLY A O   1 
ATOM   585  N N   . LYS A 1 70 ? 1.307   7.291   13.168  1.00 36.77 ? 67  LYS A N   1 
ATOM   586  C CA  . LYS A 1 70 ? 0.191   6.395   12.867  1.00 33.56 ? 67  LYS A CA  1 
ATOM   587  C C   . LYS A 1 70 ? -1.148  7.114   13.057  1.00 35.44 ? 67  LYS A C   1 
ATOM   588  O O   . LYS A 1 70 ? -1.941  6.786   13.931  1.00 44.20 ? 67  LYS A O   1 
ATOM   589  C CB  . LYS A 1 70 ? 0.280   5.151   13.747  1.00 33.93 ? 67  LYS A CB  1 
ATOM   590  C CG  . LYS A 1 70 ? -0.470  3.933   13.257  1.00 36.04 ? 67  LYS A CG  1 
ATOM   591  C CD  . LYS A 1 70 ? -0.593  2.899   14.378  1.00 40.29 ? 67  LYS A CD  1 
ATOM   592  C CE  . LYS A 1 70 ? -1.484  1.722   13.968  1.00 42.48 ? 67  LYS A CE  1 
ATOM   593  N NZ  . LYS A 1 70 ? -1.174  0.480   14.749  1.00 51.90 ? 67  LYS A NZ  1 
ATOM   594  N N   . ASN A 1 71 ? -1.365  8.158   12.253  1.00 40.75 ? 68  ASN A N   1 
ATOM   595  C CA  . ASN A 1 71 ? -2.655  8.859   12.200  1.00 39.90 ? 68  ASN A CA  1 
ATOM   596  C C   . ASN A 1 71 ? -3.414  8.433   10.943  1.00 37.49 ? 68  ASN A C   1 
ATOM   597  O O   . ASN A 1 71 ? -3.486  9.162   9.954   1.00 39.57 ? 68  ASN A O   1 
ATOM   598  C CB  . ASN A 1 71 ? -2.471  10.379  12.257  1.00 44.70 ? 68  ASN A CB  1 
ATOM   599  C CG  . ASN A 1 71 ? -3.817  11.149  12.385  1.00 55.53 ? 68  ASN A CG  1 
ATOM   600  O OD1 . ASN A 1 71 ? -3.881  12.345  12.082  1.00 56.06 ? 68  ASN A OD1 1 
ATOM   601  N ND2 . ASN A 1 71 ? -4.881  10.467  12.835  1.00 45.00 ? 68  ASN A ND2 1 
ATOM   602  N N   . PHE A 1 72 ? -3.983  7.233   10.980  1.00 32.04 ? 69  PHE A N   1 
ATOM   603  C CA  . PHE A 1 72 ? -4.845  6.807   9.888   1.00 29.06 ? 69  PHE A CA  1 
ATOM   604  C C   . PHE A 1 72 ? -5.837  5.771   10.390  1.00 27.49 ? 69  PHE A C   1 
ATOM   605  O O   . PHE A 1 72 ? -5.614  5.104   11.404  1.00 25.96 ? 69  PHE A O   1 
ATOM   606  C CB  . PHE A 1 72 ? -4.051  6.229   8.697   1.00 25.62 ? 69  PHE A CB  1 
ATOM   607  C CG  . PHE A 1 72 ? -3.223  5.016   9.030   1.00 31.39 ? 69  PHE A CG  1 
ATOM   608  C CD1 . PHE A 1 72 ? -3.752  3.718   8.939   1.00 28.78 ? 69  PHE A CD1 1 
ATOM   609  C CD2 . PHE A 1 72 ? -1.902  5.168   9.405   1.00 37.76 ? 69  PHE A CD2 1 
ATOM   610  C CE1 . PHE A 1 72 ? -3.008  2.621   9.268   1.00 29.70 ? 69  PHE A CE1 1 
ATOM   611  C CE2 . PHE A 1 72 ? -1.137  4.062   9.718   1.00 39.73 ? 69  PHE A CE2 1 
ATOM   612  C CZ  . PHE A 1 72 ? -1.698  2.782   9.648   1.00 37.50 ? 69  PHE A CZ  1 
ATOM   613  N N   . ASP A 1 73 ? -6.894  5.589   9.608   1.00 25.36 ? 70  ASP A N   1 
ATOM   614  C CA  . ASP A 1 73 ? -7.763  4.429   9.701   1.00 27.40 ? 70  ASP A CA  1 
ATOM   615  C C   . ASP A 1 73 ? -7.517  3.550   8.477   1.00 30.41 ? 70  ASP A C   1 
ATOM   616  O O   . ASP A 1 73 ? -7.130  4.041   7.415   1.00 27.30 ? 70  ASP A O   1 
ATOM   617  C CB  . ASP A 1 73 ? -9.248  4.818   9.740   1.00 26.99 ? 70  ASP A CB  1 
ATOM   618  C CG  . ASP A 1 73 ? -9.611  5.682   10.932  1.00 34.94 ? 70  ASP A CG  1 
ATOM   619  O OD1 . ASP A 1 73 ? -10.255 6.734   10.715  1.00 39.47 ? 70  ASP A OD1 1 
ATOM   620  O OD2 . ASP A 1 73 ? -9.272  5.315   12.077  1.00 37.94 ? 70  ASP A OD2 1 
ATOM   621  N N   . LEU A 1 74 ? -7.721  2.244   8.639   1.00 26.47 ? 71  LEU A N   1 
ATOM   622  C CA  . LEU A 1 74 ? -7.679  1.292   7.537   1.00 19.61 ? 71  LEU A CA  1 
ATOM   623  C C   . LEU A 1 74 ? -9.027  0.594   7.461   1.00 23.10 ? 71  LEU A C   1 
ATOM   624  O O   . LEU A 1 74 ? -9.500  0.030   8.453   1.00 23.54 ? 71  LEU A O   1 
ATOM   625  C CB  . LEU A 1 74 ? -6.560  0.248   7.694   1.00 21.18 ? 71  LEU A CB  1 
ATOM   626  C CG  . LEU A 1 74 ? -6.679  -1.044  6.854   1.00 21.59 ? 71  LEU A CG  1 
ATOM   627  C CD1 . LEU A 1 74 ? -6.400  -0.836  5.349   1.00 16.14 ? 71  LEU A CD1 1 
ATOM   628  C CD2 . LEU A 1 74 ? -5.788  -2.145  7.403   1.00 22.18 ? 71  LEU A CD2 1 
ATOM   629  N N   . HIS A 1 75 ? -9.649  0.645   6.291   1.00 21.14 ? 72  HIS A N   1 
ATOM   630  C CA  . HIS A 1 75 ? -10.841 -0.129  6.012   1.00 18.41 ? 72  HIS A CA  1 
ATOM   631  C C   . HIS A 1 75 ? -10.511 -1.159  4.942   1.00 24.49 ? 72  HIS A C   1 
ATOM   632  O O   . HIS A 1 75 ? -9.890  -0.827  3.924   1.00 20.17 ? 72  HIS A O   1 
ATOM   633  C CB  . HIS A 1 75 ? -11.994 0.767   5.565   1.00 21.49 ? 72  HIS A CB  1 
ATOM   634  C CG  . HIS A 1 75 ? -13.244 0.012   5.233   1.00 28.28 ? 72  HIS A CG  1 
ATOM   635  N ND1 . HIS A 1 75 ? -13.968 -0.685  6.178   1.00 28.72 ? 72  HIS A ND1 1 
ATOM   636  C CD2 . HIS A 1 75 ? -13.886 -0.175  4.055   1.00 26.89 ? 72  HIS A CD2 1 
ATOM   637  C CE1 . HIS A 1 75 ? -15.011 -1.249  5.598   1.00 32.59 ? 72  HIS A CE1 1 
ATOM   638  N NE2 . HIS A 1 75 ? -14.988 -0.948  4.311   1.00 29.22 ? 72  HIS A NE2 1 
ATOM   639  N N   . VAL A 1 76 ? -10.956 -2.394  5.162   1.00 25.66 ? 73  VAL A N   1 
ATOM   640  C CA  . VAL A 1 76 ? -10.711 -3.505  4.253   1.00 24.76 ? 73  VAL A CA  1 
ATOM   641  C C   . VAL A 1 76 ? -12.029 -3.855  3.579   1.00 28.94 ? 73  VAL A C   1 
ATOM   642  O O   . VAL A 1 76 ? -13.053 -4.038  4.258   1.00 28.64 ? 73  VAL A O   1 
ATOM   643  C CB  . VAL A 1 76 ? -10.153 -4.744  4.986   1.00 27.50 ? 73  VAL A CB  1 
ATOM   644  C CG1 . VAL A 1 76 ? -9.803  -5.861  3.979   1.00 28.51 ? 73  VAL A CG1 1 
ATOM   645  C CG2 . VAL A 1 76 ? -8.970  -4.414  5.876   1.00 18.68 ? 73  VAL A CG2 1 
ATOM   646  N N   . VAL A 1 77 ? -12.013 -3.910  2.248   1.00 23.98 ? 74  VAL A N   1 
ATOM   647  C CA  . VAL A 1 77 ? -13.105 -4.459  1.454   1.00 20.24 ? 74  VAL A CA  1 
ATOM   648  C C   . VAL A 1 77 ? -12.721 -5.877  1.052   1.00 27.67 ? 74  VAL A C   1 
ATOM   649  O O   . VAL A 1 77 ? -11.589 -6.122  0.608   1.00 28.92 ? 74  VAL A O   1 
ATOM   650  C CB  . VAL A 1 77 ? -13.393 -3.590  0.223   1.00 21.28 ? 74  VAL A CB  1 
ATOM   651  C CG1 . VAL A 1 77 ? -14.596 -4.126  -0.542  1.00 25.16 ? 74  VAL A CG1 1 
ATOM   652  C CG2 . VAL A 1 77 ? -13.646 -2.169  0.659   1.00 24.89 ? 74  VAL A CG2 1 
ATOM   653  N N   . GLY A 1 78 ? -13.638 -6.819  1.239   1.00 24.20 ? 75  GLY A N   1 
ATOM   654  C CA  . GLY A 1 78 ? -13.356 -8.196  0.909   1.00 20.45 ? 75  GLY A CA  1 
ATOM   655  C C   . GLY A 1 78 ? -12.807 -8.978  2.075   1.00 24.02 ? 75  GLY A C   1 
ATOM   656  O O   . GLY A 1 78 ? -13.204 -8.735  3.215   1.00 26.58 ? 75  GLY A O   1 
ATOM   657  N N   . ARG A 1 79 ? -11.875 -9.894  1.807   1.00 32.25 ? 76  ARG A N   1 
ATOM   658  C CA  . ARG A 1 79 ? -11.341 -10.772 2.844   1.00 33.52 ? 76  ARG A CA  1 
ATOM   659  C C   . ARG A 1 79 ? -10.363 -10.025 3.743   1.00 31.22 ? 76  ARG A C   1 
ATOM   660  O O   . ARG A 1 79 ? -9.400  -9.418  3.265   1.00 31.64 ? 76  ARG A O   1 
ATOM   661  C CB  . ARG A 1 79 ? -10.665 -11.995 2.209   1.00 35.10 ? 76  ARG A CB  1 
ATOM   662  C CG  . ARG A 1 79 ? -9.887  -12.868 3.191   1.00 43.36 ? 76  ARG A CG  1 
ATOM   663  C CD  . ARG A 1 79 ? -10.722 -14.016 3.834   1.00 47.10 ? 76  ARG A CD  1 
ATOM   664  N NE  . ARG A 1 79 ? -9.855  -15.129 4.254   1.00 55.71 ? 76  ARG A NE  1 
ATOM   665  C CZ  . ARG A 1 79 ? -9.590  -15.494 5.517   1.00 58.12 ? 76  ARG A CZ  1 
ATOM   666  N NH1 . ARG A 1 79 ? -10.112 -14.853 6.567   1.00 43.79 ? 76  ARG A NH1 1 
ATOM   667  N NH2 . ARG A 1 79 ? -8.773  -16.517 5.732   1.00 61.46 ? 76  ARG A NH2 1 
ATOM   668  N N   . ASP A 1 80 ? -10.619 -10.073 5.051   1.00 32.52 ? 77  ASP A N   1 
ATOM   669  C CA  . ASP A 1 80 ? -9.687  -9.584  6.062   1.00 33.00 ? 77  ASP A CA  1 
ATOM   670  C C   . ASP A 1 80 ? -8.998  -10.780 6.701   1.00 34.40 ? 77  ASP A C   1 
ATOM   671  O O   . ASP A 1 80 ? -9.598  -11.482 7.514   1.00 39.00 ? 77  ASP A O   1 
ATOM   672  C CB  . ASP A 1 80 ? -10.419 -8.773  7.125   1.00 31.97 ? 77  ASP A CB  1 
ATOM   673  C CG  . ASP A 1 80 ? -9.517  -7.795  7.844   1.00 37.44 ? 77  ASP A CG  1 
ATOM   674  O OD1 . ASP A 1 80 ? -8.308  -8.069  7.972   1.00 42.00 ? 77  ASP A OD1 1 
ATOM   675  O OD2 . ASP A 1 80 ? -10.024 -6.742  8.294   1.00 36.28 ? 77  ASP A OD2 1 
ATOM   676  N N   . LYS A 1 81 ? -7.738  -11.002 6.331   1.00 41.82 ? 78  LYS A N   1 
ATOM   677  C CA  . LYS A 1 81 ? -6.921  -12.074 6.892   1.00 43.30 ? 78  LYS A CA  1 
ATOM   678  C C   . LYS A 1 81 ? -6.438  -11.778 8.313   1.00 39.17 ? 78  LYS A C   1 
ATOM   679  O O   . LYS A 1 81 ? -5.910  -12.675 8.971   1.00 53.37 ? 78  LYS A O   1 
ATOM   680  C CB  . LYS A 1 81 ? -5.770  -12.395 5.945   1.00 39.42 ? 78  LYS A CB  1 
ATOM   681  C CG  . LYS A 1 81 ? -6.226  -13.217 4.738   1.00 46.88 ? 78  LYS A CG  1 
ATOM   682  C CD  . LYS A 1 81 ? -5.684  -12.717 3.393   1.00 50.42 ? 78  LYS A CD  1 
ATOM   683  C CE  . LYS A 1 81 ? -6.168  -13.526 2.196   1.00 51.48 ? 78  LYS A CE  1 
ATOM   684  N NZ  . LYS A 1 81 ? -5.045  -14.031 1.338   1.00 63.96 ? 78  LYS A NZ  1 
ATOM   685  N N   . SER A 1 82 ? -6.547  -10.541 8.775   1.00 44.28 ? 79  SER A N   1 
ATOM   686  C CA  . SER A 1 82 ? -6.067  -10.161 10.103  1.00 49.28 ? 79  SER A CA  1 
ATOM   687  C C   . SER A 1 82 ? -7.089  -10.599 11.169  1.00 54.93 ? 79  SER A C   1 
ATOM   688  O O   . SER A 1 82 ? -8.282  -10.331 11.022  1.00 51.88 ? 79  SER A O   1 
ATOM   689  C CB  . SER A 1 82 ? -5.853  -8.647  10.179  1.00 49.71 ? 79  SER A CB  1 
ATOM   690  O OG  . SER A 1 82 ? -4.598  -8.273  9.614   1.00 48.88 ? 79  SER A OG  1 
ATOM   691  N N   . PRO A 1 83 ? -6.617  -11.242 12.249  1.00 60.52 ? 80  PRO A N   1 
ATOM   692  C CA  . PRO A 1 83 ? -7.589  -11.816 13.206  1.00 58.56 ? 80  PRO A CA  1 
ATOM   693  C C   . PRO A 1 83 ? -8.246  -10.748 14.051  1.00 52.88 ? 80  PRO A C   1 
ATOM   694  O O   . PRO A 1 83 ? -7.662  -9.706  14.350  1.00 52.08 ? 80  PRO A O   1 
ATOM   695  C CB  . PRO A 1 83 ? -6.718  -12.746 14.070  1.00 60.18 ? 80  PRO A CB  1 
ATOM   696  C CG  . PRO A 1 83 ? -5.413  -12.922 13.299  1.00 57.00 ? 80  PRO A CG  1 
ATOM   697  C CD  . PRO A 1 83 ? -5.240  -11.654 12.523  1.00 54.48 ? 80  PRO A CD  1 
ATOM   698  N N   . VAL A 1 84 ? -9.485  -11.035 14.451  1.00 52.82 ? 81  VAL A N   1 
ATOM   699  C CA  . VAL A 1 84 ? -10.305 -10.094 15.205  1.00 48.83 ? 81  VAL A CA  1 
ATOM   700  C C   . VAL A 1 84 ? -10.101 -10.359 16.686  1.00 54.73 ? 81  VAL A C   1 
ATOM   701  O O   . VAL A 1 84 ? -10.229 -11.501 17.142  1.00 59.75 ? 81  VAL A O   1 
ATOM   702  C CB  . VAL A 1 84 ? -11.791 -10.231 14.819  1.00 49.65 ? 81  VAL A CB  1 
ATOM   703  C CG1 . VAL A 1 84 ? -12.719 -9.596  15.869  1.00 45.34 ? 81  VAL A CG1 1 
ATOM   704  C CG2 . VAL A 1 84 ? -12.038 -9.627  13.449  1.00 46.29 ? 81  VAL A CG2 1 
ATOM   705  N N   . GLU A 1 85 ? -9.834  -9.303  17.445  1.00 50.14 ? 82  GLU A N   1 
ATOM   706  C CA  . GLU A 1 85 ? -9.577  -9.413  18.864  1.00 41.28 ? 82  GLU A CA  1 
ATOM   707  C C   . GLU A 1 85 ? -10.806 -8.956  19.635  1.00 44.05 ? 82  GLU A C   1 
ATOM   708  O O   . GLU A 1 85 ? -11.601 -8.145  19.152  1.00 45.19 ? 82  GLU A O   1 
ATOM   709  C CB  . GLU A 1 85 ? -8.386  -8.558  19.258  1.00 42.25 ? 82  GLU A CB  1 
ATOM   710  C CG  . GLU A 1 85 ? -7.049  -9.078  18.783  1.00 49.37 ? 82  GLU A CG  1 
ATOM   711  C CD  . GLU A 1 85 ? -5.911  -8.161  19.199  1.00 55.12 ? 82  GLU A CD  1 
ATOM   712  O OE1 . GLU A 1 85 ? -4.738  -8.499  18.928  1.00 53.71 ? 82  GLU A OE1 1 
ATOM   713  O OE2 . GLU A 1 85 ? -6.200  -7.103  19.797  1.00 53.10 ? 82  GLU A OE2 1 
ATOM   714  N N   . MET A 1 86 ? -10.961 -9.502  20.834  1.00 37.63 ? 83  MET A N   1 
ATOM   715  C CA  . MET A 1 86 ? -12.068 -9.149  21.715  1.00 35.08 ? 83  MET A CA  1 
ATOM   716  C C   . MET A 1 86 ? -11.683 -7.946  22.564  1.00 42.06 ? 83  MET A C   1 
ATOM   717  O O   . MET A 1 86 ? -10.697 -8.001  23.309  1.00 39.20 ? 83  MET A O   1 
ATOM   718  C CB  . MET A 1 86 ? -12.453 -10.321 22.616  1.00 34.51 ? 83  MET A CB  1 
ATOM   719  C CG  . MET A 1 86 ? -13.609 -10.029 23.555  1.00 33.26 ? 83  MET A CG  1 
ATOM   720  S SD  . MET A 1 86 ? -14.276 -11.529 24.297  1.00 35.95 ? 83  MET A SD  1 
ATOM   721  C CE  . MET A 1 86 ? -13.011 -11.948 25.488  1.00 27.06 ? 83  MET A CE  1 
ATOM   722  N N   . ILE A 1 87 ? -12.383 -6.835  22.339  1.00 44.71 ? 84  ILE A N   1 
ATOM   723  C CA  . ILE A 1 87 ? -12.285 -5.610  23.131  1.00 53.73 ? 84  ILE A CA  1 
ATOM   724  C C   . ILE A 1 87 ? -13.580 -5.380  23.897  1.00 57.16 ? 84  ILE A C   1 
ATOM   725  O O   . ILE A 1 87 ? -14.647 -5.199  23.301  1.00 66.24 ? 84  ILE A O   1 
ATOM   726  C CB  . ILE A 1 87 ? -11.824 -4.384  22.303  1.00 58.96 ? 84  ILE A CB  1 
ATOM   727  C CG1 . ILE A 1 87 ? -10.706 -4.732  21.272  1.00 57.32 ? 84  ILE A CG1 1 
ATOM   728  C CG2 . ILE A 1 87 ? -11.714 -3.087  23.186  1.00 66.41 ? 84  ILE A CG2 1 
ATOM   729  C CD1 . ILE A 1 87 ? -11.067 -4.855  19.776  1.00 52.35 ? 84  ILE A CD1 1 
ATOM   730  N N   . ILE A 1 88 ? -13.473 -5.434  25.225  1.00 51.79 ? 85  ILE A N   1 
ATOM   731  C CA  . ILE A 1 88 ? -14.575 -5.156  26.151  1.00 60.24 ? 85  ILE A CA  1 
ATOM   732  C C   . ILE A 1 88 ? -14.863 -3.647  26.299  1.00 75.38 ? 85  ILE A C   1 
ATOM   733  O O   . ILE A 1 88 ? -13.960 -2.817  26.395  1.00 87.20 ? 85  ILE A O   1 
ATOM   734  C CB  . ILE A 1 88 ? -14.281 -5.848  27.541  1.00 51.12 ? 85  ILE A CB  1 
ATOM   735  C CG1 . ILE A 1 88 ? -13.029 -5.272  28.265  1.00 47.67 ? 85  ILE A CG1 1 
ATOM   736  C CG2 . ILE A 1 88 ? -14.165 -7.383  27.392  1.00 48.53 ? 85  ILE A CG2 1 
ATOM   737  C CD1 . ILE A 1 88 ? -13.308 -4.207  29.356  1.00 54.80 ? 85  ILE A CD1 1 
ATOM   738  N N   . SER B 1 2  ? -13.664 16.834  6.197   1.00 41.09 ? -1  SER B N   1 
ATOM   739  C CA  . SER B 1 2  ? -14.487 16.522  5.029   1.00 47.70 ? -1  SER B CA  1 
ATOM   740  C C   . SER B 1 2  ? -13.649 15.963  3.876   1.00 55.54 ? -1  SER B C   1 
ATOM   741  O O   . SER B 1 2  ? -14.171 15.244  3.007   1.00 42.11 ? -1  SER B O   1 
ATOM   742  C CB  . SER B 1 2  ? -15.252 17.757  4.545   1.00 52.26 ? -1  SER B CB  1 
ATOM   743  O OG  . SER B 1 2  ? -15.493 17.713  3.140   1.00 38.71 ? -1  SER B OG  1 
ATOM   744  N N   . HIS B 1 3  ? -12.360 16.315  3.833   1.00 51.48 ? 0   HIS B N   1 
ATOM   745  C CA  . HIS B 1 3  ? -11.500 15.854  2.756   1.00 36.91 ? 0   HIS B CA  1 
ATOM   746  C C   . HIS B 1 3  ? -10.351 15.022  3.306   1.00 44.78 ? 0   HIS B C   1 
ATOM   747  O O   . HIS B 1 3  ? -9.728  15.384  4.313   1.00 48.95 ? 0   HIS B O   1 
ATOM   748  C CB  . HIS B 1 3  ? -11.003 17.023  1.941   1.00 30.88 ? 0   HIS B CB  1 
ATOM   749  C CG  . HIS B 1 3  ? -11.755 17.174  0.665   1.00 37.81 ? 0   HIS B CG  1 
ATOM   750  N ND1 . HIS B 1 3  ? -11.256 16.753  -0.549  1.00 42.41 ? 0   HIS B ND1 1 
ATOM   751  C CD2 . HIS B 1 3  ? -13.016 17.605  0.424   1.00 48.05 ? 0   HIS B CD2 1 
ATOM   752  C CE1 . HIS B 1 3  ? -12.162 16.953  -1.489  1.00 40.44 ? 0   HIS B CE1 1 
ATOM   753  N NE2 . HIS B 1 3  ? -13.238 17.474  -0.926  1.00 52.25 ? 0   HIS B NE2 1 
ATOM   754  N N   . MET B 1 4  ? -10.056 13.922  2.614   1.00 37.39 ? 1   MET B N   1 
ATOM   755  C CA  . MET B 1 4  ? -9.045  12.980  3.057   1.00 37.83 ? 1   MET B CA  1 
ATOM   756  C C   . MET B 1 4  ? -8.120  12.571  1.928   1.00 32.28 ? 1   MET B C   1 
ATOM   757  O O   . MET B 1 4  ? -8.463  12.662  0.748   1.00 33.66 ? 1   MET B O   1 
ATOM   758  C CB  . MET B 1 4  ? -9.672  11.709  3.622   1.00 43.00 ? 1   MET B CB  1 
ATOM   759  C CG  . MET B 1 4  ? -10.137 11.789  5.079   1.00 46.98 ? 1   MET B CG  1 
ATOM   760  S SD  . MET B 1 4  ? -11.851 12.245  5.171   1.00 67.37 ? 1   MET B SD  1 
ATOM   761  C CE  . MET B 1 4  ? -12.521 10.909  4.198   1.00 43.61 ? 1   MET B CE  1 
ATOM   762  N N   . TYR B 1 5  ? -6.966  12.042  2.312   1.00 29.06 ? 2   TYR B N   1 
ATOM   763  C CA  . TYR B 1 5  ? -6.083  11.365  1.377   1.00 29.86 ? 2   TYR B CA  1 
ATOM   764  C C   . TYR B 1 5  ? -6.177  9.865   1.585   1.00 27.20 ? 2   TYR B C   1 
ATOM   765  O O   . TYR B 1 5  ? -6.230  9.382   2.721   1.00 28.49 ? 2   TYR B O   1 
ATOM   766  C CB  . TYR B 1 5  ? -4.632  11.799  1.531   1.00 29.81 ? 2   TYR B CB  1 
ATOM   767  C CG  . TYR B 1 5  ? -3.837  11.511  0.289   1.00 29.40 ? 2   TYR B CG  1 
ATOM   768  C CD1 . TYR B 1 5  ? -3.831  12.414  -0.766  1.00 31.84 ? 2   TYR B CD1 1 
ATOM   769  C CD2 . TYR B 1 5  ? -3.113  10.332  0.154   1.00 26.92 ? 2   TYR B CD2 1 
ATOM   770  C CE1 . TYR B 1 5  ? -3.120  12.159  -1.916  1.00 27.39 ? 2   TYR B CE1 1 
ATOM   771  C CE2 . TYR B 1 5  ? -2.396  10.071  -0.998  1.00 27.95 ? 2   TYR B CE2 1 
ATOM   772  C CZ  . TYR B 1 5  ? -2.404  10.997  -2.020  1.00 27.63 ? 2   TYR B CZ  1 
ATOM   773  O OH  . TYR B 1 5  ? -1.702  10.771  -3.158  1.00 28.69 ? 2   TYR B OH  1 
ATOM   774  N N   . VAL B 1 6  ? -6.153  9.127   0.493   1.00 22.93 ? 3   VAL B N   1 
ATOM   775  C CA  . VAL B 1 6  ? -6.334  7.695   0.598   1.00 25.43 ? 3   VAL B CA  1 
ATOM   776  C C   . VAL B 1 6  ? -5.206  6.986   -0.150  1.00 27.27 ? 3   VAL B C   1 
ATOM   777  O O   . VAL B 1 6  ? -4.650  7.512   -1.118  1.00 27.60 ? 3   VAL B O   1 
ATOM   778  C CB  . VAL B 1 6  ? -7.750  7.336   0.090   1.00 24.40 ? 3   VAL B CB  1 
ATOM   779  C CG1 . VAL B 1 6  ? -7.819  7.160   -1.402  1.00 28.32 ? 3   VAL B CG1 1 
ATOM   780  C CG2 . VAL B 1 6  ? -8.273  6.162   0.795   1.00 25.97 ? 3   VAL B CG2 1 
ATOM   781  N N   . ILE B 1 7  ? -4.824  5.807   0.345   1.00 25.63 ? 4   ILE B N   1 
ATOM   782  C CA  . ILE B 1 7  ? -3.919  4.903   -0.369  1.00 23.43 ? 4   ILE B CA  1 
ATOM   783  C C   . ILE B 1 7  ? -4.607  3.553   -0.446  1.00 21.52 ? 4   ILE B C   1 
ATOM   784  O O   . ILE B 1 7  ? -4.938  2.962   0.589   1.00 21.76 ? 4   ILE B O   1 
ATOM   785  C CB  . ILE B 1 7  ? -2.557  4.741   0.322   1.00 24.00 ? 4   ILE B CB  1 
ATOM   786  C CG1 . ILE B 1 7  ? -1.802  6.056   0.408   1.00 22.17 ? 4   ILE B CG1 1 
ATOM   787  C CG2 . ILE B 1 7  ? -1.708  3.710   -0.412  1.00 17.10 ? 4   ILE B CG2 1 
ATOM   788  C CD1 . ILE B 1 7  ? -0.569  5.927   1.265   1.00 18.11 ? 4   ILE B CD1 1 
ATOM   789  N N   . VAL B 1 8  ? -4.815  3.066   -1.664  1.00 19.41 ? 5   VAL B N   1 
ATOM   790  C CA  . VAL B 1 8  ? -5.604  1.864   -1.920  1.00 20.14 ? 5   VAL B CA  1 
ATOM   791  C C   . VAL B 1 8  ? -4.704  0.770   -2.505  1.00 16.76 ? 5   VAL B C   1 
ATOM   792  O O   . VAL B 1 8  ? -4.065  0.976   -3.536  1.00 16.35 ? 5   VAL B O   1 
ATOM   793  C CB  . VAL B 1 8  ? -6.782  2.189   -2.848  1.00 21.02 ? 5   VAL B CB  1 
ATOM   794  C CG1 . VAL B 1 8  ? -7.550  0.948   -3.218  1.00 20.49 ? 5   VAL B CG1 1 
ATOM   795  C CG2 . VAL B 1 8  ? -7.681  3.198   -2.180  1.00 22.81 ? 5   VAL B CG2 1 
ATOM   796  N N   . VAL B 1 9  ? -4.629  -0.390  -1.856  1.00 15.01 ? 6   VAL B N   1 
ATOM   797  C CA  . VAL B 1 9  ? -3.921  -1.558  -2.403  1.00 22.16 ? 6   VAL B CA  1 
ATOM   798  C C   . VAL B 1 9  ? -4.901  -2.715  -2.616  1.00 20.58 ? 6   VAL B C   1 
ATOM   799  O O   . VAL B 1 9  ? -5.458  -3.243  -1.643  1.00 19.89 ? 6   VAL B O   1 
ATOM   800  C CB  . VAL B 1 9  ? -2.780  -2.015  -1.478  1.00 20.46 ? 6   VAL B CB  1 
ATOM   801  C CG1 . VAL B 1 9  ? -1.884  -2.998  -2.202  1.00 10.91 ? 6   VAL B CG1 1 
ATOM   802  C CG2 . VAL B 1 9  ? -1.997  -0.807  -0.925  1.00 20.66 ? 6   VAL B CG2 1 
ATOM   803  N N   . TYR B 1 10 ? -5.038  -3.178  -3.863  1.00 17.33 ? 7   TYR B N   1 
ATOM   804  C CA  . TYR B 1 10 ? -5.974  -4.264  -4.147  1.00 20.35 ? 7   TYR B CA  1 
ATOM   805  C C   . TYR B 1 10 ? -5.269  -5.581  -4.438  1.00 20.69 ? 7   TYR B C   1 
ATOM   806  O O   . TYR B 1 10 ? -4.176  -5.622  -4.998  1.00 24.54 ? 7   TYR B O   1 
ATOM   807  C CB  . TYR B 1 10 ? -6.915  -3.947  -5.320  1.00 20.10 ? 7   TYR B CB  1 
ATOM   808  C CG  . TYR B 1 10 ? -6.285  -3.769  -6.699  1.00 20.51 ? 7   TYR B CG  1 
ATOM   809  C CD1 . TYR B 1 10 ? -6.104  -4.850  -7.569  1.00 27.17 ? 7   TYR B CD1 1 
ATOM   810  C CD2 . TYR B 1 10 ? -5.952  -2.514  -7.161  1.00 21.54 ? 7   TYR B CD2 1 
ATOM   811  C CE1 . TYR B 1 10 ? -5.548  -4.685  -8.827  1.00 19.93 ? 7   TYR B CE1 1 
ATOM   812  C CE2 . TYR B 1 10 ? -5.416  -2.339  -8.417  1.00 28.19 ? 7   TYR B CE2 1 
ATOM   813  C CZ  . TYR B 1 10 ? -5.218  -3.429  -9.245  1.00 24.56 ? 7   TYR B CZ  1 
ATOM   814  O OH  . TYR B 1 10 ? -4.678  -3.238  -10.490 1.00 25.08 ? 7   TYR B OH  1 
ATOM   815  N N   . ASP B 1 11 ? -5.951  -6.665  -4.109  1.00 23.98 ? 8   ASP B N   1 
ATOM   816  C CA  . ASP B 1 11 ? -5.478  -8.015  -4.406  1.00 30.10 ? 8   ASP B CA  1 
ATOM   817  C C   . ASP B 1 11 ? -6.689  -8.793  -4.919  1.00 33.66 ? 8   ASP B C   1 
ATOM   818  O O   . ASP B 1 11 ? -7.444  -9.381  -4.138  1.00 34.37 ? 8   ASP B O   1 
ATOM   819  C CB  . ASP B 1 11 ? -4.868  -8.661  -3.183  1.00 29.59 ? 8   ASP B CB  1 
ATOM   820  C CG  . ASP B 1 11 ? -4.215  -9.954  -3.508  1.00 35.20 ? 8   ASP B CG  1 
ATOM   821  O OD1 . ASP B 1 11 ? -3.096  -9.897  -4.054  1.00 43.14 ? 8   ASP B OD1 1 
ATOM   822  O OD2 . ASP B 1 11 ? -4.818  -11.013 -3.248  1.00 35.41 ? 8   ASP B OD2 1 
ATOM   823  N N   . VAL B 1 12 ? -6.871  -8.773  -6.245  1.00 32.24 ? 9   VAL B N   1 
ATOM   824  C CA  . VAL B 1 12 ? -8.055  -9.290  -6.919  1.00 33.34 ? 9   VAL B CA  1 
ATOM   825  C C   . VAL B 1 12 ? -7.653  -10.332 -7.966  1.00 33.53 ? 9   VAL B C   1 
ATOM   826  O O   . VAL B 1 12 ? -6.639  -10.182 -8.654  1.00 37.29 ? 9   VAL B O   1 
ATOM   827  C CB  . VAL B 1 12 ? -8.802  -8.088  -7.562  1.00 26.19 ? 9   VAL B CB  1 
ATOM   828  C CG1 . VAL B 1 12 ? -10.025 -8.502  -8.308  1.00 26.58 ? 9   VAL B CG1 1 
ATOM   829  C CG2 . VAL B 1 12 ? -9.182  -7.048  -6.517  1.00 24.06 ? 9   VAL B CG2 1 
ATOM   830  N N   . ASN B 1 13 ? -8.489  -11.361 -8.131  1.00 33.67 ? 10  ASN B N   1 
ATOM   831  C CA  . ASN B 1 13 ? -8.325  -12.361 -9.178  1.00 30.73 ? 10  ASN B CA  1 
ATOM   832  C C   . ASN B 1 13 ? -8.475  -11.714 -10.557 1.00 34.96 ? 10  ASN B C   1 
ATOM   833  O O   . ASN B 1 13 ? -9.092  -10.654 -10.705 1.00 42.57 ? 10  ASN B O   1 
ATOM   834  C CB  . ASN B 1 13 ? -9.340  -13.485 -8.974  1.00 32.58 ? 10  ASN B CB  1 
ATOM   835  C CG  . ASN B 1 13 ? -9.093  -14.683 -9.870  1.00 42.16 ? 10  ASN B CG  1 
ATOM   836  O OD1 . ASN B 1 13 ? -9.975  -15.095 -10.631 1.00 45.63 ? 10  ASN B OD1 1 
ATOM   837  N ND2 . ASN B 1 13 ? -7.893  -15.246 -9.792  1.00 41.05 ? 10  ASN B ND2 1 
ATOM   838  N N   . VAL B 1 14 ? -7.872  -12.347 -11.574 1.00 31.41 ? 11  VAL B N   1 
ATOM   839  C CA  . VAL B 1 14 ? -7.814  -11.769 -12.920 1.00 27.22 ? 11  VAL B CA  1 
ATOM   840  C C   . VAL B 1 14 ? -9.198  -11.719 -13.581 1.00 32.72 ? 11  VAL B C   1 
ATOM   841  O O   . VAL B 1 14 ? -9.399  -10.978 -14.556 1.00 33.09 ? 11  VAL B O   1 
ATOM   842  C CB  . VAL B 1 14 ? -6.748  -12.527 -13.755 1.00 28.05 ? 11  VAL B CB  1 
ATOM   843  C CG1 . VAL B 1 14 ? -7.232  -13.860 -14.236 1.00 23.79 ? 11  VAL B CG1 1 
ATOM   844  C CG2 . VAL B 1 14 ? -6.233  -11.678 -14.902 1.00 21.65 ? 11  VAL B CG2 1 
ATOM   845  N N   . GLU B 1 15 ? -10.173 -12.477 -13.054 1.00 38.11 ? 12  GLU B N   1 
ATOM   846  C CA  . GLU B 1 15 ? -11.544 -12.402 -13.554 1.00 33.96 ? 12  GLU B CA  1 
ATOM   847  C C   . GLU B 1 15 ? -12.182 -11.052 -13.236 1.00 34.13 ? 12  GLU B C   1 
ATOM   848  O O   . GLU B 1 15 ? -12.912 -10.491 -14.059 1.00 39.48 ? 12  GLU B O   1 
ATOM   849  C CB  . GLU B 1 15 ? -12.396 -13.503 -12.909 1.00 38.40 ? 12  GLU B CB  1 
ATOM   850  C CG  . GLU B 1 15 ? -12.221 -14.809 -13.517 1.00 49.68 ? 12  GLU B CG  1 
ATOM   851  C CD  . GLU B 1 15 ? -12.969 -15.943 -12.852 1.00 56.87 ? 12  GLU B CD  1 
ATOM   852  O OE1 . GLU B 1 15 ? -14.065 -15.674 -12.315 1.00 53.63 ? 12  GLU B OE1 1 
ATOM   853  O OE2 . GLU B 1 15 ? -12.465 -17.103 -12.881 1.00 54.96 ? 12  GLU B OE2 1 
ATOM   854  N N   . ARG B 1 16 ? -11.863 -10.481 -12.076 1.00 31.10 ? 13  ARG B N   1 
ATOM   855  C CA  . ARG B 1 16 ? -12.451 -9.221  -11.650 1.00 29.82 ? 13  ARG B CA  1 
ATOM   856  C C   . ARG B 1 16 ? -11.458 -8.073  -11.645 1.00 31.59 ? 13  ARG B C   1 
ATOM   857  O O   . ARG B 1 16 ? -11.846 -6.958  -11.279 1.00 30.31 ? 13  ARG B O   1 
ATOM   858  C CB  . ARG B 1 16 ? -13.039 -9.345  -10.240 1.00 29.27 ? 13  ARG B CB  1 
ATOM   859  C CG  . ARG B 1 16 ? -14.090 -10.384 -10.077 1.00 28.70 ? 13  ARG B CG  1 
ATOM   860  C CD  . ARG B 1 16 ? -14.105 -10.919 -8.678  1.00 26.93 ? 13  ARG B CD  1 
ATOM   861  N NE  . ARG B 1 16 ? -14.240 -12.370 -8.719  1.00 38.47 ? 13  ARG B NE  1 
ATOM   862  C CZ  . ARG B 1 16 ? -13.371 -13.234 -8.208  1.00 37.05 ? 13  ARG B CZ  1 
ATOM   863  N NH1 . ARG B 1 16 ? -12.289 -12.814 -7.588  1.00 35.92 ? 13  ARG B NH1 1 
ATOM   864  N NH2 . ARG B 1 16 ? -13.595 -14.533 -8.316  1.00 51.13 ? 13  ARG B NH2 1 
ATOM   865  N N   . VAL B 1 17 ? -10.209 -8.300  -12.077 1.00 30.12 ? 14  VAL B N   1 
ATOM   866  C CA  . VAL B 1 17 ? -9.160  -7.306  -11.858 1.00 27.32 ? 14  VAL B CA  1 
ATOM   867  C C   . VAL B 1 17 ? -9.340  -6.064  -12.728 1.00 30.16 ? 14  VAL B C   1 
ATOM   868  O O   . VAL B 1 17 ? -9.082  -4.947  -12.261 1.00 32.97 ? 14  VAL B O   1 
ATOM   869  C CB  . VAL B 1 17 ? -7.750  -7.932  -12.017 1.00 29.14 ? 14  VAL B CB  1 
ATOM   870  C CG1 . VAL B 1 17 ? -7.312  -8.111  -13.471 1.00 30.18 ? 14  VAL B CG1 1 
ATOM   871  C CG2 . VAL B 1 17 ? -6.726  -7.075  -11.303 1.00 25.98 ? 14  VAL B CG2 1 
ATOM   872  N N   . ASN B 1 18 ? -9.893  -6.205  -13.936 1.00 31.70 ? 15  ASN B N   1 
ATOM   873  C CA  . ASN B 1 18 ? -10.009 -5.055  -14.819 1.00 26.73 ? 15  ASN B CA  1 
ATOM   874  C C   . ASN B 1 18 ? -11.108 -4.134  -14.346 1.00 33.93 ? 15  ASN B C   1 
ATOM   875  O O   . ASN B 1 18 ? -10.955 -2.904  -14.401 1.00 36.67 ? 15  ASN B O   1 
ATOM   876  C CB  . ASN B 1 18 ? -10.299 -5.521  -16.249 1.00 33.06 ? 15  ASN B CB  1 
ATOM   877  C CG  . ASN B 1 18 ? -10.250 -4.398  -17.240 1.00 34.76 ? 15  ASN B CG  1 
ATOM   878  O OD1 . ASN B 1 18 ? -11.274 -3.769  -17.520 1.00 32.96 ? 15  ASN B OD1 1 
ATOM   879  N ND2 . ASN B 1 18 ? -9.056  -4.114  -17.762 1.00 30.31 ? 15  ASN B ND2 1 
ATOM   880  N N   . ARG B 1 19 ? -12.145 -4.721  -13.752 1.00 31.24 ? 16  ARG B N   1 
ATOM   881  C CA  . ARG B 1 19 ? -13.231 -3.949  -13.184 1.00 33.18 ? 16  ARG B CA  1 
ATOM   882  C C   . ARG B 1 19 ? -12.843 -3.189  -11.925 1.00 35.25 ? 16  ARG B C   1 
ATOM   883  O O   . ARG B 1 19 ? -13.387 -2.110  -11.658 1.00 35.00 ? 16  ARG B O   1 
ATOM   884  C CB  . ARG B 1 19 ? -14.361 -4.879  -12.782 1.00 37.71 ? 16  ARG B CB  1 
ATOM   885  C CG  . ARG B 1 19 ? -15.406 -5.153  -13.748 1.00 42.14 ? 16  ARG B CG  1 
ATOM   886  C CD  . ARG B 1 19 ? -16.446 -5.875  -12.915 1.00 66.83 ? 16  ARG B CD  1 
ATOM   887  N NE  . ARG B 1 19 ? -17.744 -5.205  -13.066 1.00 83.26 ? 16  ARG B NE  1 
ATOM   888  C CZ  . ARG B 1 19 ? -18.956 -5.722  -12.910 1.00 78.14 ? 16  ARG B CZ  1 
ATOM   889  N NH1 . ARG B 1 19 ? -19.127 -7.006  -12.623 1.00 81.19 ? 16  ARG B NH1 1 
ATOM   890  N NH2 . ARG B 1 19 ? -20.011 -4.923  -13.071 1.00 78.42 ? 16  ARG B NH2 1 
ATOM   891  N N   . VAL B 1 20 ? -11.946 -3.746  -11.117 1.00 32.29 ? 17  VAL B N   1 
ATOM   892  C CA  . VAL B 1 20 ? -11.486 -3.039  -9.927  1.00 28.04 ? 17  VAL B CA  1 
ATOM   893  C C   . VAL B 1 20 ? -10.547 -1.907  -10.337 1.00 32.52 ? 17  VAL B C   1 
ATOM   894  O O   . VAL B 1 20 ? -10.626 -0.783  -9.816  1.00 30.26 ? 17  VAL B O   1 
ATOM   895  C CB  . VAL B 1 20 ? -10.828 -4.035  -8.942  1.00 28.18 ? 17  VAL B CB  1 
ATOM   896  C CG1 . VAL B 1 20 ? -10.215 -3.333  -7.756  1.00 25.86 ? 17  VAL B CG1 1 
ATOM   897  C CG2 . VAL B 1 20 ? -11.863 -5.044  -8.442  1.00 24.88 ? 17  VAL B CG2 1 
ATOM   898  N N   . HIS B 1 21 ? -9.702  -2.171  -11.339 1.00 30.89 ? 18  HIS B N   1 
ATOM   899  C CA  . HIS B 1 21 ? -8.735  -1.191  -11.832 1.00 26.68 ? 18  HIS B CA  1 
ATOM   900  C C   . HIS B 1 21 ? -9.415  -0.032  -12.554 1.00 28.97 ? 18  HIS B C   1 
ATOM   901  O O   . HIS B 1 21 ? -8.993  1.120   -12.411 1.00 30.26 ? 18  HIS B O   1 
ATOM   902  C CB  . HIS B 1 21 ? -7.753  -1.879  -12.776 1.00 26.78 ? 18  HIS B CB  1 
ATOM   903  C CG  . HIS B 1 21 ? -6.529  -1.077  -13.086 1.00 24.30 ? 18  HIS B CG  1 
ATOM   904  N ND1 . HIS B 1 21 ? -6.348  -0.433  -14.290 1.00 21.30 ? 18  HIS B ND1 1 
ATOM   905  C CD2 . HIS B 1 21 ? -5.411  -0.840  -12.356 1.00 22.99 ? 18  HIS B CD2 1 
ATOM   906  C CE1 . HIS B 1 21 ? -5.181  0.182   -14.281 1.00 24.76 ? 18  HIS B CE1 1 
ATOM   907  N NE2 . HIS B 1 21 ? -4.593  -0.052  -13.122 1.00 24.48 ? 18  HIS B NE2 1 
ATOM   908  N N   . LYS B 1 22 ? -10.458 -0.312  -13.338 1.00 30.56 ? 19  LYS B N   1 
ATOM   909  C CA  . LYS B 1 22 ? -11.136 0.764   -14.052 1.00 33.34 ? 19  LYS B CA  1 
ATOM   910  C C   . LYS B 1 22 ? -11.921 1.654   -13.101 1.00 33.31 ? 19  LYS B C   1 
ATOM   911  O O   . LYS B 1 22 ? -11.933 2.885   -13.257 1.00 32.69 ? 19  LYS B O   1 
ATOM   912  C CB  . LYS B 1 22 ? -12.062 0.184   -15.119 1.00 36.29 ? 19  LYS B CB  1 
ATOM   913  C CG  . LYS B 1 22 ? -11.385 0.004   -16.446 1.00 43.86 ? 19  LYS B CG  1 
ATOM   914  C CD  . LYS B 1 22 ? -12.371 -0.291  -17.559 1.00 48.77 ? 19  LYS B CD  1 
ATOM   915  C CE  . LYS B 1 22 ? -11.621 -0.441  -18.882 1.00 51.21 ? 19  LYS B CE  1 
ATOM   916  N NZ  . LYS B 1 22 ? -10.697 0.716   -19.106 1.00 47.04 ? 19  LYS B NZ  1 
ATOM   917  N N   . LEU B 1 23 ? -12.546 1.047   -12.092 1.00 26.68 ? 20  LEU B N   1 
ATOM   918  C CA  . LEU B 1 23 ? -13.293 1.813   -11.105 1.00 25.22 ? 20  LEU B CA  1 
ATOM   919  C C   . LEU B 1 23 ? -12.366 2.681   -10.268 1.00 31.15 ? 20  LEU B C   1 
ATOM   920  O O   . LEU B 1 23 ? -12.649 3.865   -10.059 1.00 33.18 ? 20  LEU B O   1 
ATOM   921  C CB  . LEU B 1 23 ? -14.096 0.865   -10.222 1.00 24.84 ? 20  LEU B CB  1 
ATOM   922  C CG  . LEU B 1 23 ? -14.663 1.440   -8.940  1.00 23.92 ? 20  LEU B CG  1 
ATOM   923  C CD1 . LEU B 1 23 ? -15.767 2.376   -9.277  1.00 23.24 ? 20  LEU B CD1 1 
ATOM   924  C CD2 . LEU B 1 23 ? -15.149 0.334   -8.023  1.00 27.90 ? 20  LEU B CD2 1 
ATOM   925  N N   . LEU B 1 24 ? -11.216 2.137   -9.849  1.00 29.58 ? 21  LEU B N   1 
ATOM   926  C CA  . LEU B 1 24 ? -10.262 2.931   -9.083  1.00 25.12 ? 21  LEU B CA  1 
ATOM   927  C C   . LEU B 1 24 ? -9.618  4.018   -9.922  1.00 26.86 ? 21  LEU B C   1 
ATOM   928  O O   . LEU B 1 24 ? -9.159  5.013   -9.360  1.00 31.39 ? 21  LEU B O   1 
ATOM   929  C CB  . LEU B 1 24 ? -9.167  2.045   -8.494  1.00 25.14 ? 21  LEU B CB  1 
ATOM   930  C CG  . LEU B 1 24 ? -9.594  1.226   -7.289  1.00 23.30 ? 21  LEU B CG  1 
ATOM   931  C CD1 . LEU B 1 24 ? -8.614  0.077   -7.056  1.00 22.32 ? 21  LEU B CD1 1 
ATOM   932  C CD2 . LEU B 1 24 ? -9.694  2.121   -6.072  1.00 19.88 ? 21  LEU B CD2 1 
ATOM   933  N N   . LYS B 1 25 ? -9.607  3.876   -11.248 1.00 29.33 ? 22  LYS B N   1 
ATOM   934  C CA  . LYS B 1 25 ? -9.010  4.897   -12.108 1.00 34.92 ? 22  LYS B CA  1 
ATOM   935  C C   . LYS B 1 25 ? -9.922  6.121   -12.303 1.00 29.00 ? 22  LYS B C   1 
ATOM   936  O O   . LYS B 1 25 ? -9.422  7.214   -12.592 1.00 27.12 ? 22  LYS B O   1 
ATOM   937  C CB  . LYS B 1 25 ? -8.675  4.263   -13.466 1.00 32.38 ? 22  LYS B CB  1 
ATOM   938  C CG  . LYS B 1 25 ? -7.488  4.860   -14.178 1.00 37.22 ? 22  LYS B CG  1 
ATOM   939  C CD  . LYS B 1 25 ? -7.043  4.010   -15.367 1.00 35.70 ? 22  LYS B CD  1 
ATOM   940  C CE  . LYS B 1 25 ? -5.654  4.448   -15.865 1.00 46.09 ? 22  LYS B CE  1 
ATOM   941  N NZ  . LYS B 1 25 ? -5.549  5.923   -16.180 1.00 44.25 ? 22  LYS B NZ  1 
ATOM   942  N N   . THR B 1 26 ? -11.244 5.953   -12.157 1.00 22.45 ? 23  THR B N   1 
ATOM   943  C CA  . THR B 1 26 ? -12.176 7.086   -12.163 1.00 25.41 ? 23  THR B CA  1 
ATOM   944  C C   . THR B 1 26 ? -12.015 7.996   -10.944 1.00 27.49 ? 23  THR B C   1 
ATOM   945  O O   . THR B 1 26 ? -12.276 9.200   -11.033 1.00 31.24 ? 23  THR B O   1 
ATOM   946  C CB  . THR B 1 26 ? -13.623 6.609   -12.318 1.00 25.29 ? 23  THR B CB  1 
ATOM   947  O OG1 . THR B 1 26 ? -14.054 5.924   -11.142 1.00 29.24 ? 23  THR B OG1 1 
ATOM   948  C CG2 . THR B 1 26 ? -13.734 5.669   -13.523 1.00 21.69 ? 23  THR B CG2 1 
ATOM   949  N N   . TYR B 1 27 ? -11.700 7.438   -9.774  1.00 25.90 ? 24  TYR B N   1 
ATOM   950  C CA  . TYR B 1 27 ? -11.629 8.225   -8.548  1.00 22.05 ? 24  TYR B CA  1 
ATOM   951  C C   . TYR B 1 27 ? -10.230 8.673   -8.180  1.00 24.35 ? 24  TYR B C   1 
ATOM   952  O O   . TYR B 1 27 ? -10.089 9.657   -7.450  1.00 29.14 ? 24  TYR B O   1 
ATOM   953  C CB  . TYR B 1 27 ? -12.139 7.434   -7.346  1.00 23.96 ? 24  TYR B CB  1 
ATOM   954  C CG  . TYR B 1 27 ? -13.587 7.122   -7.354  1.00 22.07 ? 24  TYR B CG  1 
ATOM   955  C CD1 . TYR B 1 27 ? -14.497 7.946   -6.705  1.00 26.24 ? 24  TYR B CD1 1 
ATOM   956  C CD2 . TYR B 1 27 ? -14.049 5.990   -7.981  1.00 22.44 ? 24  TYR B CD2 1 
ATOM   957  C CE1 . TYR B 1 27 ? -15.841 7.646   -6.710  1.00 24.93 ? 24  TYR B CE1 1 
ATOM   958  C CE2 . TYR B 1 27 ? -15.372 5.688   -7.998  1.00 27.52 ? 24  TYR B CE2 1 
ATOM   959  C CZ  . TYR B 1 27 ? -16.266 6.512   -7.360  1.00 27.86 ? 24  TYR B CZ  1 
ATOM   960  O OH  . TYR B 1 27 ? -17.596 6.178   -7.383  1.00 37.20 ? 24  TYR B OH  1 
ATOM   961  N N   . LEU B 1 28 ? -9.202  7.905   -8.535  1.00 24.11 ? 25  LEU B N   1 
ATOM   962  C CA  . LEU B 1 28 ? -7.879  8.067   -7.950  1.00 20.71 ? 25  LEU B CA  1 
ATOM   963  C C   . LEU B 1 28 ? -6.802  8.003   -9.017  1.00 25.47 ? 25  LEU B C   1 
ATOM   964  O O   . LEU B 1 28 ? -7.071  7.747   -10.193 1.00 30.44 ? 25  LEU B O   1 
ATOM   965  C CB  . LEU B 1 28 ? -7.613  7.015   -6.869  1.00 20.33 ? 25  LEU B CB  1 
ATOM   966  C CG  . LEU B 1 28 ? -8.463  7.127   -5.605  1.00 21.43 ? 25  LEU B CG  1 
ATOM   967  C CD1 . LEU B 1 28 ? -8.367  5.868   -4.807  1.00 22.95 ? 25  LEU B CD1 1 
ATOM   968  C CD2 . LEU B 1 28 ? -8.046  8.307   -4.778  1.00 18.79 ? 25  LEU B CD2 1 
ATOM   969  N N   . PHE B 1 29 ? -5.576  8.293   -8.582  1.00 24.83 ? 26  PHE B N   1 
ATOM   970  C CA  . PHE B 1 29 ? -4.388  8.213   -9.421  1.00 25.63 ? 26  PHE B CA  1 
ATOM   971  C C   . PHE B 1 29 ? -3.717  6.854   -9.270  1.00 27.14 ? 26  PHE B C   1 
ATOM   972  O O   . PHE B 1 29 ? -3.397  6.436   -8.154  1.00 24.56 ? 26  PHE B O   1 
ATOM   973  C CB  . PHE B 1 29 ? -3.404  9.329   -9.070  1.00 26.32 ? 26  PHE B CB  1 
ATOM   974  C CG  . PHE B 1 29 ? -3.850  10.676  -9.550  1.00 48.98 ? 26  PHE B CG  1 
ATOM   975  C CD1 . PHE B 1 29 ? -4.570  10.792  -10.746 1.00 47.71 ? 26  PHE B CD1 1 
ATOM   976  C CD2 . PHE B 1 29 ? -3.587  11.824  -8.806  1.00 52.13 ? 26  PHE B CD2 1 
ATOM   977  C CE1 . PHE B 1 29 ? -5.001  12.022  -11.202 1.00 49.40 ? 26  PHE B CE1 1 
ATOM   978  C CE2 . PHE B 1 29 ? -4.016  13.072  -9.255  1.00 52.12 ? 26  PHE B CE2 1 
ATOM   979  C CZ  . PHE B 1 29 ? -4.721  13.172  -10.452 1.00 62.48 ? 26  PHE B CZ  1 
ATOM   980  N N   . TRP B 1 30 ? -3.495  6.181   -10.395 1.00 25.27 ? 27  TRP B N   1 
ATOM   981  C CA  . TRP B 1 30 ? -2.713  4.950   -10.427 1.00 22.19 ? 27  TRP B CA  1 
ATOM   982  C C   . TRP B 1 30 ? -1.264  5.297   -10.169 1.00 23.32 ? 27  TRP B C   1 
ATOM   983  O O   . TRP B 1 30 ? -0.660  6.027   -10.955 1.00 25.19 ? 27  TRP B O   1 
ATOM   984  C CB  . TRP B 1 30 ? -2.855  4.250   -11.772 1.00 22.69 ? 27  TRP B CB  1 
ATOM   985  C CG  . TRP B 1 30 ? -2.238  2.887   -11.815 1.00 28.16 ? 27  TRP B CG  1 
ATOM   986  C CD1 . TRP B 1 30 ? -1.879  2.102   -10.745 1.00 24.70 ? 27  TRP B CD1 1 
ATOM   987  C CD2 . TRP B 1 30 ? -1.924  2.122   -12.993 1.00 29.04 ? 27  TRP B CD2 1 
ATOM   988  N NE1 . TRP B 1 30 ? -1.367  0.908   -11.193 1.00 24.84 ? 27  TRP B NE1 1 
ATOM   989  C CE2 . TRP B 1 30 ? -1.379  0.896   -12.563 1.00 24.35 ? 27  TRP B CE2 1 
ATOM   990  C CE3 . TRP B 1 30 ? -2.057  2.354   -14.367 1.00 29.50 ? 27  TRP B CE3 1 
ATOM   991  C CZ2 . TRP B 1 30 ? -0.968  -0.089  -13.457 1.00 22.55 ? 27  TRP B CZ2 1 
ATOM   992  C CZ3 . TRP B 1 30 ? -1.633  1.382   -15.245 1.00 23.67 ? 27  TRP B CZ3 1 
ATOM   993  C CH2 . TRP B 1 30 ? -1.099  0.176   -14.787 1.00 23.34 ? 27  TRP B CH2 1 
ATOM   994  N N   . ARG B 1 31 ? -0.719  4.829   -9.043  1.00 25.26 ? 28  ARG B N   1 
ATOM   995  C CA  . ARG B 1 31 ? 0.696   5.073   -8.763  1.00 25.82 ? 28  ARG B CA  1 
ATOM   996  C C   . ARG B 1 31 ? 1.545   4.145   -9.622  1.00 27.66 ? 28  ARG B C   1 
ATOM   997  O O   . ARG B 1 31 ? 2.269   4.590   -10.519 1.00 34.92 ? 28  ARG B O   1 
ATOM   998  C CB  . ARG B 1 31 ? 0.968   4.863   -7.264  1.00 24.64 ? 28  ARG B CB  1 
ATOM   999  C CG  . ARG B 1 31 ? 2.426   4.753   -6.855  1.00 21.81 ? 28  ARG B CG  1 
ATOM   1000 C CD  . ARG B 1 31 ? 3.128   6.052   -7.109  1.00 25.87 ? 28  ARG B CD  1 
ATOM   1001 N NE  . ARG B 1 31 ? 2.650   7.076   -6.198  1.00 22.10 ? 28  ARG B NE  1 
ATOM   1002 C CZ  . ARG B 1 31 ? 2.958   8.357   -6.302  1.00 22.24 ? 28  ARG B CZ  1 
ATOM   1003 N NH1 . ARG B 1 31 ? 3.739   8.755   -7.291  1.00 24.87 ? 28  ARG B NH1 1 
ATOM   1004 N NH2 . ARG B 1 31 ? 2.483   9.226   -5.417  1.00 19.19 ? 28  ARG B NH2 1 
ATOM   1005 N N   . GLN B 1 32 ? 1.478   2.857   -9.318  1.00 25.27 ? 29  GLN B N   1 
ATOM   1006 C CA  . GLN B 1 32 ? 1.982   1.716   -10.048 1.00 27.95 ? 29  GLN B CA  1 
ATOM   1007 C C   . GLN B 1 32 ? 1.295   0.508   -9.429  1.00 31.78 ? 29  GLN B C   1 
ATOM   1008 O O   . GLN B 1 32 ? 0.365   0.662   -8.620  1.00 32.17 ? 29  GLN B O   1 
ATOM   1009 C CB  . GLN B 1 32 ? 3.519   1.631   -10.103 1.00 32.34 ? 29  GLN B CB  1 
ATOM   1010 C CG  . GLN B 1 32 ? 4.291   1.504   -8.834  1.00 32.54 ? 29  GLN B CG  1 
ATOM   1011 C CD  . GLN B 1 32 ? 5.746   1.613   -9.165  1.00 31.37 ? 29  GLN B CD  1 
ATOM   1012 O OE1 . GLN B 1 32 ? 6.453   0.622   -9.216  1.00 29.67 ? 29  GLN B OE1 1 
ATOM   1013 N NE2 . GLN B 1 32 ? 6.191   2.830   -9.466  1.00 31.07 ? 29  GLN B NE2 1 
ATOM   1014 N N   . ASN B 1 33 ? 1.894   -0.650  -9.616  1.00 32.80 ? 30  ASN B N   1 
ATOM   1015 C CA  . ASN B 1 33 ? 1.291   -1.926  -9.939  1.00 30.27 ? 30  ASN B CA  1 
ATOM   1016 C C   . ASN B 1 33 ? -0.142  -2.152  -9.472  1.00 28.22 ? 30  ASN B C   1 
ATOM   1017 O O   . ASN B 1 33 ? -1.034  -2.198  -10.313 1.00 38.63 ? 30  ASN B O   1 
ATOM   1018 C CB  . ASN B 1 33 ? 2.213   -2.991  -9.296  1.00 38.87 ? 30  ASN B CB  1 
ATOM   1019 C CG  . ASN B 1 33 ? 3.732   -2.602  -9.373  1.00 41.09 ? 30  ASN B CG  1 
ATOM   1020 O OD1 . ASN B 1 33 ? 4.369   -2.715  -10.429 1.00 44.96 ? 30  ASN B OD1 1 
ATOM   1021 N ND2 . ASN B 1 33 ? 4.297   -2.135  -8.237  1.00 34.45 ? 30  ASN B ND2 1 
ATOM   1022 N N   . SER B 1 34 ? -0.426  -2.129  -8.184  1.00 27.88 ? 31  SER B N   1 
ATOM   1023 C CA  . SER B 1 34 ? -1.810  -2.343  -7.741  1.00 23.58 ? 31  SER B CA  1 
ATOM   1024 C C   . SER B 1 34 ? -2.183  -1.332  -6.679  1.00 24.04 ? 31  SER B C   1 
ATOM   1025 O O   . SER B 1 34 ? -3.050  -1.592  -5.830  1.00 18.67 ? 31  SER B O   1 
ATOM   1026 C CB  . SER B 1 34 ? -2.069  -3.747  -7.177  1.00 21.96 ? 31  SER B CB  1 
ATOM   1027 O OG  . SER B 1 34 ? -1.835  -4.749  -8.149  1.00 32.07 ? 31  SER B OG  1 
ATOM   1028 N N   . VAL B 1 35 ? -1.521  -0.179  -6.723  1.00 22.45 ? 32  VAL B N   1 
ATOM   1029 C CA  . VAL B 1 35 ? -1.671  0.861   -5.725  1.00 21.92 ? 32  VAL B CA  1 
ATOM   1030 C C   . VAL B 1 35 ? -2.244  2.104   -6.382  1.00 21.06 ? 32  VAL B C   1 
ATOM   1031 O O   . VAL B 1 35 ? -1.704  2.599   -7.377  1.00 24.18 ? 32  VAL B O   1 
ATOM   1032 C CB  . VAL B 1 35 ? -0.334  1.158   -5.034  1.00 22.48 ? 32  VAL B CB  1 
ATOM   1033 C CG1 . VAL B 1 35 ? -0.504  2.311   -4.055  1.00 17.23 ? 32  VAL B CG1 1 
ATOM   1034 C CG2 . VAL B 1 35 ? 0.178   -0.125  -4.322  1.00 18.43 ? 32  VAL B CG2 1 
ATOM   1035 N N   . PHE B 1 36 ? -3.346  2.594   -5.828  1.00 20.31 ? 33  PHE B N   1 
ATOM   1036 C CA  . PHE B 1 36 ? -3.949  3.855   -6.222  1.00 21.00 ? 33  PHE B CA  1 
ATOM   1037 C C   . PHE B 1 36 ? -3.894  4.801   -5.032  1.00 22.18 ? 33  PHE B C   1 
ATOM   1038 O O   . PHE B 1 36 ? -3.853  4.360   -3.879  1.00 22.99 ? 33  PHE B O   1 
ATOM   1039 C CB  . PHE B 1 36 ? -5.389  3.681   -6.676  1.00 18.49 ? 33  PHE B CB  1 
ATOM   1040 C CG  . PHE B 1 36 ? -5.528  3.162   -8.064  1.00 21.85 ? 33  PHE B CG  1 
ATOM   1041 C CD1 . PHE B 1 36 ? -5.308  1.821   -8.344  1.00 22.41 ? 33  PHE B CD1 1 
ATOM   1042 C CD2 . PHE B 1 36 ? -5.909  4.000   -9.092  1.00 23.04 ? 33  PHE B CD2 1 
ATOM   1043 C CE1 . PHE B 1 36 ? -5.450  1.338   -9.635  1.00 22.76 ? 33  PHE B CE1 1 
ATOM   1044 C CE2 . PHE B 1 36 ? -6.056  3.509   -10.385 1.00 26.65 ? 33  PHE B CE2 1 
ATOM   1045 C CZ  . PHE B 1 36 ? -5.820  2.183   -10.653 1.00 19.35 ? 33  PHE B CZ  1 
ATOM   1046 N N   . GLU B 1 37 ? -3.833  6.100   -5.313  1.00 21.65 ? 34  GLU B N   1 
ATOM   1047 C CA  . GLU B 1 37 ? -3.833  7.090   -4.248  1.00 21.38 ? 34  GLU B CA  1 
ATOM   1048 C C   . GLU B 1 37 ? -4.421  8.388   -4.767  1.00 22.54 ? 34  GLU B C   1 
ATOM   1049 O O   . GLU B 1 37 ? -4.588  8.585   -5.974  1.00 24.19 ? 34  GLU B O   1 
ATOM   1050 C CB  . GLU B 1 37 ? -2.435  7.315   -3.678  1.00 20.96 ? 34  GLU B CB  1 
ATOM   1051 C CG  . GLU B 1 37 ? -1.393  7.572   -4.701  1.00 21.38 ? 34  GLU B CG  1 
ATOM   1052 C CD  . GLU B 1 37 ? -0.050  7.856   -4.075  1.00 24.97 ? 34  GLU B CD  1 
ATOM   1053 O OE1 . GLU B 1 37 ? 0.097   8.894   -3.400  1.00 24.53 ? 34  GLU B OE1 1 
ATOM   1054 O OE2 . GLU B 1 37 ? 0.866   7.033   -4.262  1.00 23.37 ? 34  GLU B OE2 1 
ATOM   1055 N N   . GLY B 1 38 ? -4.759  9.262   -3.838  1.00 23.89 ? 35  GLY B N   1 
ATOM   1056 C CA  . GLY B 1 38 ? -5.272  10.570  -4.199  1.00 24.33 ? 35  GLY B CA  1 
ATOM   1057 C C   . GLY B 1 38 ? -6.223  11.118  -3.152  1.00 25.27 ? 35  GLY B C   1 
ATOM   1058 O O   . GLY B 1 38 ? -6.542  10.481  -2.155  1.00 21.18 ? 35  GLY B O   1 
ATOM   1059 N N   . GLU B 1 39 ? -6.666  12.341  -3.413  1.00 30.14 ? 36  GLU B N   1 
ATOM   1060 C CA  . GLU B 1 39 ? -7.620  13.013  -2.552  1.00 26.23 ? 36  GLU B CA  1 
ATOM   1061 C C   . GLU B 1 39 ? -9.042  12.545  -2.822  1.00 22.59 ? 36  GLU B C   1 
ATOM   1062 O O   . GLU B 1 39 ? -9.421  12.282  -3.963  1.00 25.30 ? 36  GLU B O   1 
ATOM   1063 C CB  . GLU B 1 39 ? -7.520  14.517  -2.758  1.00 27.68 ? 36  GLU B CB  1 
ATOM   1064 C CG  . GLU B 1 39 ? -7.326  15.286  -1.485  1.00 39.79 ? 36  GLU B CG  1 
ATOM   1065 C CD  . GLU B 1 39 ? -7.061  16.740  -1.752  1.00 57.00 ? 36  GLU B CD  1 
ATOM   1066 O OE1 . GLU B 1 39 ? -7.656  17.271  -2.722  1.00 52.15 ? 36  GLU B OE1 1 
ATOM   1067 O OE2 . GLU B 1 39 ? -6.256  17.347  -1.008  1.00 63.83 ? 36  GLU B OE2 1 
ATOM   1068 N N   . LEU B 1 40 ? -9.826  12.438  -1.759  1.00 23.66 ? 37  LEU B N   1 
ATOM   1069 C CA  . LEU B 1 40 ? -11.234 12.082  -1.857  1.00 29.83 ? 37  LEU B CA  1 
ATOM   1070 C C   . LEU B 1 40 ? -12.023 12.827  -0.790  1.00 33.47 ? 37  LEU B C   1 
ATOM   1071 O O   . LEU B 1 40 ? -11.529 13.056  0.318   1.00 33.95 ? 37  LEU B O   1 
ATOM   1072 C CB  . LEU B 1 40 ? -11.475 10.577  -1.678  1.00 25.95 ? 37  LEU B CB  1 
ATOM   1073 C CG  . LEU B 1 40 ? -11.173 9.626   -2.826  1.00 24.84 ? 37  LEU B CG  1 
ATOM   1074 C CD1 . LEU B 1 40 ? -11.588 8.216   -2.440  1.00 23.86 ? 37  LEU B CD1 1 
ATOM   1075 C CD2 . LEU B 1 40 ? -11.853 10.067  -4.102  1.00 24.88 ? 37  LEU B CD2 1 
ATOM   1076 N N   . SER B 1 41 ? -13.248 13.209  -1.130  1.00 35.42 ? 38  SER B N   1 
ATOM   1077 C CA  . SER B 1 41 ? -14.197 13.638  -0.119  1.00 35.94 ? 38  SER B CA  1 
ATOM   1078 C C   . SER B 1 41 ? -14.818 12.397  0.519   1.00 38.42 ? 38  SER B C   1 
ATOM   1079 O O   . SER B 1 41 ? -14.574 11.268  0.085   1.00 42.49 ? 38  SER B O   1 
ATOM   1080 C CB  . SER B 1 41 ? -15.247 14.542  -0.750  1.00 31.14 ? 38  SER B CB  1 
ATOM   1081 O OG  . SER B 1 41 ? -15.894 13.885  -1.826  1.00 33.94 ? 38  SER B OG  1 
ATOM   1082 N N   . LYS B 1 42 ? -15.661 12.585  1.536   1.00 36.22 ? 39  LYS B N   1 
ATOM   1083 C CA  . LYS B 1 42 ? -16.198 11.409  2.212   1.00 31.49 ? 39  LYS B CA  1 
ATOM   1084 C C   . LYS B 1 42 ? -17.326 10.800  1.398   1.00 33.09 ? 39  LYS B C   1 
ATOM   1085 O O   . LYS B 1 42 ? -17.479 9.575   1.382   1.00 34.51 ? 39  LYS B O   1 
ATOM   1086 C CB  . LYS B 1 42 ? -16.666 11.762  3.634   1.00 30.35 ? 39  LYS B CB  1 
ATOM   1087 C CG  . LYS B 1 42 ? -15.489 12.108  4.541   1.00 44.57 ? 39  LYS B CG  1 
ATOM   1088 C CD  . LYS B 1 42 ? -15.754 12.617  5.989   1.00 49.48 ? 39  LYS B CD  1 
ATOM   1089 C CE  . LYS B 1 42 ? -17.151 12.364  6.544   1.00 54.94 ? 39  LYS B CE  1 
ATOM   1090 N NZ  . LYS B 1 42 ? -17.275 12.992  7.890   1.00 57.41 ? 39  LYS B NZ  1 
ATOM   1091 N N   . ALA B 1 43 ? -18.043 11.628  0.634   1.00 28.53 ? 40  ALA B N   1 
ATOM   1092 C CA  . ALA B 1 43 ? -19.058 11.106  -0.266  1.00 31.17 ? 40  ALA B CA  1 
ATOM   1093 C C   . ALA B 1 43 ? -18.431 10.277  -1.371  1.00 31.03 ? 40  ALA B C   1 
ATOM   1094 O O   . ALA B 1 43 ? -18.991 9.257   -1.774  1.00 30.10 ? 40  ALA B O   1 
ATOM   1095 C CB  . ALA B 1 43 ? -19.876 12.262  -0.852  1.00 29.55 ? 40  ALA B CB  1 
ATOM   1096 N N   . GLN B 1 44 ? -17.242 10.665  -1.817  1.00 32.19 ? 41  GLN B N   1 
ATOM   1097 C CA  . GLN B 1 44 ? -16.574 9.929   -2.869  1.00 29.89 ? 41  GLN B CA  1 
ATOM   1098 C C   . GLN B 1 44 ? -15.949 8.649   -2.329  1.00 32.64 ? 41  GLN B C   1 
ATOM   1099 O O   . GLN B 1 44 ? -15.995 7.610   -2.995  1.00 34.92 ? 41  GLN B O   1 
ATOM   1100 C CB  . GLN B 1 44 ? -15.513 10.814  -3.511  1.00 31.51 ? 41  GLN B CB  1 
ATOM   1101 C CG  . GLN B 1 44 ? -16.038 11.815  -4.516  1.00 32.92 ? 41  GLN B CG  1 
ATOM   1102 C CD  . GLN B 1 44 ? -14.925 12.688  -5.075  1.00 41.62 ? 41  GLN B CD  1 
ATOM   1103 O OE1 . GLN B 1 44 ? -14.164 13.305  -4.322  1.00 39.74 ? 41  GLN B OE1 1 
ATOM   1104 N NE2 . GLN B 1 44 ? -14.798 12.712  -6.400  1.00 39.74 ? 41  GLN B NE2 1 
ATOM   1105 N N   . LEU B 1 45 ? -15.403 8.694   -1.110  1.00 28.06 ? 42  LEU B N   1 
ATOM   1106 C CA  . LEU B 1 45 ? -14.818 7.498   -0.514  1.00 25.87 ? 42  LEU B CA  1 
ATOM   1107 C C   . LEU B 1 45 ? -15.890 6.473   -0.174  1.00 28.48 ? 42  LEU B C   1 
ATOM   1108 O O   . LEU B 1 45 ? -15.677 5.267   -0.352  1.00 31.36 ? 42  LEU B O   1 
ATOM   1109 C CB  . LEU B 1 45 ? -13.988 7.857   0.732   1.00 27.10 ? 42  LEU B CB  1 
ATOM   1110 C CG  . LEU B 1 45 ? -13.315 6.696   1.505   1.00 28.08 ? 42  LEU B CG  1 
ATOM   1111 C CD1 . LEU B 1 45 ? -12.562 5.721   0.613   1.00 25.75 ? 42  LEU B CD1 1 
ATOM   1112 C CD2 . LEU B 1 45 ? -12.355 7.171   2.525   1.00 27.00 ? 42  LEU B CD2 1 
ATOM   1113 N N   . TYR B 1 46 ? -17.048 6.926   0.309   1.00 28.11 ? 43  TYR B N   1 
ATOM   1114 C CA  . TYR B 1 46 ? -18.126 5.985   0.589   1.00 29.66 ? 43  TYR B CA  1 
ATOM   1115 C C   . TYR B 1 46 ? -18.688 5.373   -0.689  1.00 31.28 ? 43  TYR B C   1 
ATOM   1116 O O   . TYR B 1 46 ? -19.040 4.188   -0.698  1.00 33.94 ? 43  TYR B O   1 
ATOM   1117 C CB  . TYR B 1 46 ? -19.236 6.674   1.365   1.00 27.18 ? 43  TYR B CB  1 
ATOM   1118 C CG  . TYR B 1 46 ? -19.062 6.593   2.850   1.00 32.68 ? 43  TYR B CG  1 
ATOM   1119 C CD1 . TYR B 1 46 ? -19.347 5.425   3.544   1.00 30.39 ? 43  TYR B CD1 1 
ATOM   1120 C CD2 . TYR B 1 46 ? -18.603 7.690   3.566   1.00 32.89 ? 43  TYR B CD2 1 
ATOM   1121 C CE1 . TYR B 1 46 ? -19.182 5.358   4.901   1.00 30.09 ? 43  TYR B CE1 1 
ATOM   1122 C CE2 . TYR B 1 46 ? -18.440 7.638   4.916   1.00 33.91 ? 43  TYR B CE2 1 
ATOM   1123 C CZ  . TYR B 1 46 ? -18.724 6.471   5.587   1.00 37.42 ? 43  TYR B CZ  1 
ATOM   1124 O OH  . TYR B 1 46 ? -18.543 6.435   6.955   1.00 43.26 ? 43  TYR B OH  1 
ATOM   1125 N N   . GLU B 1 47 ? -18.723 6.147   -1.776  1.00 28.59 ? 44  GLU B N   1 
ATOM   1126 C CA  . GLU B 1 47 ? -19.246 5.652   -3.043  1.00 32.23 ? 44  GLU B CA  1 
ATOM   1127 C C   . GLU B 1 47 ? -18.289 4.657   -3.676  1.00 35.00 ? 44  GLU B C   1 
ATOM   1128 O O   . GLU B 1 47 ? -18.721 3.617   -4.199  1.00 34.98 ? 44  GLU B O   1 
ATOM   1129 C CB  . GLU B 1 47 ? -19.505 6.827   -3.993  1.00 29.88 ? 44  GLU B CB  1 
ATOM   1130 C CG  . GLU B 1 47 ? -20.188 6.470   -5.311  1.00 31.97 ? 44  GLU B CG  1 
ATOM   1131 C CD  . GLU B 1 47 ? -20.295 7.660   -6.261  1.00 38.69 ? 44  GLU B CD  1 
ATOM   1132 O OE1 . GLU B 1 47 ? -19.261 8.282   -6.578  1.00 32.16 ? 44  GLU B OE1 1 
ATOM   1133 O OE2 . GLU B 1 47 ? -21.425 7.982   -6.682  1.00 52.65 ? 44  GLU B OE2 1 
ATOM   1134 N N   . LEU B 1 48 ? -16.986 4.959   -3.605  1.00 32.84 ? 45  LEU B N   1 
ATOM   1135 C CA  . LEU B 1 48 ? -15.966 4.060   -4.121  1.00 26.71 ? 45  LEU B CA  1 
ATOM   1136 C C   . LEU B 1 48 ? -15.987 2.737   -3.368  1.00 29.05 ? 45  LEU B C   1 
ATOM   1137 O O   . LEU B 1 48 ? -15.988 1.672   -3.989  1.00 28.51 ? 45  LEU B O   1 
ATOM   1138 C CB  . LEU B 1 48 ? -14.594 4.728   -4.034  1.00 19.28 ? 45  LEU B CB  1 
ATOM   1139 C CG  . LEU B 1 48 ? -13.399 3.796   -4.232  1.00 25.07 ? 45  LEU B CG  1 
ATOM   1140 C CD1 . LEU B 1 48 ? -13.360 3.171   -5.648  1.00 24.27 ? 45  LEU B CD1 1 
ATOM   1141 C CD2 . LEU B 1 48 ? -12.116 4.522   -3.928  1.00 22.77 ? 45  LEU B CD2 1 
ATOM   1142 N N   . GLU B 1 49 ? -16.108 2.793   -2.042  1.00 27.54 ? 46  GLU B N   1 
ATOM   1143 C CA  . GLU B 1 49 ? -16.123 1.579   -1.240  1.00 28.60 ? 46  GLU B CA  1 
ATOM   1144 C C   . GLU B 1 49 ? -17.355 0.721   -1.517  1.00 31.99 ? 46  GLU B C   1 
ATOM   1145 O O   . GLU B 1 49 ? -17.247 -0.509  -1.572  1.00 33.91 ? 46  GLU B O   1 
ATOM   1146 C CB  . GLU B 1 49 ? -16.064 1.948   0.235   1.00 28.20 ? 46  GLU B CB  1 
ATOM   1147 C CG  . GLU B 1 49 ? -15.800 0.771   1.138   1.00 30.75 ? 46  GLU B CG  1 
ATOM   1148 C CD  . GLU B 1 49 ? -17.054 0.136   1.696   1.00 35.26 ? 46  GLU B CD  1 
ATOM   1149 O OE1 . GLU B 1 49 ? -18.145 0.746   1.605   1.00 42.37 ? 46  GLU B OE1 1 
ATOM   1150 O OE2 . GLU B 1 49 ? -16.935 -0.988  2.206   1.00 33.10 ? 46  GLU B OE2 1 
ATOM   1151 N N   . MET B 1 50 ? -18.524 1.355   -1.716  1.00 35.38 ? 47  MET B N   1 
ATOM   1152 C CA  . MET B 1 50 ? -19.750 0.619   -2.029  1.00 34.10 ? 47  MET B CA  1 
ATOM   1153 C C   . MET B 1 50 ? -19.640 -0.088  -3.364  1.00 30.93 ? 47  MET B C   1 
ATOM   1154 O O   . MET B 1 50 ? -20.039 -1.251  -3.497  1.00 33.07 ? 47  MET B O   1 
ATOM   1155 C CB  . MET B 1 50 ? -20.957 1.558   -2.085  1.00 36.22 ? 47  MET B CB  1 
ATOM   1156 C CG  . MET B 1 50 ? -21.599 1.929   -0.767  1.00 43.93 ? 47  MET B CG  1 
ATOM   1157 S SD  . MET B 1 50 ? -22.264 3.641   -0.770  1.00 64.50 ? 47  MET B SD  1 
ATOM   1158 C CE  . MET B 1 50 ? -22.561 3.972   -2.498  1.00 37.11 ? 47  MET B CE  1 
ATOM   1159 N N   . ARG B 1 51 ? -19.094 0.601   -4.359  1.00 30.74 ? 48  ARG B N   1 
ATOM   1160 C CA  . ARG B 1 51 ? -18.948 -0.001  -5.670  1.00 31.27 ? 48  ARG B CA  1 
ATOM   1161 C C   . ARG B 1 51 ? -17.884 -1.089  -5.661  1.00 33.48 ? 48  ARG B C   1 
ATOM   1162 O O   . ARG B 1 51 ? -18.017 -2.078  -6.385  1.00 35.16 ? 48  ARG B O   1 
ATOM   1163 C CB  . ARG B 1 51 ? -18.622 1.091   -6.690  1.00 29.60 ? 48  ARG B CB  1 
ATOM   1164 C CG  . ARG B 1 51 ? -19.850 1.782   -7.249  1.00 29.60 ? 48  ARG B CG  1 
ATOM   1165 C CD  . ARG B 1 51 ? -19.654 3.273   -7.407  1.00 34.86 ? 48  ARG B CD  1 
ATOM   1166 N NE  . ARG B 1 51 ? -18.963 3.601   -8.652  1.00 36.10 ? 48  ARG B NE  1 
ATOM   1167 C CZ  . ARG B 1 51 ? -19.556 3.756   -9.831  1.00 35.51 ? 48  ARG B CZ  1 
ATOM   1168 N NH1 . ARG B 1 51 ? -20.873 3.624   -9.948  1.00 47.17 ? 48  ARG B NH1 1 
ATOM   1169 N NH2 . ARG B 1 51 ? -18.826 4.045   -10.897 1.00 25.90 ? 48  ARG B NH2 1 
ATOM   1170 N N   . LEU B 1 52 ? -16.856 -0.940  -4.816  1.00 34.89 ? 49  LEU B N   1 
ATOM   1171 C CA  . LEU B 1 52 ? -15.856 -1.986  -4.639  1.00 27.36 ? 49  LEU B CA  1 
ATOM   1172 C C   . LEU B 1 52 ? -16.445 -3.210  -3.967  1.00 29.77 ? 49  LEU B C   1 
ATOM   1173 O O   . LEU B 1 52 ? -16.101 -4.335  -4.342  1.00 33.95 ? 49  LEU B O   1 
ATOM   1174 C CB  . LEU B 1 52 ? -14.684 -1.465  -3.810  1.00 26.97 ? 49  LEU B CB  1 
ATOM   1175 C CG  . LEU B 1 52 ? -13.629 -0.590  -4.494  1.00 30.13 ? 49  LEU B CG  1 
ATOM   1176 C CD1 . LEU B 1 52 ? -12.710 0.052   -3.451  1.00 27.66 ? 49  LEU B CD1 1 
ATOM   1177 C CD2 . LEU B 1 52 ? -12.841 -1.376  -5.510  1.00 26.45 ? 49  LEU B CD2 1 
ATOM   1178 N N   . LYS B 1 53 ? -17.372 -3.010  -3.024  1.00 29.48 ? 50  LYS B N   1 
ATOM   1179 C CA  . LYS B 1 53 ? -17.962 -4.121  -2.283  1.00 28.50 ? 50  LYS B CA  1 
ATOM   1180 C C   . LYS B 1 53 ? -18.831 -4.994  -3.185  1.00 30.05 ? 50  LYS B C   1 
ATOM   1181 O O   . LYS B 1 53 ? -18.908 -6.213  -2.998  1.00 31.19 ? 50  LYS B O   1 
ATOM   1182 C CB  . LYS B 1 53 ? -18.787 -3.567  -1.121  1.00 26.03 ? 50  LYS B CB  1 
ATOM   1183 C CG  . LYS B 1 53 ? -18.570 -4.238  0.213   1.00 30.21 ? 50  LYS B CG  1 
ATOM   1184 C CD  . LYS B 1 53 ? -19.190 -3.443  1.377   1.00 40.46 ? 50  LYS B CD  1 
ATOM   1185 C CE  . LYS B 1 53 ? -18.488 -3.809  2.703   1.00 43.92 ? 50  LYS B CE  1 
ATOM   1186 N NZ  . LYS B 1 53 ? -18.922 -3.024  3.899   1.00 40.29 ? 50  LYS B NZ  1 
ATOM   1187 N N   . ARG B 1 54 ? -19.413 -4.414  -4.216  1.00 33.82 ? 51  ARG B N   1 
ATOM   1188 C CA  . ARG B 1 54 ? -20.230 -5.190  -5.132  1.00 37.32 ? 51  ARG B CA  1 
ATOM   1189 C C   . ARG B 1 54 ? -19.413 -5.889  -6.209  1.00 34.10 ? 51  ARG B C   1 
ATOM   1190 O O   . ARG B 1 54 ? -19.998 -6.648  -6.981  1.00 33.07 ? 51  ARG B O   1 
ATOM   1191 C CB  . ARG B 1 54 ? -21.293 -4.288  -5.779  1.00 41.24 ? 51  ARG B CB  1 
ATOM   1192 C CG  . ARG B 1 54 ? -22.291 -3.705  -4.777  1.00 48.12 ? 51  ARG B CG  1 
ATOM   1193 C CD  . ARG B 1 54 ? -23.480 -3.002  -5.437  1.00 63.39 ? 51  ARG B CD  1 
ATOM   1194 N NE  . ARG B 1 54 ? -24.021 -3.709  -6.602  1.00 78.89 ? 51  ARG B NE  1 
ATOM   1195 C CZ  . ARG B 1 54 ? -25.033 -4.581  -6.564  1.00 78.23 ? 51  ARG B CZ  1 
ATOM   1196 N NH1 . ARG B 1 54 ? -25.663 -4.843  -5.420  1.00 63.12 ? 51  ARG B NH1 1 
ATOM   1197 N NH2 . ARG B 1 54 ? -25.444 -5.163  -7.687  1.00 69.66 ? 51  ARG B NH2 1 
ATOM   1198 N N   . ILE B 1 55 ? -18.101 -5.666  -6.280  1.00 33.45 ? 52  ILE B N   1 
ATOM   1199 C CA  . ILE B 1 55 ? -17.246 -6.334  -7.261  1.00 32.25 ? 52  ILE B CA  1 
ATOM   1200 C C   . ILE B 1 55 ? -16.501 -7.519  -6.661  1.00 32.06 ? 52  ILE B C   1 
ATOM   1201 O O   . ILE B 1 55 ? -16.451 -8.589  -7.274  1.00 37.00 ? 52  ILE B O   1 
ATOM   1202 C CB  . ILE B 1 55 ? -16.256 -5.346  -7.904  1.00 34.82 ? 52  ILE B CB  1 
ATOM   1203 C CG1 . ILE B 1 55 ? -17.013 -4.220  -8.606  1.00 34.09 ? 52  ILE B CG1 1 
ATOM   1204 C CG2 . ILE B 1 55 ? -15.363 -6.077  -8.910  1.00 30.64 ? 52  ILE B CG2 1 
ATOM   1205 C CD1 . ILE B 1 55 ? -16.113 -3.147  -9.165  1.00 30.71 ? 52  ILE B CD1 1 
ATOM   1206 N N   . VAL B 1 56 ? -15.932 -7.350  -5.463  1.00 33.22 ? 53  VAL B N   1 
ATOM   1207 C CA  . VAL B 1 56 ? -15.027 -8.356  -4.909  1.00 33.53 ? 53  VAL B CA  1 
ATOM   1208 C C   . VAL B 1 56 ? -15.801 -9.602  -4.497  1.00 34.20 ? 53  VAL B C   1 
ATOM   1209 O O   . VAL B 1 56 ? -16.961 -9.535  -4.061  1.00 37.43 ? 53  VAL B O   1 
ATOM   1210 C CB  . VAL B 1 56 ? -14.195 -7.782  -3.747  1.00 28.22 ? 53  VAL B CB  1 
ATOM   1211 C CG1 . VAL B 1 56 ? -13.389 -6.578  -4.223  1.00 23.71 ? 53  VAL B CG1 1 
ATOM   1212 C CG2 . VAL B 1 56 ? -15.061 -7.411  -2.567  1.00 29.01 ? 53  VAL B CG2 1 
ATOM   1213 N N   . LYS B 1 57 ? -15.205 -10.754 -4.795  1.00 34.66 ? 54  LYS B N   1 
ATOM   1214 C CA  . LYS B 1 57 ? -15.699 -12.088 -4.483  1.00 34.17 ? 54  LYS B CA  1 
ATOM   1215 C C   . LYS B 1 57 ? -14.484 -12.928 -4.130  1.00 45.71 ? 54  LYS B C   1 
ATOM   1216 O O   . LYS B 1 57 ? -13.395 -12.666 -4.644  1.00 45.56 ? 54  LYS B O   1 
ATOM   1217 C CB  . LYS B 1 57 ? -16.411 -12.755 -5.658  1.00 31.54 ? 54  LYS B CB  1 
ATOM   1218 C CG  . LYS B 1 57 ? -17.515 -11.974 -6.340  1.00 36.37 ? 54  LYS B CG  1 
ATOM   1219 C CD  . LYS B 1 57 ? -18.826 -11.956 -5.553  1.00 34.88 ? 54  LYS B CD  1 
ATOM   1220 C CE  . LYS B 1 57 ? -19.691 -10.767 -5.960  1.00 32.63 ? 54  LYS B CE  1 
ATOM   1221 N NZ  . LYS B 1 57 ? -19.252 -10.214 -7.283  1.00 31.41 ? 54  LYS B NZ  1 
ATOM   1222 N N   . GLU B 1 58 ? -14.658 -13.887 -3.211  1.00 43.73 ? 55  GLU B N   1 
ATOM   1223 C CA  . GLU B 1 58 ? -13.831 -15.101 -3.147  1.00 49.33 ? 55  GLU B CA  1 
ATOM   1224 C C   . GLU B 1 58 ? -12.359 -14.812 -2.829  1.00 53.95 ? 55  GLU B C   1 
ATOM   1225 O O   . GLU B 1 58 ? -11.472 -14.993 -3.677  1.00 62.54 ? 55  GLU B O   1 
ATOM   1226 C CB  . GLU B 1 58 ? -13.935 -15.901 -4.465  1.00 52.63 ? 55  GLU B CB  1 
ATOM   1227 C CG  . GLU B 1 58 ? -15.259 -16.601 -4.717  1.00 49.81 ? 55  GLU B CG  1 
ATOM   1228 C CD  . GLU B 1 58 ? -15.164 -17.659 -5.798  1.00 57.81 ? 55  GLU B CD  1 
ATOM   1229 O OE1 . GLU B 1 58 ? -14.359 -17.481 -6.739  1.00 63.10 ? 55  GLU B OE1 1 
ATOM   1230 O OE2 . GLU B 1 58 ? -15.897 -18.670 -5.703  1.00 60.76 ? 55  GLU B OE2 1 
ATOM   1231 N N   . ASP B 1 59 ? -12.132 -14.260 -1.634  1.00 46.04 ? 56  ASP B N   1 
ATOM   1232 C CA  . ASP B 1 59 ? -10.800 -13.906 -1.114  1.00 47.53 ? 56  ASP B CA  1 
ATOM   1233 C C   . ASP B 1 59 ? -10.118 -12.811 -1.936  1.00 39.84 ? 56  ASP B C   1 
ATOM   1234 O O   . ASP B 1 59 ? -8.898  -12.675 -1.896  1.00 41.58 ? 56  ASP B O   1 
ATOM   1235 C CB  . ASP B 1 59 ? -9.866  -15.132 -0.978  1.00 56.81 ? 56  ASP B CB  1 
ATOM   1236 C CG  . ASP B 1 59 ? -10.424 -16.214 -0.044  1.00 65.59 ? 56  ASP B CG  1 
ATOM   1237 O OD1 . ASP B 1 59 ? -10.443 -16.000 1.194   1.00 56.87 ? 56  ASP B OD1 1 
ATOM   1238 O OD2 . ASP B 1 59 ? -10.856 -17.291 -0.548  1.00 60.60 ? 56  ASP B OD2 1 
ATOM   1239 N N   . ASP B 1 60 ? -10.890 -11.986 -2.640  1.00 40.42 ? 57  ASP B N   1 
ATOM   1240 C CA  . ASP B 1 60 ? -10.368 -10.717 -3.115  1.00 32.54 ? 57  ASP B CA  1 
ATOM   1241 C C   . ASP B 1 60 ? -10.310 -9.740  -1.962  1.00 31.58 ? 57  ASP B C   1 
ATOM   1242 O O   . ASP B 1 60 ? -11.160 -9.743  -1.067  1.00 31.66 ? 57  ASP B O   1 
ATOM   1243 C CB  . ASP B 1 60 ? -11.262 -10.083 -4.164  1.00 36.73 ? 57  ASP B CB  1 
ATOM   1244 C CG  . ASP B 1 60 ? -11.192 -10.747 -5.480  1.00 36.28 ? 57  ASP B CG  1 
ATOM   1245 O OD1 . ASP B 1 60 ? -11.993 -10.335 -6.327  1.00 33.60 ? 57  ASP B OD1 1 
ATOM   1246 O OD2 . ASP B 1 60 ? -10.397 -11.689 -5.669  1.00 43.89 ? 57  ASP B OD2 1 
ATOM   1247 N N   . SER B 1 61 ? -9.320  -8.877  -2.005  1.00 31.97 ? 58  SER B N   1 
ATOM   1248 C CA  . SER B 1 61 ? -9.074  -7.992  -0.882  1.00 31.13 ? 58  SER B CA  1 
ATOM   1249 C C   . SER B 1 61 ? -8.704  -6.616  -1.421  1.00 26.32 ? 58  SER B C   1 
ATOM   1250 O O   . SER B 1 61 ? -7.911  -6.510  -2.361  1.00 25.30 ? 58  SER B O   1 
ATOM   1251 C CB  . SER B 1 61 ? -7.992  -8.603  0.027   1.00 28.12 ? 58  SER B CB  1 
ATOM   1252 O OG  . SER B 1 61 ? -7.201  -7.629  0.666   1.00 40.56 ? 58  SER B OG  1 
ATOM   1253 N N   . VAL B 1 62 ? -9.303  -5.573  -0.859  1.00 20.85 ? 59  VAL B N   1 
ATOM   1254 C CA  . VAL B 1 62 ? -8.901  -4.201  -1.134  1.00 24.55 ? 59  VAL B CA  1 
ATOM   1255 C C   . VAL B 1 62 ? -8.598  -3.522  0.188   1.00 20.77 ? 59  VAL B C   1 
ATOM   1256 O O   . VAL B 1 62 ? -9.481  -3.414  1.046   1.00 24.43 ? 59  VAL B O   1 
ATOM   1257 C CB  . VAL B 1 62 ? -9.983  -3.403  -1.887  1.00 25.99 ? 59  VAL B CB  1 
ATOM   1258 C CG1 . VAL B 1 62 ? -9.468  -2.014  -2.192  1.00 21.82 ? 59  VAL B CG1 1 
ATOM   1259 C CG2 . VAL B 1 62 ? -10.409 -4.093  -3.159  1.00 23.92 ? 59  VAL B CG2 1 
ATOM   1260 N N   . LEU B 1 63 ? -7.361  -3.062  0.354   1.00 19.24 ? 60  LEU B N   1 
ATOM   1261 C CA  . LEU B 1 63 ? -6.967  -2.286  1.514   1.00 16.89 ? 60  LEU B CA  1 
ATOM   1262 C C   . LEU B 1 63 ? -7.122  -0.805  1.219   1.00 20.37 ? 60  LEU B C   1 
ATOM   1263 O O   . LEU B 1 63 ? -6.515  -0.288  0.280   1.00 18.64 ? 60  LEU B O   1 
ATOM   1264 C CB  . LEU B 1 63 ? -5.518  -2.572  1.882   1.00 21.48 ? 60  LEU B CB  1 
ATOM   1265 C CG  . LEU B 1 63 ? -5.095  -3.983  2.263   1.00 19.38 ? 60  LEU B CG  1 
ATOM   1266 C CD1 . LEU B 1 63 ? -3.714  -3.929  2.878   1.00 13.37 ? 60  LEU B CD1 1 
ATOM   1267 C CD2 . LEU B 1 63 ? -6.138  -4.624  3.181   1.00 19.70 ? 60  LEU B CD2 1 
ATOM   1268 N N   . ILE B 1 64 ? -7.882  -0.111  2.055   1.00 23.36 ? 61  ILE B N   1 
ATOM   1269 C CA  . ILE B 1 64 ? -8.119  1.316   1.902   1.00 20.71 ? 61  ILE B CA  1 
ATOM   1270 C C   . ILE B 1 64 ? -7.587  1.994   3.162   1.00 20.10 ? 61  ILE B C   1 
ATOM   1271 O O   . ILE B 1 64 ? -8.171  1.860   4.244   1.00 20.66 ? 61  ILE B O   1 
ATOM   1272 C CB  . ILE B 1 64 ? -9.610  1.614   1.663   1.00 21.98 ? 61  ILE B CB  1 
ATOM   1273 C CG1 . ILE B 1 64 ? -10.086 0.919   0.380   1.00 21.01 ? 61  ILE B CG1 1 
ATOM   1274 C CG2 . ILE B 1 64 ? -9.874  3.095   1.556   1.00 19.29 ? 61  ILE B CG2 1 
ATOM   1275 C CD1 . ILE B 1 64 ? -11.495 1.249   -0.033  1.00 24.51 ? 61  ILE B CD1 1 
ATOM   1276 N N   . TYR B 1 65 ? -6.454  2.686   3.028   1.00 18.21 ? 62  TYR B N   1 
ATOM   1277 C CA  . TYR B 1 65 ? -5.831  3.445   4.111   1.00 22.08 ? 62  TYR B CA  1 
ATOM   1278 C C   . TYR B 1 65 ? -6.272  4.902   3.999   1.00 24.02 ? 62  TYR B C   1 
ATOM   1279 O O   . TYR B 1 65 ? -5.992  5.555   2.994   1.00 24.50 ? 62  TYR B O   1 
ATOM   1280 C CB  . TYR B 1 65 ? -4.299  3.371   4.058   1.00 21.18 ? 62  TYR B CB  1 
ATOM   1281 C CG  . TYR B 1 65 ? -3.684  2.054   4.447   1.00 19.31 ? 62  TYR B CG  1 
ATOM   1282 C CD1 . TYR B 1 65 ? -3.472  1.724   5.786   1.00 20.13 ? 62  TYR B CD1 1 
ATOM   1283 C CD2 . TYR B 1 65 ? -3.304  1.143   3.475   1.00 17.46 ? 62  TYR B CD2 1 
ATOM   1284 C CE1 . TYR B 1 65 ? -2.912  0.505   6.145   1.00 17.06 ? 62  TYR B CE1 1 
ATOM   1285 C CE2 . TYR B 1 65 ? -2.743  -0.067  3.819   1.00 20.10 ? 62  TYR B CE2 1 
ATOM   1286 C CZ  . TYR B 1 65 ? -2.546  -0.382  5.151   1.00 18.63 ? 62  TYR B CZ  1 
ATOM   1287 O OH  . TYR B 1 65 ? -1.994  -1.593  5.461   1.00 17.23 ? 62  TYR B OH  1 
ATOM   1288 N N   . ILE B 1 66 ? -6.962  5.397   5.024   1.00 22.70 ? 63  ILE B N   1 
ATOM   1289 C CA  . ILE B 1 66 ? -7.560  6.727   5.042   1.00 23.63 ? 63  ILE B CA  1 
ATOM   1290 C C   . ILE B 1 66 ? -6.781  7.641   5.990   1.00 26.71 ? 63  ILE B C   1 
ATOM   1291 O O   . ILE B 1 66 ? -6.698  7.373   7.194   1.00 27.45 ? 63  ILE B O   1 
ATOM   1292 C CB  . ILE B 1 66 ? -9.037  6.644   5.444   1.00 25.25 ? 63  ILE B CB  1 
ATOM   1293 C CG1 . ILE B 1 66 ? -9.728  5.541   4.623   1.00 22.34 ? 63  ILE B CG1 1 
ATOM   1294 C CG2 . ILE B 1 66 ? -9.700  8.007   5.304   1.00 24.43 ? 63  ILE B CG2 1 
ATOM   1295 C CD1 . ILE B 1 66 ? -10.737 4.732   5.402   1.00 20.66 ? 63  ILE B CD1 1 
ATOM   1296 N N   . PHE B 1 67 ? -6.263  8.752   5.459   1.00 26.38 ? 64  PHE B N   1 
ATOM   1297 C CA  . PHE B 1 67 ? -5.412  9.732   6.125   1.00 24.50 ? 64  PHE B CA  1 
ATOM   1298 C C   . PHE B 1 67 ? -6.123  11.068  6.196   1.00 32.16 ? 64  PHE B C   1 
ATOM   1299 O O   . PHE B 1 67 ? -6.927  11.381  5.315   1.00 28.73 ? 64  PHE B O   1 
ATOM   1300 C CB  . PHE B 1 67 ? -4.093  9.915   5.365   1.00 24.07 ? 64  PHE B CB  1 
ATOM   1301 C CG  . PHE B 1 67 ? -3.379  8.640   5.140   1.00 26.54 ? 64  PHE B CG  1 
ATOM   1302 C CD1 . PHE B 1 67 ? -3.592  7.900   3.986   1.00 26.24 ? 64  PHE B CD1 1 
ATOM   1303 C CD2 . PHE B 1 67 ? -2.530  8.149   6.097   1.00 22.41 ? 64  PHE B CD2 1 
ATOM   1304 C CE1 . PHE B 1 67 ? -2.971  6.716   3.810   1.00 25.06 ? 64  PHE B CE1 1 
ATOM   1305 C CE2 . PHE B 1 67 ? -1.917  6.956   5.920   1.00 22.01 ? 64  PHE B CE2 1 
ATOM   1306 C CZ  . PHE B 1 67 ? -2.117  6.247   4.780   1.00 23.89 ? 64  PHE B CZ  1 
ATOM   1307 N N   . PRO B 1 68 ? -5.836  11.897  7.207   1.00 39.21 ? 65  PRO B N   1 
ATOM   1308 C CA  . PRO B 1 68 ? -6.426  13.246  7.216   1.00 33.46 ? 65  PRO B CA  1 
ATOM   1309 C C   . PRO B 1 68 ? -5.874  14.148  6.137   1.00 29.01 ? 65  PRO B C   1 
ATOM   1310 O O   . PRO B 1 68 ? -6.559  15.111  5.779   1.00 36.43 ? 65  PRO B O   1 
ATOM   1311 C CB  . PRO B 1 68 ? -6.098  13.776  8.617   1.00 28.71 ? 65  PRO B CB  1 
ATOM   1312 C CG  . PRO B 1 68 ? -5.746  12.564  9.411   1.00 37.73 ? 65  PRO B CG  1 
ATOM   1313 C CD  . PRO B 1 68 ? -5.092  11.631  8.448   1.00 38.08 ? 65  PRO B CD  1 
ATOM   1314 N N   . GLY B 1 69 ? -4.678  13.870  5.611   1.00 31.49 ? 66  GLY B N   1 
ATOM   1315 C CA  . GLY B 1 69 ? -4.095  14.663  4.536   1.00 36.57 ? 66  GLY B CA  1 
ATOM   1316 C C   . GLY B 1 69 ? -2.860  14.011  3.953   1.00 31.60 ? 66  GLY B C   1 
ATOM   1317 O O   . GLY B 1 69 ? -2.444  12.933  4.381   1.00 42.92 ? 66  GLY B O   1 
ATOM   1318 N N   . LYS B 1 70 ? -2.239  14.716  2.996   1.00 34.69 ? 67  LYS B N   1 
ATOM   1319 C CA  . LYS B 1 70 ? -1.057  14.210  2.279   1.00 39.32 ? 67  LYS B CA  1 
ATOM   1320 C C   . LYS B 1 70 ? 0.222   14.647  2.986   1.00 36.13 ? 67  LYS B C   1 
ATOM   1321 O O   . LYS B 1 70 ? 1.052   15.356  2.440   1.00 42.95 ? 67  LYS B O   1 
ATOM   1322 C CB  . LYS B 1 70 ? -1.043  14.692  0.825   1.00 39.92 ? 67  LYS B CB  1 
ATOM   1323 C CG  . LYS B 1 70 ? -0.476  13.664  -0.233  1.00 44.72 ? 67  LYS B CG  1 
ATOM   1324 C CD  . LYS B 1 70 ? 1.061   13.584  -0.428  1.00 53.57 ? 67  LYS B CD  1 
ATOM   1325 C CE  . LYS B 1 70 ? 1.492   12.670  -1.621  1.00 52.16 ? 67  LYS B CE  1 
ATOM   1326 N NZ  . LYS B 1 70 ? 2.939   12.803  -2.060  1.00 54.66 ? 67  LYS B NZ  1 
ATOM   1327 N N   . ASN B 1 71 ? 0.376   14.212  4.229   1.00 39.08 ? 68  ASN B N   1 
ATOM   1328 C CA  . ASN B 1 71 ? 1.599   14.500  4.978   1.00 42.20 ? 68  ASN B CA  1 
ATOM   1329 C C   . ASN B 1 71 ? 2.515   13.274  5.003   1.00 45.65 ? 68  ASN B C   1 
ATOM   1330 O O   . ASN B 1 71 ? 2.792   12.683  6.042   1.00 50.81 ? 68  ASN B O   1 
ATOM   1331 C CB  . ASN B 1 71 ? 1.244   14.973  6.387   1.00 49.39 ? 68  ASN B CB  1 
ATOM   1332 C CG  . ASN B 1 71 ? 2.427   15.602  7.107   1.00 54.38 ? 68  ASN B CG  1 
ATOM   1333 O OD1 . ASN B 1 71 ? 3.481   15.834  6.504   1.00 47.49 ? 68  ASN B OD1 1 
ATOM   1334 N ND2 . ASN B 1 71 ? 2.258   15.880  8.402   1.00 47.97 ? 68  ASN B ND2 1 
ATOM   1335 N N   . PHE B 1 72 ? 3.060   12.935  3.840   1.00 37.36 ? 69  PHE B N   1 
ATOM   1336 C CA  . PHE B 1 72 ? 4.000   11.828  3.786   1.00 31.11 ? 69  PHE B CA  1 
ATOM   1337 C C   . PHE B 1 72 ? 4.891   12.005  2.581   1.00 29.86 ? 69  PHE B C   1 
ATOM   1338 O O   . PHE B 1 72 ? 4.547   12.720  1.642   1.00 35.96 ? 69  PHE B O   1 
ATOM   1339 C CB  . PHE B 1 72 ? 3.313   10.462  3.714   1.00 33.99 ? 69  PHE B CB  1 
ATOM   1340 C CG  . PHE B 1 72 ? 2.431   10.270  2.528   1.00 38.93 ? 69  PHE B CG  1 
ATOM   1341 C CD1 . PHE B 1 72 ? 2.931   9.720   1.349   1.00 34.94 ? 69  PHE B CD1 1 
ATOM   1342 C CD2 . PHE B 1 72 ? 1.084   10.572  2.616   1.00 47.94 ? 69  PHE B CD2 1 
ATOM   1343 C CE1 . PHE B 1 72 ? 2.142   9.543   0.264   1.00 39.07 ? 69  PHE B CE1 1 
ATOM   1344 C CE2 . PHE B 1 72 ? 0.267   10.391  1.528   1.00 48.19 ? 69  PHE B CE2 1 
ATOM   1345 C CZ  . PHE B 1 72 ? 0.795   9.864   0.354   1.00 43.74 ? 69  PHE B CZ  1 
ATOM   1346 N N   . ASP B 1 73 ? 5.999   11.268  2.591   1.00 31.76 ? 70  ASP B N   1 
ATOM   1347 C CA  . ASP B 1 73 ? 6.843   11.031  1.427   1.00 36.26 ? 70  ASP B CA  1 
ATOM   1348 C C   . ASP B 1 73 ? 6.742   9.574   0.976   1.00 31.57 ? 70  ASP B C   1 
ATOM   1349 O O   . ASP B 1 73 ? 6.430   8.678   1.763   1.00 27.50 ? 70  ASP B O   1 
ATOM   1350 C CB  . ASP B 1 73 ? 8.324   11.341  1.705   1.00 34.58 ? 70  ASP B CB  1 
ATOM   1351 C CG  . ASP B 1 73 ? 8.558   12.753  2.193   1.00 44.57 ? 70  ASP B CG  1 
ATOM   1352 O OD1 . ASP B 1 73 ? 7.911   13.698  1.686   1.00 51.18 ? 70  ASP B OD1 1 
ATOM   1353 O OD2 . ASP B 1 73 ? 9.418   12.910  3.085   1.00 53.31 ? 70  ASP B OD2 1 
ATOM   1354 N N   . LEU B 1 74 ? 7.011   9.346   -0.307  1.00 30.04 ? 71  LEU B N   1 
ATOM   1355 C CA  . LEU B 1 74 ? 7.088   8.011   -0.884  1.00 20.99 ? 71  LEU B CA  1 
ATOM   1356 C C   . LEU B 1 74 ? 8.478   7.817   -1.475  1.00 18.37 ? 71  LEU B C   1 
ATOM   1357 O O   . LEU B 1 74 ? 8.941   8.639   -2.270  1.00 17.24 ? 71  LEU B O   1 
ATOM   1358 C CB  . LEU B 1 74 ? 6.001   7.804   -1.956  1.00 19.45 ? 71  LEU B CB  1 
ATOM   1359 C CG  . LEU B 1 74 ? 6.197   6.644   -2.934  1.00 25.09 ? 71  LEU B CG  1 
ATOM   1360 C CD1 . LEU B 1 74 ? 6.057   5.296   -2.220  1.00 23.90 ? 71  LEU B CD1 1 
ATOM   1361 C CD2 . LEU B 1 74 ? 5.231   6.724   -4.099  1.00 22.09 ? 71  LEU B CD2 1 
ATOM   1362 N N   . HIS B 1 75 ? 9.155   6.754   -1.059  1.00 20.78 ? 72  HIS B N   1 
ATOM   1363 C CA  . HIS B 1 75 ? 10.403  6.326   -1.670  1.00 21.40 ? 72  HIS B CA  1 
ATOM   1364 C C   . HIS B 1 75 ? 10.163  4.986   -2.351  1.00 20.87 ? 72  HIS B C   1 
ATOM   1365 O O   . HIS B 1 75 ? 9.556   4.096   -1.754  1.00 21.68 ? 72  HIS B O   1 
ATOM   1366 C CB  . HIS B 1 75 ? 11.538  6.200   -0.648  1.00 20.68 ? 72  HIS B CB  1 
ATOM   1367 C CG  . HIS B 1 75 ? 12.766  5.547   -1.208  1.00 26.26 ? 72  HIS B CG  1 
ATOM   1368 N ND1 . HIS B 1 75 ? 13.520  6.115   -2.213  1.00 29.37 ? 72  HIS B ND1 1 
ATOM   1369 C CD2 . HIS B 1 75 ? 13.348  4.357   -0.933  1.00 28.31 ? 72  HIS B CD2 1 
ATOM   1370 C CE1 . HIS B 1 75 ? 14.521  5.313   -2.522  1.00 30.21 ? 72  HIS B CE1 1 
ATOM   1371 N NE2 . HIS B 1 75 ? 14.444  4.242   -1.754  1.00 28.14 ? 72  HIS B NE2 1 
ATOM   1372 N N   . VAL B 1 76 ? 10.652  4.845   -3.583  1.00 19.68 ? 73  VAL B N   1 
ATOM   1373 C CA  . VAL B 1 76 ? 10.462  3.649   -4.394  1.00 24.03 ? 73  VAL B CA  1 
ATOM   1374 C C   . VAL B 1 76 ? 11.798  2.928   -4.566  1.00 25.09 ? 73  VAL B C   1 
ATOM   1375 O O   . VAL B 1 76 ? 12.778  3.525   -5.030  1.00 26.10 ? 73  VAL B O   1 
ATOM   1376 C CB  . VAL B 1 76 ? 9.859   4.030   -5.761  1.00 26.04 ? 73  VAL B CB  1 
ATOM   1377 C CG1 . VAL B 1 76 ? 9.456   2.791   -6.564  1.00 27.23 ? 73  VAL B CG1 1 
ATOM   1378 C CG2 . VAL B 1 76 ? 8.673   4.972   -5.586  1.00 24.79 ? 73  VAL B CG2 1 
ATOM   1379 N N   . VAL B 1 77 ? 11.829  1.639   -4.233  1.00 19.42 ? 74  VAL B N   1 
ATOM   1380 C CA  . VAL B 1 77 ? 12.976  0.777   -4.519  1.00 24.59 ? 74  VAL B CA  1 
ATOM   1381 C C   . VAL B 1 77 ? 12.697  -0.022  -5.794  1.00 27.26 ? 74  VAL B C   1 
ATOM   1382 O O   . VAL B 1 77 ? 11.647  -0.661  -5.916  1.00 27.87 ? 74  VAL B O   1 
ATOM   1383 C CB  . VAL B 1 77 ? 13.264  -0.163  -3.335  1.00 23.81 ? 74  VAL B CB  1 
ATOM   1384 C CG1 . VAL B 1 77 ? 14.605  -0.823  -3.487  1.00 23.43 ? 74  VAL B CG1 1 
ATOM   1385 C CG2 . VAL B 1 77 ? 13.218  0.616   -2.032  1.00 25.51 ? 74  VAL B CG2 1 
ATOM   1386 N N   . GLY B 1 78 ? 13.637  -0.018  -6.728  1.00 21.52 ? 75  GLY B N   1 
ATOM   1387 C CA  . GLY B 1 78 ? 13.404  -0.670  -7.996  1.00 25.67 ? 75  GLY B CA  1 
ATOM   1388 C C   . GLY B 1 78 ? 12.810  0.252   -9.036  1.00 26.45 ? 75  GLY B C   1 
ATOM   1389 O O   . GLY B 1 78 ? 13.184  1.413   -9.108  1.00 25.62 ? 75  GLY B O   1 
ATOM   1390 N N   . ARG B 1 79 ? 11.891  -0.272  -9.847  1.00 30.36 ? 76  ARG B N   1 
ATOM   1391 C CA  . ARG B 1 79 ? 11.252  0.445   -10.948 1.00 35.52 ? 76  ARG B CA  1 
ATOM   1392 C C   . ARG B 1 79 ? 10.256  1.483   -10.472 1.00 35.69 ? 76  ARG B C   1 
ATOM   1393 O O   . ARG B 1 79 ? 9.254   1.161   -9.832  1.00 33.37 ? 76  ARG B O   1 
ATOM   1394 C CB  . ARG B 1 79 ? 10.500  -0.535  -11.868 1.00 46.57 ? 76  ARG B CB  1 
ATOM   1395 C CG  . ARG B 1 79 ? 10.226  -0.168  -13.317 1.00 55.51 ? 76  ARG B CG  1 
ATOM   1396 C CD  . ARG B 1 79 ? 11.304  0.753   -13.977 1.00 73.59 ? 76  ARG B CD  1 
ATOM   1397 N NE  . ARG B 1 79 ? 11.071  0.864   -15.415 1.00 83.81 ? 76  ARG B NE  1 
ATOM   1398 C CZ  . ARG B 1 79 ? 10.299  1.831   -15.965 1.00 80.75 ? 76  ARG B CZ  1 
ATOM   1399 N NH1 . ARG B 1 79 ? 9.756   2.837   -15.228 1.00 62.17 ? 76  ARG B NH1 1 
ATOM   1400 N NH2 . ARG B 1 79 ? 10.042  1.799   -17.276 1.00 79.00 ? 76  ARG B NH2 1 
ATOM   1401 N N   . ASP B 1 80 ? 10.469  2.711   -10.907 1.00 38.89 ? 77  ASP B N   1 
ATOM   1402 C CA  . ASP B 1 80 ? 9.530   3.803   -10.721 1.00 39.04 ? 77  ASP B CA  1 
ATOM   1403 C C   . ASP B 1 80 ? 8.777   3.995   -12.039 1.00 39.14 ? 77  ASP B C   1 
ATOM   1404 O O   . ASP B 1 80 ? 9.341   4.492   -13.019 1.00 40.53 ? 77  ASP B O   1 
ATOM   1405 C CB  . ASP B 1 80 ? 10.264  5.073   -10.309 1.00 31.71 ? 77  ASP B CB  1 
ATOM   1406 C CG  . ASP B 1 80 ? 9.471   5.904   -9.345  1.00 38.59 ? 77  ASP B CG  1 
ATOM   1407 O OD1 . ASP B 1 80 ? 8.216   5.789   -9.386  1.00 44.40 ? 77  ASP B OD1 1 
ATOM   1408 O OD2 . ASP B 1 80 ? 10.076  6.697   -8.589  1.00 35.70 ? 77  ASP B OD2 1 
ATOM   1409 N N   . LYS B 1 81 ? 7.522   3.562   -12.080 1.00 40.06 ? 78  LYS B N   1 
ATOM   1410 C CA  . LYS B 1 81 ? 6.687   3.707   -13.270 1.00 44.33 ? 78  LYS B CA  1 
ATOM   1411 C C   . LYS B 1 81 ? 6.316   5.152   -13.558 1.00 45.87 ? 78  LYS B C   1 
ATOM   1412 O O   . LYS B 1 81 ? 6.176   5.513   -14.729 1.00 51.42 ? 78  LYS B O   1 
ATOM   1413 C CB  . LYS B 1 81 ? 5.428   2.832   -13.115 1.00 47.12 ? 78  LYS B CB  1 
ATOM   1414 C CG  . LYS B 1 81 ? 4.345   2.912   -14.220 1.00 52.28 ? 78  LYS B CG  1 
ATOM   1415 C CD  . LYS B 1 81 ? 3.073   3.553   -13.645 1.00 43.31 ? 78  LYS B CD  1 
ATOM   1416 C CE  . LYS B 1 81 ? 1.897   3.478   -14.590 1.00 37.01 ? 78  LYS B CE  1 
ATOM   1417 N NZ  . LYS B 1 81 ? 2.137   4.234   -15.862 1.00 52.93 ? 78  LYS B NZ  1 
ATOM   1418 N N   . SER B 1 82 ? 6.179   5.971   -12.553 1.00 50.66 ? 79  SER B N   1 
ATOM   1419 C CA  . SER B 1 82 ? 5.730   7.322   -12.818 1.00 55.23 ? 79  SER B CA  1 
ATOM   1420 C C   . SER B 1 82 ? 6.909   8.159   -13.276 1.00 55.20 ? 79  SER B C   1 
ATOM   1421 O O   . SER B 1 82 ? 7.959   8.126   -12.627 1.00 54.06 ? 79  SER B O   1 
ATOM   1422 C CB  . SER B 1 82 ? 5.050   7.927   -11.591 1.00 62.26 ? 79  SER B CB  1 
ATOM   1423 O OG  . SER B 1 82 ? 4.073   7.020   -11.071 1.00 46.83 ? 79  SER B OG  1 
ATOM   1424 N N   . PRO B 1 83 ? 6.794   8.917   -14.375 1.00 65.51 ? 80  PRO B N   1 
ATOM   1425 C CA  . PRO B 1 83 ? 7.974   9.570   -14.964 1.00 62.69 ? 80  PRO B CA  1 
ATOM   1426 C C   . PRO B 1 83 ? 8.437   10.757  -14.135 1.00 60.58 ? 80  PRO B C   1 
ATOM   1427 O O   . PRO B 1 83 ? 7.663   11.385  -13.409 1.00 62.86 ? 80  PRO B O   1 
ATOM   1428 C CB  . PRO B 1 83 ? 7.492   10.024  -16.349 1.00 61.05 ? 80  PRO B CB  1 
ATOM   1429 C CG  . PRO B 1 83 ? 6.031   10.280  -16.150 1.00 62.73 ? 80  PRO B CG  1 
ATOM   1430 C CD  . PRO B 1 83 ? 5.559   9.264   -15.123 1.00 61.63 ? 80  PRO B CD  1 
ATOM   1431 N N   . VAL B 1 84 ? 9.726   11.053  -14.254 1.00 58.88 ? 81  VAL B N   1 
ATOM   1432 C CA  . VAL B 1 84 ? 10.339  12.117  -13.471 1.00 56.33 ? 81  VAL B CA  1 
ATOM   1433 C C   . VAL B 1 84 ? 10.234  13.417  -14.262 1.00 56.77 ? 81  VAL B C   1 
ATOM   1434 O O   . VAL B 1 84 ? 10.389  13.448  -15.494 1.00 52.51 ? 81  VAL B O   1 
ATOM   1435 C CB  . VAL B 1 84 ? 11.786  11.748  -13.057 1.00 55.26 ? 81  VAL B CB  1 
ATOM   1436 C CG1 . VAL B 1 84 ? 11.803  10.329  -12.492 1.00 53.24 ? 81  VAL B CG1 1 
ATOM   1437 C CG2 . VAL B 1 84 ? 12.814  11.852  -14.191 1.00 45.79 ? 81  VAL B CG2 1 
ATOM   1438 N N   . GLU B 1 85 ? 9.839   14.477  -13.567 1.00 56.15 ? 82  GLU B N   1 
ATOM   1439 C CA  . GLU B 1 85 ? 9.573   15.755  -14.199 1.00 41.46 ? 82  GLU B CA  1 
ATOM   1440 C C   . GLU B 1 85 ? 10.708  16.717  -13.912 1.00 39.93 ? 82  GLU B C   1 
ATOM   1441 O O   . GLU B 1 85 ? 11.368  16.641  -12.870 1.00 48.19 ? 82  GLU B O   1 
ATOM   1442 C CB  . GLU B 1 85 ? 8.248   16.343  -13.715 1.00 36.59 ? 82  GLU B CB  1 
ATOM   1443 C CG  . GLU B 1 85 ? 7.042   15.746  -14.429 1.00 41.33 ? 82  GLU B CG  1 
ATOM   1444 C CD  . GLU B 1 85 ? 5.735   15.945  -13.672 1.00 47.52 ? 82  GLU B CD  1 
ATOM   1445 O OE1 . GLU B 1 85 ? 4.678   15.572  -14.227 1.00 48.41 ? 82  GLU B OE1 1 
ATOM   1446 O OE2 . GLU B 1 85 ? 5.762   16.460  -12.527 1.00 44.01 ? 82  GLU B OE2 1 
ATOM   1447 N N   . MET B 1 86 ? 10.901  17.636  -14.843 1.00 31.84 ? 83  MET B N   1 
ATOM   1448 C CA  . MET B 1 86 ? 11.948  18.642  -14.769 1.00 32.13 ? 83  MET B CA  1 
ATOM   1449 C C   . MET B 1 86 ? 11.385  19.815  -13.975 1.00 38.33 ? 83  MET B C   1 
ATOM   1450 O O   . MET B 1 86 ? 10.380  20.412  -14.375 1.00 37.17 ? 83  MET B O   1 
ATOM   1451 C CB  . MET B 1 86 ? 12.370  19.039  -16.187 1.00 32.20 ? 83  MET B CB  1 
ATOM   1452 C CG  . MET B 1 86 ? 13.391  20.166  -16.362 1.00 28.31 ? 83  MET B CG  1 
ATOM   1453 S SD  . MET B 1 86 ? 13.372  20.763  -18.077 1.00 31.11 ? 83  MET B SD  1 
ATOM   1454 C CE  . MET B 1 86 ? 14.790  19.938  -18.747 1.00 33.40 ? 83  MET B CE  1 
ATOM   1455 N N   . ILE B 1 87 ? 11.966  20.091  -12.808 1.00 40.59 ? 84  ILE B N   1 
ATOM   1456 C CA  . ILE B 1 87 ? 11.569  21.237  -11.995 1.00 45.41 ? 84  ILE B CA  1 
ATOM   1457 C C   . ILE B 1 87 ? 12.693  22.262  -12.054 1.00 42.67 ? 84  ILE B C   1 
ATOM   1458 O O   . ILE B 1 87 ? 13.756  22.060  -11.455 1.00 52.81 ? 84  ILE B O   1 
ATOM   1459 C CB  . ILE B 1 87 ? 11.274  20.836  -10.538 1.00 45.95 ? 84  ILE B CB  1 
ATOM   1460 C CG1 . ILE B 1 87 ? 10.212  19.738  -10.468 1.00 44.97 ? 84  ILE B CG1 1 
ATOM   1461 C CG2 . ILE B 1 87 ? 10.814  22.042  -9.727  1.00 49.19 ? 84  ILE B CG2 1 
ATOM   1462 C CD1 . ILE B 1 87 ? 10.751  18.375  -10.045 1.00 48.73 ? 84  ILE B CD1 1 
ATOM   1463 N N   . ILE B 1 88 ? 12.488  23.354  -12.778 1.00 38.38 ? 85  ILE B N   1 
ATOM   1464 C CA  . ILE B 1 88 ? 13.470  24.434  -12.733 1.00 44.88 ? 85  ILE B CA  1 
ATOM   1465 C C   . ILE B 1 88 ? 12.821  25.727  -12.250 1.00 47.67 ? 85  ILE B C   1 
ATOM   1466 O O   . ILE B 1 88 ? 11.731  26.081  -12.695 1.00 48.82 ? 85  ILE B O   1 
ATOM   1467 C CB  . ILE B 1 88 ? 14.171  24.630  -14.068 1.00 45.07 ? 85  ILE B CB  1 
ATOM   1468 C CG1 . ILE B 1 88 ? 13.201  24.416  -15.213 1.00 49.73 ? 85  ILE B CG1 1 
ATOM   1469 C CG2 . ILE B 1 88 ? 15.342  23.675  -14.189 1.00 40.66 ? 85  ILE B CG2 1 
ATOM   1470 C CD1 . ILE B 1 88 ? 13.736  24.902  -16.529 1.00 43.10 ? 85  ILE B CD1 1 
HETATM 1471 O O   . HOH C 2 .  ? -7.070  -11.196 -1.174  1.00 35.69 ? 101 HOH B O   1 
# 
loop_
_pdbx_poly_seq_scheme.asym_id 
_pdbx_poly_seq_scheme.entity_id 
_pdbx_poly_seq_scheme.seq_id 
_pdbx_poly_seq_scheme.mon_id 
_pdbx_poly_seq_scheme.ndb_seq_num 
_pdbx_poly_seq_scheme.pdb_seq_num 
_pdbx_poly_seq_scheme.auth_seq_num 
_pdbx_poly_seq_scheme.pdb_mon_id 
_pdbx_poly_seq_scheme.auth_mon_id 
_pdbx_poly_seq_scheme.pdb_strand_id 
_pdbx_poly_seq_scheme.pdb_ins_code 
_pdbx_poly_seq_scheme.hetero 
A 1 1  GLY 1  -2 -2 GLY GLY A . n 
A 1 2  SER 2  -1 -1 SER SER A . n 
A 1 3  HIS 3  0  0  HIS HIS A . n 
A 1 4  MET 4  1  1  MET MET A . n 
A 1 5  TYR 5  2  2  TYR TYR A . n 
A 1 6  VAL 6  3  3  VAL VAL A . n 
A 1 7  ILE 7  4  4  ILE ILE A . n 
A 1 8  VAL 8  5  5  VAL VAL A . n 
A 1 9  VAL 9  6  6  VAL VAL A . n 
A 1 10 TYR 10 7  7  TYR TYR A . n 
A 1 11 ASP 11 8  8  ASP ASP A . n 
A 1 12 VAL 12 9  9  VAL VAL A . n 
A 1 13 ASN 13 10 10 ASN ASN A . n 
A 1 14 VAL 14 11 11 VAL VAL A . n 
A 1 15 GLU 15 12 12 GLU GLU A . n 
A 1 16 ARG 16 13 13 ARG ARG A . n 
A 1 17 VAL 17 14 14 VAL VAL A . n 
A 1 18 ASN 18 15 15 ASN ASN A . n 
A 1 19 ARG 19 16 16 ARG ARG A . n 
A 1 20 VAL 20 17 17 VAL VAL A . n 
A 1 21 HIS 21 18 18 HIS HIS A . n 
A 1 22 LYS 22 19 19 LYS LYS A . n 
A 1 23 LEU 23 20 20 LEU LEU A . n 
A 1 24 LEU 24 21 21 LEU LEU A . n 
A 1 25 LYS 25 22 22 LYS LYS A . n 
A 1 26 THR 26 23 23 THR THR A . n 
A 1 27 TYR 27 24 24 TYR TYR A . n 
A 1 28 LEU 28 25 25 LEU LEU A . n 
A 1 29 PHE 29 26 26 PHE PHE A . n 
A 1 30 TRP 30 27 27 TRP TRP A . n 
A 1 31 ARG 31 28 28 ARG ARG A . n 
A 1 32 GLN 32 29 29 GLN GLN A . n 
A 1 33 ASN 33 30 30 ASN ASN A . n 
A 1 34 SER 34 31 31 SER SER A . n 
A 1 35 VAL 35 32 32 VAL VAL A . n 
A 1 36 PHE 36 33 33 PHE PHE A . n 
A 1 37 GLU 37 34 34 GLU GLU A . n 
A 1 38 GLY 38 35 35 GLY GLY A . n 
A 1 39 GLU 39 36 36 GLU GLU A . n 
A 1 40 LEU 40 37 37 LEU LEU A . n 
A 1 41 SER 41 38 38 SER SER A . n 
A 1 42 LYS 42 39 39 LYS LYS A . n 
A 1 43 ALA 43 40 40 ALA ALA A . n 
A 1 44 GLN 44 41 41 GLN GLN A . n 
A 1 45 LEU 45 42 42 LEU LEU A . n 
A 1 46 TYR 46 43 43 TYR TYR A . n 
A 1 47 GLU 47 44 44 GLU GLU A . n 
A 1 48 LEU 48 45 45 LEU LEU A . n 
A 1 49 GLU 49 46 46 GLU GLU A . n 
A 1 50 MET 50 47 47 MET MET A . n 
A 1 51 ARG 51 48 48 ARG ARG A . n 
A 1 52 LEU 52 49 49 LEU LEU A . n 
A 1 53 LYS 53 50 50 LYS LYS A . n 
A 1 54 ARG 54 51 51 ARG ARG A . n 
A 1 55 ILE 55 52 52 ILE ILE A . n 
A 1 56 VAL 56 53 53 VAL VAL A . n 
A 1 57 LYS 57 54 54 LYS LYS A . n 
A 1 58 GLU 58 55 55 GLU GLU A . n 
A 1 59 ASP 59 56 56 ASP ASP A . n 
A 1 60 ASP 60 57 57 ASP ASP A . n 
A 1 61 SER 61 58 58 SER SER A . n 
A 1 62 VAL 62 59 59 VAL VAL A . n 
A 1 63 LEU 63 60 60 LEU LEU A . n 
A 1 64 ILE 64 61 61 ILE ILE A . n 
A 1 65 TYR 65 62 62 TYR TYR A . n 
A 1 66 ILE 66 63 63 ILE ILE A . n 
A 1 67 PHE 67 64 64 PHE PHE A . n 
A 1 68 PRO 68 65 65 PRO PRO A . n 
A 1 69 GLY 69 66 66 GLY GLY A . n 
A 1 70 LYS 70 67 67 LYS LYS A . n 
A 1 71 ASN 71 68 68 ASN ASN A . n 
A 1 72 PHE 72 69 69 PHE PHE A . n 
A 1 73 ASP 73 70 70 ASP ASP A . n 
A 1 74 LEU 74 71 71 LEU LEU A . n 
A 1 75 HIS 75 72 72 HIS HIS A . n 
A 1 76 VAL 76 73 73 VAL VAL A . n 
A 1 77 VAL 77 74 74 VAL VAL A . n 
A 1 78 GLY 78 75 75 GLY GLY A . n 
A 1 79 ARG 79 76 76 ARG ARG A . n 
A 1 80 ASP 80 77 77 ASP ASP A . n 
A 1 81 LYS 81 78 78 LYS LYS A . n 
A 1 82 SER 82 79 79 SER SER A . n 
A 1 83 PRO 83 80 80 PRO PRO A . n 
A 1 84 VAL 84 81 81 VAL VAL A . n 
A 1 85 GLU 85 82 82 GLU GLU A . n 
A 1 86 MET 86 83 83 MET MET A . n 
A 1 87 ILE 87 84 84 ILE ILE A . n 
A 1 88 ILE 88 85 85 ILE ILE A . n 
B 1 1  GLY 1  -2 ?  ?   ?   B . n 
B 1 2  SER 2  -1 -1 SER SER B . n 
B 1 3  HIS 3  0  0  HIS HIS B . n 
B 1 4  MET 4  1  1  MET MET B . n 
B 1 5  TYR 5  2  2  TYR TYR B . n 
B 1 6  VAL 6  3  3  VAL VAL B . n 
B 1 7  ILE 7  4  4  ILE ILE B . n 
B 1 8  VAL 8  5  5  VAL VAL B . n 
B 1 9  VAL 9  6  6  VAL VAL B . n 
B 1 10 TYR 10 7  7  TYR TYR B . n 
B 1 11 ASP 11 8  8  ASP ASP B . n 
B 1 12 VAL 12 9  9  VAL VAL B . n 
B 1 13 ASN 13 10 10 ASN ASN B . n 
B 1 14 VAL 14 11 11 VAL VAL B . n 
B 1 15 GLU 15 12 12 GLU GLU B . n 
B 1 16 ARG 16 13 13 ARG ARG B . n 
B 1 17 VAL 17 14 14 VAL VAL B . n 
B 1 18 ASN 18 15 15 ASN ASN B . n 
B 1 19 ARG 19 16 16 ARG ARG B . n 
B 1 20 VAL 20 17 17 VAL VAL B . n 
B 1 21 HIS 21 18 18 HIS HIS B . n 
B 1 22 LYS 22 19 19 LYS LYS B . n 
B 1 23 LEU 23 20 20 LEU LEU B . n 
B 1 24 LEU 24 21 21 LEU LEU B . n 
B 1 25 LYS 25 22 22 LYS LYS B . n 
B 1 26 THR 26 23 23 THR THR B . n 
B 1 27 TYR 27 24 24 TYR TYR B . n 
B 1 28 LEU 28 25 25 LEU LEU B . n 
B 1 29 PHE 29 26 26 PHE PHE B . n 
B 1 30 TRP 30 27 27 TRP TRP B . n 
B 1 31 ARG 31 28 28 ARG ARG B . n 
B 1 32 GLN 32 29 29 GLN GLN B . n 
B 1 33 ASN 33 30 30 ASN ASN B . n 
B 1 34 SER 34 31 31 SER SER B . n 
B 1 35 VAL 35 32 32 VAL VAL B . n 
B 1 36 PHE 36 33 33 PHE PHE B . n 
B 1 37 GLU 37 34 34 GLU GLU B . n 
B 1 38 GLY 38 35 35 GLY GLY B . n 
B 1 39 GLU 39 36 36 GLU GLU B . n 
B 1 40 LEU 40 37 37 LEU LEU B . n 
B 1 41 SER 41 38 38 SER SER B . n 
B 1 42 LYS 42 39 39 LYS LYS B . n 
B 1 43 ALA 43 40 40 ALA ALA B . n 
B 1 44 GLN 44 41 41 GLN GLN B . n 
B 1 45 LEU 45 42 42 LEU LEU B . n 
B 1 46 TYR 46 43 43 TYR TYR B . n 
B 1 47 GLU 47 44 44 GLU GLU B . n 
B 1 48 LEU 48 45 45 LEU LEU B . n 
B 1 49 GLU 49 46 46 GLU GLU B . n 
B 1 50 MET 50 47 47 MET MET B . n 
B 1 51 ARG 51 48 48 ARG ARG B . n 
B 1 52 LEU 52 49 49 LEU LEU B . n 
B 1 53 LYS 53 50 50 LYS LYS B . n 
B 1 54 ARG 54 51 51 ARG ARG B . n 
B 1 55 ILE 55 52 52 ILE ILE B . n 
B 1 56 VAL 56 53 53 VAL VAL B . n 
B 1 57 LYS 57 54 54 LYS LYS B . n 
B 1 58 GLU 58 55 55 GLU GLU B . n 
B 1 59 ASP 59 56 56 ASP ASP B . n 
B 1 60 ASP 60 57 57 ASP ASP B . n 
B 1 61 SER 61 58 58 SER SER B . n 
B 1 62 VAL 62 59 59 VAL VAL B . n 
B 1 63 LEU 63 60 60 LEU LEU B . n 
B 1 64 ILE 64 61 61 ILE ILE B . n 
B 1 65 TYR 65 62 62 TYR TYR B . n 
B 1 66 ILE 66 63 63 ILE ILE B . n 
B 1 67 PHE 67 64 64 PHE PHE B . n 
B 1 68 PRO 68 65 65 PRO PRO B . n 
B 1 69 GLY 69 66 66 GLY GLY B . n 
B 1 70 LYS 70 67 67 LYS LYS B . n 
B 1 71 ASN 71 68 68 ASN ASN B . n 
B 1 72 PHE 72 69 69 PHE PHE B . n 
B 1 73 ASP 73 70 70 ASP ASP B . n 
B 1 74 LEU 74 71 71 LEU LEU B . n 
B 1 75 HIS 75 72 72 HIS HIS B . n 
B 1 76 VAL 76 73 73 VAL VAL B . n 
B 1 77 VAL 77 74 74 VAL VAL B . n 
B 1 78 GLY 78 75 75 GLY GLY B . n 
B 1 79 ARG 79 76 76 ARG ARG B . n 
B 1 80 ASP 80 77 77 ASP ASP B . n 
B 1 81 LYS 81 78 78 LYS LYS B . n 
B 1 82 SER 82 79 79 SER SER B . n 
B 1 83 PRO 83 80 80 PRO PRO B . n 
B 1 84 VAL 84 81 81 VAL VAL B . n 
B 1 85 GLU 85 82 82 GLU GLU B . n 
B 1 86 MET 86 83 83 MET MET B . n 
B 1 87 ILE 87 84 84 ILE ILE B . n 
B 1 88 ILE 88 85 85 ILE ILE B . n 
# 
_pdbx_nonpoly_scheme.asym_id         C 
_pdbx_nonpoly_scheme.entity_id       2 
_pdbx_nonpoly_scheme.mon_id          HOH 
_pdbx_nonpoly_scheme.ndb_seq_num     1 
_pdbx_nonpoly_scheme.pdb_seq_num     101 
_pdbx_nonpoly_scheme.auth_seq_num    1 
_pdbx_nonpoly_scheme.pdb_mon_id      HOH 
_pdbx_nonpoly_scheme.auth_mon_id     HOH 
_pdbx_nonpoly_scheme.pdb_strand_id   B 
_pdbx_nonpoly_scheme.pdb_ins_code    . 
# 
_pdbx_struct_assembly.id                   1 
_pdbx_struct_assembly.details              author_and_software_defined_assembly 
_pdbx_struct_assembly.method_details       PISA 
_pdbx_struct_assembly.oligomeric_details   dimeric 
_pdbx_struct_assembly.oligomeric_count     2 
# 
_pdbx_struct_assembly_gen.assembly_id       1 
_pdbx_struct_assembly_gen.oper_expression   1 
_pdbx_struct_assembly_gen.asym_id_list      A,B,C 
# 
loop_
_pdbx_struct_assembly_prop.biol_id 
_pdbx_struct_assembly_prop.type 
_pdbx_struct_assembly_prop.value 
_pdbx_struct_assembly_prop.details 
1 'ABSA (A^2)' 2730  ? 
1 MORE         -20   ? 
1 'SSA (A^2)'  10950 ? 
# 
_pdbx_struct_oper_list.id                   1 
_pdbx_struct_oper_list.type                 'identity operation' 
_pdbx_struct_oper_list.name                 1_555 
_pdbx_struct_oper_list.symmetry_operation   x,y,z 
_pdbx_struct_oper_list.matrix[1][1]         1.0000000000 
_pdbx_struct_oper_list.matrix[1][2]         0.0000000000 
_pdbx_struct_oper_list.matrix[1][3]         0.0000000000 
_pdbx_struct_oper_list.vector[1]            0.0000000000 
_pdbx_struct_oper_list.matrix[2][1]         0.0000000000 
_pdbx_struct_oper_list.matrix[2][2]         1.0000000000 
_pdbx_struct_oper_list.matrix[2][3]         0.0000000000 
_pdbx_struct_oper_list.vector[2]            0.0000000000 
_pdbx_struct_oper_list.matrix[3][1]         0.0000000000 
_pdbx_struct_oper_list.matrix[3][2]         0.0000000000 
_pdbx_struct_oper_list.matrix[3][3]         1.0000000000 
_pdbx_struct_oper_list.vector[3]            0.0000000000 
# 
loop_
_pdbx_audit_revision_history.ordinal 
_pdbx_audit_revision_history.data_content_type 
_pdbx_audit_revision_history.major_revision 
_pdbx_audit_revision_history.minor_revision 
_pdbx_audit_revision_history.revision_date 
1 'Structure model' 1 0 2020-05-20 
2 'Structure model' 1 1 2023-11-22 
# 
_pdbx_audit_revision_details.ordinal             1 
_pdbx_audit_revision_details.revision_ordinal    1 
_pdbx_audit_revision_details.data_content_type   'Structure model' 
_pdbx_audit_revision_details.provider            repository 
_pdbx_audit_revision_details.type                'Initial release' 
_pdbx_audit_revision_details.description         ? 
_pdbx_audit_revision_details.details             ? 
# 
loop_
_pdbx_audit_revision_group.ordinal 
_pdbx_audit_revision_group.revision_ordinal 
_pdbx_audit_revision_group.data_content_type 
_pdbx_audit_revision_group.group 
1 2 'Structure model' 'Data collection'        
2 2 'Structure model' 'Database references'    
3 2 'Structure model' 'Refinement description' 
# 
loop_
_pdbx_audit_revision_category.ordinal 
_pdbx_audit_revision_category.revision_ordinal 
_pdbx_audit_revision_category.data_content_type 
_pdbx_audit_revision_category.category 
1 2 'Structure model' chem_comp_atom                
2 2 'Structure model' chem_comp_bond                
3 2 'Structure model' database_2                    
4 2 'Structure model' pdbx_initial_refinement_model 
# 
loop_
_pdbx_audit_revision_item.ordinal 
_pdbx_audit_revision_item.revision_ordinal 
_pdbx_audit_revision_item.data_content_type 
_pdbx_audit_revision_item.item 
1 2 'Structure model' '_database_2.pdbx_DOI'                
2 2 'Structure model' '_database_2.pdbx_database_accession' 
# 
loop_
_software.citation_id 
_software.classification 
_software.compiler_name 
_software.compiler_version 
_software.contact_author 
_software.contact_author_email 
_software.date 
_software.description 
_software.dependencies 
_software.hardware 
_software.language 
_software.location 
_software.mods 
_software.name 
_software.os 
_software.os_version 
_software.type 
_software.version 
_software.pdbx_ordinal 
? refinement       ? ? ? ? ? ? ? ? ? ? ? PHENIX   ? ? ? 1.14_3260 1 
? 'data reduction' ? ? ? ? ? ? ? ? ? ? ? HKL-2000 ? ? ? .         2 
? 'data scaling'   ? ? ? ? ? ? ? ? ? ? ? HKL-2000 ? ? ? .         3 
? phasing          ? ? ? ? ? ? ? ? ? ? ? PHENIX   ? ? ? 1.14_3260 4 
# 
loop_
_pdbx_validate_torsion.id 
_pdbx_validate_torsion.PDB_model_num 
_pdbx_validate_torsion.auth_comp_id 
_pdbx_validate_torsion.auth_asym_id 
_pdbx_validate_torsion.auth_seq_id 
_pdbx_validate_torsion.PDB_ins_code 
_pdbx_validate_torsion.label_alt_id 
_pdbx_validate_torsion.phi 
_pdbx_validate_torsion.psi 
1 1 GLU A 55 ? ? 64.41   63.65   
2 1 ASN A 68 ? ? -103.04 76.13   
3 1 GLN B 29 ? ? -165.06 -158.74 
4 1 ASN B 30 ? ? -27.66  -61.35  
5 1 GLU B 55 ? ? 64.38   63.23   
6 1 ASN B 68 ? ? -102.03 68.52   
# 
loop_
_pdbx_validate_peptide_omega.id 
_pdbx_validate_peptide_omega.PDB_model_num 
_pdbx_validate_peptide_omega.auth_comp_id_1 
_pdbx_validate_peptide_omega.auth_asym_id_1 
_pdbx_validate_peptide_omega.auth_seq_id_1 
_pdbx_validate_peptide_omega.PDB_ins_code_1 
_pdbx_validate_peptide_omega.label_alt_id_1 
_pdbx_validate_peptide_omega.auth_comp_id_2 
_pdbx_validate_peptide_omega.auth_asym_id_2 
_pdbx_validate_peptide_omega.auth_seq_id_2 
_pdbx_validate_peptide_omega.PDB_ins_code_2 
_pdbx_validate_peptide_omega.label_alt_id_2 
_pdbx_validate_peptide_omega.omega 
1 1 LYS A 54 ? ? GLU A 55 ? ? 146.40  
2 1 GLN B 29 ? ? ASN B 30 ? ? -138.28 
# 
_pdbx_unobs_or_zero_occ_residues.id               1 
_pdbx_unobs_or_zero_occ_residues.PDB_model_num    1 
_pdbx_unobs_or_zero_occ_residues.polymer_flag     Y 
_pdbx_unobs_or_zero_occ_residues.occupancy_flag   1 
_pdbx_unobs_or_zero_occ_residues.auth_asym_id     B 
_pdbx_unobs_or_zero_occ_residues.auth_comp_id     GLY 
_pdbx_unobs_or_zero_occ_residues.auth_seq_id      -2 
_pdbx_unobs_or_zero_occ_residues.PDB_ins_code     ? 
_pdbx_unobs_or_zero_occ_residues.label_asym_id    B 
_pdbx_unobs_or_zero_occ_residues.label_comp_id    GLY 
_pdbx_unobs_or_zero_occ_residues.label_seq_id     1 
# 
loop_
_chem_comp_atom.comp_id 
_chem_comp_atom.atom_id 
_chem_comp_atom.type_symbol 
_chem_comp_atom.pdbx_aromatic_flag 
_chem_comp_atom.pdbx_stereo_config 
_chem_comp_atom.pdbx_ordinal 
ALA N    N N N 1   
ALA CA   C N S 2   
ALA C    C N N 3   
ALA O    O N N 4   
ALA CB   C N N 5   
ALA OXT  O N N 6   
ALA H    H N N 7   
ALA H2   H N N 8   
ALA HA   H N N 9   
ALA HB1  H N N 10  
ALA HB2  H N N 11  
ALA HB3  H N N 12  
ALA HXT  H N N 13  
ARG N    N N N 14  
ARG CA   C N S 15  
ARG C    C N N 16  
ARG O    O N N 17  
ARG CB   C N N 18  
ARG CG   C N N 19  
ARG CD   C N N 20  
ARG NE   N N N 21  
ARG CZ   C N N 22  
ARG NH1  N N N 23  
ARG NH2  N N N 24  
ARG OXT  O N N 25  
ARG H    H N N 26  
ARG H2   H N N 27  
ARG HA   H N N 28  
ARG HB2  H N N 29  
ARG HB3  H N N 30  
ARG HG2  H N N 31  
ARG HG3  H N N 32  
ARG HD2  H N N 33  
ARG HD3  H N N 34  
ARG HE   H N N 35  
ARG HH11 H N N 36  
ARG HH12 H N N 37  
ARG HH21 H N N 38  
ARG HH22 H N N 39  
ARG HXT  H N N 40  
ASN N    N N N 41  
ASN CA   C N S 42  
ASN C    C N N 43  
ASN O    O N N 44  
ASN CB   C N N 45  
ASN CG   C N N 46  
ASN OD1  O N N 47  
ASN ND2  N N N 48  
ASN OXT  O N N 49  
ASN H    H N N 50  
ASN H2   H N N 51  
ASN HA   H N N 52  
ASN HB2  H N N 53  
ASN HB3  H N N 54  
ASN HD21 H N N 55  
ASN HD22 H N N 56  
ASN HXT  H N N 57  
ASP N    N N N 58  
ASP CA   C N S 59  
ASP C    C N N 60  
ASP O    O N N 61  
ASP CB   C N N 62  
ASP CG   C N N 63  
ASP OD1  O N N 64  
ASP OD2  O N N 65  
ASP OXT  O N N 66  
ASP H    H N N 67  
ASP H2   H N N 68  
ASP HA   H N N 69  
ASP HB2  H N N 70  
ASP HB3  H N N 71  
ASP HD2  H N N 72  
ASP HXT  H N N 73  
GLN N    N N N 74  
GLN CA   C N S 75  
GLN C    C N N 76  
GLN O    O N N 77  
GLN CB   C N N 78  
GLN CG   C N N 79  
GLN CD   C N N 80  
GLN OE1  O N N 81  
GLN NE2  N N N 82  
GLN OXT  O N N 83  
GLN H    H N N 84  
GLN H2   H N N 85  
GLN HA   H N N 86  
GLN HB2  H N N 87  
GLN HB3  H N N 88  
GLN HG2  H N N 89  
GLN HG3  H N N 90  
GLN HE21 H N N 91  
GLN HE22 H N N 92  
GLN HXT  H N N 93  
GLU N    N N N 94  
GLU CA   C N S 95  
GLU C    C N N 96  
GLU O    O N N 97  
GLU CB   C N N 98  
GLU CG   C N N 99  
GLU CD   C N N 100 
GLU OE1  O N N 101 
GLU OE2  O N N 102 
GLU OXT  O N N 103 
GLU H    H N N 104 
GLU H2   H N N 105 
GLU HA   H N N 106 
GLU HB2  H N N 107 
GLU HB3  H N N 108 
GLU HG2  H N N 109 
GLU HG3  H N N 110 
GLU HE2  H N N 111 
GLU HXT  H N N 112 
GLY N    N N N 113 
GLY CA   C N N 114 
GLY C    C N N 115 
GLY O    O N N 116 
GLY OXT  O N N 117 
GLY H    H N N 118 
GLY H2   H N N 119 
GLY HA2  H N N 120 
GLY HA3  H N N 121 
GLY HXT  H N N 122 
HIS N    N N N 123 
HIS CA   C N S 124 
HIS C    C N N 125 
HIS O    O N N 126 
HIS CB   C N N 127 
HIS CG   C Y N 128 
HIS ND1  N Y N 129 
HIS CD2  C Y N 130 
HIS CE1  C Y N 131 
HIS NE2  N Y N 132 
HIS OXT  O N N 133 
HIS H    H N N 134 
HIS H2   H N N 135 
HIS HA   H N N 136 
HIS HB2  H N N 137 
HIS HB3  H N N 138 
HIS HD1  H N N 139 
HIS HD2  H N N 140 
HIS HE1  H N N 141 
HIS HE2  H N N 142 
HIS HXT  H N N 143 
HOH O    O N N 144 
HOH H1   H N N 145 
HOH H2   H N N 146 
ILE N    N N N 147 
ILE CA   C N S 148 
ILE C    C N N 149 
ILE O    O N N 150 
ILE CB   C N S 151 
ILE CG1  C N N 152 
ILE CG2  C N N 153 
ILE CD1  C N N 154 
ILE OXT  O N N 155 
ILE H    H N N 156 
ILE H2   H N N 157 
ILE HA   H N N 158 
ILE HB   H N N 159 
ILE HG12 H N N 160 
ILE HG13 H N N 161 
ILE HG21 H N N 162 
ILE HG22 H N N 163 
ILE HG23 H N N 164 
ILE HD11 H N N 165 
ILE HD12 H N N 166 
ILE HD13 H N N 167 
ILE HXT  H N N 168 
LEU N    N N N 169 
LEU CA   C N S 170 
LEU C    C N N 171 
LEU O    O N N 172 
LEU CB   C N N 173 
LEU CG   C N N 174 
LEU CD1  C N N 175 
LEU CD2  C N N 176 
LEU OXT  O N N 177 
LEU H    H N N 178 
LEU H2   H N N 179 
LEU HA   H N N 180 
LEU HB2  H N N 181 
LEU HB3  H N N 182 
LEU HG   H N N 183 
LEU HD11 H N N 184 
LEU HD12 H N N 185 
LEU HD13 H N N 186 
LEU HD21 H N N 187 
LEU HD22 H N N 188 
LEU HD23 H N N 189 
LEU HXT  H N N 190 
LYS N    N N N 191 
LYS CA   C N S 192 
LYS C    C N N 193 
LYS O    O N N 194 
LYS CB   C N N 195 
LYS CG   C N N 196 
LYS CD   C N N 197 
LYS CE   C N N 198 
LYS NZ   N N N 199 
LYS OXT  O N N 200 
LYS H    H N N 201 
LYS H2   H N N 202 
LYS HA   H N N 203 
LYS HB2  H N N 204 
LYS HB3  H N N 205 
LYS HG2  H N N 206 
LYS HG3  H N N 207 
LYS HD2  H N N 208 
LYS HD3  H N N 209 
LYS HE2  H N N 210 
LYS HE3  H N N 211 
LYS HZ1  H N N 212 
LYS HZ2  H N N 213 
LYS HZ3  H N N 214 
LYS HXT  H N N 215 
MET N    N N N 216 
MET CA   C N S 217 
MET C    C N N 218 
MET O    O N N 219 
MET CB   C N N 220 
MET CG   C N N 221 
MET SD   S N N 222 
MET CE   C N N 223 
MET OXT  O N N 224 
MET H    H N N 225 
MET H2   H N N 226 
MET HA   H N N 227 
MET HB2  H N N 228 
MET HB3  H N N 229 
MET HG2  H N N 230 
MET HG3  H N N 231 
MET HE1  H N N 232 
MET HE2  H N N 233 
MET HE3  H N N 234 
MET HXT  H N N 235 
PHE N    N N N 236 
PHE CA   C N S 237 
PHE C    C N N 238 
PHE O    O N N 239 
PHE CB   C N N 240 
PHE CG   C Y N 241 
PHE CD1  C Y N 242 
PHE CD2  C Y N 243 
PHE CE1  C Y N 244 
PHE CE2  C Y N 245 
PHE CZ   C Y N 246 
PHE OXT  O N N 247 
PHE H    H N N 248 
PHE H2   H N N 249 
PHE HA   H N N 250 
PHE HB2  H N N 251 
PHE HB3  H N N 252 
PHE HD1  H N N 253 
PHE HD2  H N N 254 
PHE HE1  H N N 255 
PHE HE2  H N N 256 
PHE HZ   H N N 257 
PHE HXT  H N N 258 
PRO N    N N N 259 
PRO CA   C N S 260 
PRO C    C N N 261 
PRO O    O N N 262 
PRO CB   C N N 263 
PRO CG   C N N 264 
PRO CD   C N N 265 
PRO OXT  O N N 266 
PRO H    H N N 267 
PRO HA   H N N 268 
PRO HB2  H N N 269 
PRO HB3  H N N 270 
PRO HG2  H N N 271 
PRO HG3  H N N 272 
PRO HD2  H N N 273 
PRO HD3  H N N 274 
PRO HXT  H N N 275 
SER N    N N N 276 
SER CA   C N S 277 
SER C    C N N 278 
SER O    O N N 279 
SER CB   C N N 280 
SER OG   O N N 281 
SER OXT  O N N 282 
SER H    H N N 283 
SER H2   H N N 284 
SER HA   H N N 285 
SER HB2  H N N 286 
SER HB3  H N N 287 
SER HG   H N N 288 
SER HXT  H N N 289 
THR N    N N N 290 
THR CA   C N S 291 
THR C    C N N 292 
THR O    O N N 293 
THR CB   C N R 294 
THR OG1  O N N 295 
THR CG2  C N N 296 
THR OXT  O N N 297 
THR H    H N N 298 
THR H2   H N N 299 
THR HA   H N N 300 
THR HB   H N N 301 
THR HG1  H N N 302 
THR HG21 H N N 303 
THR HG22 H N N 304 
THR HG23 H N N 305 
THR HXT  H N N 306 
TRP N    N N N 307 
TRP CA   C N S 308 
TRP C    C N N 309 
TRP O    O N N 310 
TRP CB   C N N 311 
TRP CG   C Y N 312 
TRP CD1  C Y N 313 
TRP CD2  C Y N 314 
TRP NE1  N Y N 315 
TRP CE2  C Y N 316 
TRP CE3  C Y N 317 
TRP CZ2  C Y N 318 
TRP CZ3  C Y N 319 
TRP CH2  C Y N 320 
TRP OXT  O N N 321 
TRP H    H N N 322 
TRP H2   H N N 323 
TRP HA   H N N 324 
TRP HB2  H N N 325 
TRP HB3  H N N 326 
TRP HD1  H N N 327 
TRP HE1  H N N 328 
TRP HE3  H N N 329 
TRP HZ2  H N N 330 
TRP HZ3  H N N 331 
TRP HH2  H N N 332 
TRP HXT  H N N 333 
TYR N    N N N 334 
TYR CA   C N S 335 
TYR C    C N N 336 
TYR O    O N N 337 
TYR CB   C N N 338 
TYR CG   C Y N 339 
TYR CD1  C Y N 340 
TYR CD2  C Y N 341 
TYR CE1  C Y N 342 
TYR CE2  C Y N 343 
TYR CZ   C Y N 344 
TYR OH   O N N 345 
TYR OXT  O N N 346 
TYR H    H N N 347 
TYR H2   H N N 348 
TYR HA   H N N 349 
TYR HB2  H N N 350 
TYR HB3  H N N 351 
TYR HD1  H N N 352 
TYR HD2  H N N 353 
TYR HE1  H N N 354 
TYR HE2  H N N 355 
TYR HH   H N N 356 
TYR HXT  H N N 357 
VAL N    N N N 358 
VAL CA   C N S 359 
VAL C    C N N 360 
VAL O    O N N 361 
VAL CB   C N N 362 
VAL CG1  C N N 363 
VAL CG2  C N N 364 
VAL OXT  O N N 365 
VAL H    H N N 366 
VAL H2   H N N 367 
VAL HA   H N N 368 
VAL HB   H N N 369 
VAL HG11 H N N 370 
VAL HG12 H N N 371 
VAL HG13 H N N 372 
VAL HG21 H N N 373 
VAL HG22 H N N 374 
VAL HG23 H N N 375 
VAL HXT  H N N 376 
# 
loop_
_chem_comp_bond.comp_id 
_chem_comp_bond.atom_id_1 
_chem_comp_bond.atom_id_2 
_chem_comp_bond.value_order 
_chem_comp_bond.pdbx_aromatic_flag 
_chem_comp_bond.pdbx_stereo_config 
_chem_comp_bond.pdbx_ordinal 
ALA N   CA   sing N N 1   
ALA N   H    sing N N 2   
ALA N   H2   sing N N 3   
ALA CA  C    sing N N 4   
ALA CA  CB   sing N N 5   
ALA CA  HA   sing N N 6   
ALA C   O    doub N N 7   
ALA C   OXT  sing N N 8   
ALA CB  HB1  sing N N 9   
ALA CB  HB2  sing N N 10  
ALA CB  HB3  sing N N 11  
ALA OXT HXT  sing N N 12  
ARG N   CA   sing N N 13  
ARG N   H    sing N N 14  
ARG N   H2   sing N N 15  
ARG CA  C    sing N N 16  
ARG CA  CB   sing N N 17  
ARG CA  HA   sing N N 18  
ARG C   O    doub N N 19  
ARG C   OXT  sing N N 20  
ARG CB  CG   sing N N 21  
ARG CB  HB2  sing N N 22  
ARG CB  HB3  sing N N 23  
ARG CG  CD   sing N N 24  
ARG CG  HG2  sing N N 25  
ARG CG  HG3  sing N N 26  
ARG CD  NE   sing N N 27  
ARG CD  HD2  sing N N 28  
ARG CD  HD3  sing N N 29  
ARG NE  CZ   sing N N 30  
ARG NE  HE   sing N N 31  
ARG CZ  NH1  sing N N 32  
ARG CZ  NH2  doub N N 33  
ARG NH1 HH11 sing N N 34  
ARG NH1 HH12 sing N N 35  
ARG NH2 HH21 sing N N 36  
ARG NH2 HH22 sing N N 37  
ARG OXT HXT  sing N N 38  
ASN N   CA   sing N N 39  
ASN N   H    sing N N 40  
ASN N   H2   sing N N 41  
ASN CA  C    sing N N 42  
ASN CA  CB   sing N N 43  
ASN CA  HA   sing N N 44  
ASN C   O    doub N N 45  
ASN C   OXT  sing N N 46  
ASN CB  CG   sing N N 47  
ASN CB  HB2  sing N N 48  
ASN CB  HB3  sing N N 49  
ASN CG  OD1  doub N N 50  
ASN CG  ND2  sing N N 51  
ASN ND2 HD21 sing N N 52  
ASN ND2 HD22 sing N N 53  
ASN OXT HXT  sing N N 54  
ASP N   CA   sing N N 55  
ASP N   H    sing N N 56  
ASP N   H2   sing N N 57  
ASP CA  C    sing N N 58  
ASP CA  CB   sing N N 59  
ASP CA  HA   sing N N 60  
ASP C   O    doub N N 61  
ASP C   OXT  sing N N 62  
ASP CB  CG   sing N N 63  
ASP CB  HB2  sing N N 64  
ASP CB  HB3  sing N N 65  
ASP CG  OD1  doub N N 66  
ASP CG  OD2  sing N N 67  
ASP OD2 HD2  sing N N 68  
ASP OXT HXT  sing N N 69  
GLN N   CA   sing N N 70  
GLN N   H    sing N N 71  
GLN N   H2   sing N N 72  
GLN CA  C    sing N N 73  
GLN CA  CB   sing N N 74  
GLN CA  HA   sing N N 75  
GLN C   O    doub N N 76  
GLN C   OXT  sing N N 77  
GLN CB  CG   sing N N 78  
GLN CB  HB2  sing N N 79  
GLN CB  HB3  sing N N 80  
GLN CG  CD   sing N N 81  
GLN CG  HG2  sing N N 82  
GLN CG  HG3  sing N N 83  
GLN CD  OE1  doub N N 84  
GLN CD  NE2  sing N N 85  
GLN NE2 HE21 sing N N 86  
GLN NE2 HE22 sing N N 87  
GLN OXT HXT  sing N N 88  
GLU N   CA   sing N N 89  
GLU N   H    sing N N 90  
GLU N   H2   sing N N 91  
GLU CA  C    sing N N 92  
GLU CA  CB   sing N N 93  
GLU CA  HA   sing N N 94  
GLU C   O    doub N N 95  
GLU C   OXT  sing N N 96  
GLU CB  CG   sing N N 97  
GLU CB  HB2  sing N N 98  
GLU CB  HB3  sing N N 99  
GLU CG  CD   sing N N 100 
GLU CG  HG2  sing N N 101 
GLU CG  HG3  sing N N 102 
GLU CD  OE1  doub N N 103 
GLU CD  OE2  sing N N 104 
GLU OE2 HE2  sing N N 105 
GLU OXT HXT  sing N N 106 
GLY N   CA   sing N N 107 
GLY N   H    sing N N 108 
GLY N   H2   sing N N 109 
GLY CA  C    sing N N 110 
GLY CA  HA2  sing N N 111 
GLY CA  HA3  sing N N 112 
GLY C   O    doub N N 113 
GLY C   OXT  sing N N 114 
GLY OXT HXT  sing N N 115 
HIS N   CA   sing N N 116 
HIS N   H    sing N N 117 
HIS N   H2   sing N N 118 
HIS CA  C    sing N N 119 
HIS CA  CB   sing N N 120 
HIS CA  HA   sing N N 121 
HIS C   O    doub N N 122 
HIS C   OXT  sing N N 123 
HIS CB  CG   sing N N 124 
HIS CB  HB2  sing N N 125 
HIS CB  HB3  sing N N 126 
HIS CG  ND1  sing Y N 127 
HIS CG  CD2  doub Y N 128 
HIS ND1 CE1  doub Y N 129 
HIS ND1 HD1  sing N N 130 
HIS CD2 NE2  sing Y N 131 
HIS CD2 HD2  sing N N 132 
HIS CE1 NE2  sing Y N 133 
HIS CE1 HE1  sing N N 134 
HIS NE2 HE2  sing N N 135 
HIS OXT HXT  sing N N 136 
HOH O   H1   sing N N 137 
HOH O   H2   sing N N 138 
ILE N   CA   sing N N 139 
ILE N   H    sing N N 140 
ILE N   H2   sing N N 141 
ILE CA  C    sing N N 142 
ILE CA  CB   sing N N 143 
ILE CA  HA   sing N N 144 
ILE C   O    doub N N 145 
ILE C   OXT  sing N N 146 
ILE CB  CG1  sing N N 147 
ILE CB  CG2  sing N N 148 
ILE CB  HB   sing N N 149 
ILE CG1 CD1  sing N N 150 
ILE CG1 HG12 sing N N 151 
ILE CG1 HG13 sing N N 152 
ILE CG2 HG21 sing N N 153 
ILE CG2 HG22 sing N N 154 
ILE CG2 HG23 sing N N 155 
ILE CD1 HD11 sing N N 156 
ILE CD1 HD12 sing N N 157 
ILE CD1 HD13 sing N N 158 
ILE OXT HXT  sing N N 159 
LEU N   CA   sing N N 160 
LEU N   H    sing N N 161 
LEU N   H2   sing N N 162 
LEU CA  C    sing N N 163 
LEU CA  CB   sing N N 164 
LEU CA  HA   sing N N 165 
LEU C   O    doub N N 166 
LEU C   OXT  sing N N 167 
LEU CB  CG   sing N N 168 
LEU CB  HB2  sing N N 169 
LEU CB  HB3  sing N N 170 
LEU CG  CD1  sing N N 171 
LEU CG  CD2  sing N N 172 
LEU CG  HG   sing N N 173 
LEU CD1 HD11 sing N N 174 
LEU CD1 HD12 sing N N 175 
LEU CD1 HD13 sing N N 176 
LEU CD2 HD21 sing N N 177 
LEU CD2 HD22 sing N N 178 
LEU CD2 HD23 sing N N 179 
LEU OXT HXT  sing N N 180 
LYS N   CA   sing N N 181 
LYS N   H    sing N N 182 
LYS N   H2   sing N N 183 
LYS CA  C    sing N N 184 
LYS CA  CB   sing N N 185 
LYS CA  HA   sing N N 186 
LYS C   O    doub N N 187 
LYS C   OXT  sing N N 188 
LYS CB  CG   sing N N 189 
LYS CB  HB2  sing N N 190 
LYS CB  HB3  sing N N 191 
LYS CG  CD   sing N N 192 
LYS CG  HG2  sing N N 193 
LYS CG  HG3  sing N N 194 
LYS CD  CE   sing N N 195 
LYS CD  HD2  sing N N 196 
LYS CD  HD3  sing N N 197 
LYS CE  NZ   sing N N 198 
LYS CE  HE2  sing N N 199 
LYS CE  HE3  sing N N 200 
LYS NZ  HZ1  sing N N 201 
LYS NZ  HZ2  sing N N 202 
LYS NZ  HZ3  sing N N 203 
LYS OXT HXT  sing N N 204 
MET N   CA   sing N N 205 
MET N   H    sing N N 206 
MET N   H2   sing N N 207 
MET CA  C    sing N N 208 
MET CA  CB   sing N N 209 
MET CA  HA   sing N N 210 
MET C   O    doub N N 211 
MET C   OXT  sing N N 212 
MET CB  CG   sing N N 213 
MET CB  HB2  sing N N 214 
MET CB  HB3  sing N N 215 
MET CG  SD   sing N N 216 
MET CG  HG2  sing N N 217 
MET CG  HG3  sing N N 218 
MET SD  CE   sing N N 219 
MET CE  HE1  sing N N 220 
MET CE  HE2  sing N N 221 
MET CE  HE3  sing N N 222 
MET OXT HXT  sing N N 223 
PHE N   CA   sing N N 224 
PHE N   H    sing N N 225 
PHE N   H2   sing N N 226 
PHE CA  C    sing N N 227 
PHE CA  CB   sing N N 228 
PHE CA  HA   sing N N 229 
PHE C   O    doub N N 230 
PHE C   OXT  sing N N 231 
PHE CB  CG   sing N N 232 
PHE CB  HB2  sing N N 233 
PHE CB  HB3  sing N N 234 
PHE CG  CD1  doub Y N 235 
PHE CG  CD2  sing Y N 236 
PHE CD1 CE1  sing Y N 237 
PHE CD1 HD1  sing N N 238 
PHE CD2 CE2  doub Y N 239 
PHE CD2 HD2  sing N N 240 
PHE CE1 CZ   doub Y N 241 
PHE CE1 HE1  sing N N 242 
PHE CE2 CZ   sing Y N 243 
PHE CE2 HE2  sing N N 244 
PHE CZ  HZ   sing N N 245 
PHE OXT HXT  sing N N 246 
PRO N   CA   sing N N 247 
PRO N   CD   sing N N 248 
PRO N   H    sing N N 249 
PRO CA  C    sing N N 250 
PRO CA  CB   sing N N 251 
PRO CA  HA   sing N N 252 
PRO C   O    doub N N 253 
PRO C   OXT  sing N N 254 
PRO CB  CG   sing N N 255 
PRO CB  HB2  sing N N 256 
PRO CB  HB3  sing N N 257 
PRO CG  CD   sing N N 258 
PRO CG  HG2  sing N N 259 
PRO CG  HG3  sing N N 260 
PRO CD  HD2  sing N N 261 
PRO CD  HD3  sing N N 262 
PRO OXT HXT  sing N N 263 
SER N   CA   sing N N 264 
SER N   H    sing N N 265 
SER N   H2   sing N N 266 
SER CA  C    sing N N 267 
SER CA  CB   sing N N 268 
SER CA  HA   sing N N 269 
SER C   O    doub N N 270 
SER C   OXT  sing N N 271 
SER CB  OG   sing N N 272 
SER CB  HB2  sing N N 273 
SER CB  HB3  sing N N 274 
SER OG  HG   sing N N 275 
SER OXT HXT  sing N N 276 
THR N   CA   sing N N 277 
THR N   H    sing N N 278 
THR N   H2   sing N N 279 
THR CA  C    sing N N 280 
THR CA  CB   sing N N 281 
THR CA  HA   sing N N 282 
THR C   O    doub N N 283 
THR C   OXT  sing N N 284 
THR CB  OG1  sing N N 285 
THR CB  CG2  sing N N 286 
THR CB  HB   sing N N 287 
THR OG1 HG1  sing N N 288 
THR CG2 HG21 sing N N 289 
THR CG2 HG22 sing N N 290 
THR CG2 HG23 sing N N 291 
THR OXT HXT  sing N N 292 
TRP N   CA   sing N N 293 
TRP N   H    sing N N 294 
TRP N   H2   sing N N 295 
TRP CA  C    sing N N 296 
TRP CA  CB   sing N N 297 
TRP CA  HA   sing N N 298 
TRP C   O    doub N N 299 
TRP C   OXT  sing N N 300 
TRP CB  CG   sing N N 301 
TRP CB  HB2  sing N N 302 
TRP CB  HB3  sing N N 303 
TRP CG  CD1  doub Y N 304 
TRP CG  CD2  sing Y N 305 
TRP CD1 NE1  sing Y N 306 
TRP CD1 HD1  sing N N 307 
TRP CD2 CE2  doub Y N 308 
TRP CD2 CE3  sing Y N 309 
TRP NE1 CE2  sing Y N 310 
TRP NE1 HE1  sing N N 311 
TRP CE2 CZ2  sing Y N 312 
TRP CE3 CZ3  doub Y N 313 
TRP CE3 HE3  sing N N 314 
TRP CZ2 CH2  doub Y N 315 
TRP CZ2 HZ2  sing N N 316 
TRP CZ3 CH2  sing Y N 317 
TRP CZ3 HZ3  sing N N 318 
TRP CH2 HH2  sing N N 319 
TRP OXT HXT  sing N N 320 
TYR N   CA   sing N N 321 
TYR N   H    sing N N 322 
TYR N   H2   sing N N 323 
TYR CA  C    sing N N 324 
TYR CA  CB   sing N N 325 
TYR CA  HA   sing N N 326 
TYR C   O    doub N N 327 
TYR C   OXT  sing N N 328 
TYR CB  CG   sing N N 329 
TYR CB  HB2  sing N N 330 
TYR CB  HB3  sing N N 331 
TYR CG  CD1  doub Y N 332 
TYR CG  CD2  sing Y N 333 
TYR CD1 CE1  sing Y N 334 
TYR CD1 HD1  sing N N 335 
TYR CD2 CE2  doub Y N 336 
TYR CD2 HD2  sing N N 337 
TYR CE1 CZ   doub Y N 338 
TYR CE1 HE1  sing N N 339 
TYR CE2 CZ   sing Y N 340 
TYR CE2 HE2  sing N N 341 
TYR CZ  OH   sing N N 342 
TYR OH  HH   sing N N 343 
TYR OXT HXT  sing N N 344 
VAL N   CA   sing N N 345 
VAL N   H    sing N N 346 
VAL N   H2   sing N N 347 
VAL CA  C    sing N N 348 
VAL CA  CB   sing N N 349 
VAL CA  HA   sing N N 350 
VAL C   O    doub N N 351 
VAL C   OXT  sing N N 352 
VAL CB  CG1  sing N N 353 
VAL CB  CG2  sing N N 354 
VAL CB  HB   sing N N 355 
VAL CG1 HG11 sing N N 356 
VAL CG1 HG12 sing N N 357 
VAL CG1 HG13 sing N N 358 
VAL CG2 HG21 sing N N 359 
VAL CG2 HG22 sing N N 360 
VAL CG2 HG23 sing N N 361 
VAL OXT HXT  sing N N 362 
# 
_pdbx_entity_nonpoly.entity_id   2 
_pdbx_entity_nonpoly.name        water 
_pdbx_entity_nonpoly.comp_id     HOH 
# 
_pdbx_initial_refinement_model.id               1 
_pdbx_initial_refinement_model.entity_id_list   ? 
_pdbx_initial_refinement_model.type             'experimental model' 
_pdbx_initial_refinement_model.source_name      PDB 
_pdbx_initial_refinement_model.accession_code   5G4D 
_pdbx_initial_refinement_model.details          ? 
# 
_pdbx_struct_assembly_auth_evidence.id                     1 
_pdbx_struct_assembly_auth_evidence.assembly_id            1 
_pdbx_struct_assembly_auth_evidence.experimental_support   'gel filtration' 
_pdbx_struct_assembly_auth_evidence.details                ? 
# 
